data_2K9P
#
_entry.id   2K9P
#
_entity_poly.entity_id   1
_entity_poly.type   'polypeptide(L)'
_entity_poly.pdbx_seq_one_letter_code
;GNGSTITFDELQGLVNSTVTQAILFGVRSGAAALTLIVVWITSRSRKTPIFIINQVSLFLIILHSALYFKYLLSNYSSVT
;
_entity_poly.pdbx_strand_id   A
#
# COMPACT_ATOMS: atom_id res chain seq x y z
N GLY A 1 12.18 -19.43 -9.55
CA GLY A 1 12.68 -18.63 -8.41
C GLY A 1 13.89 -19.30 -7.79
N ASN A 2 15.00 -19.29 -8.53
CA ASN A 2 16.30 -19.79 -8.07
C ASN A 2 17.26 -18.61 -7.81
N GLY A 3 18.51 -18.94 -7.43
CA GLY A 3 19.57 -17.97 -7.24
C GLY A 3 19.89 -17.19 -8.52
N SER A 4 20.55 -16.04 -8.33
CA SER A 4 20.86 -15.08 -9.38
C SER A 4 22.23 -14.43 -9.12
N THR A 5 23.21 -14.74 -9.97
CA THR A 5 24.58 -14.20 -9.94
C THR A 5 24.75 -12.94 -10.79
N ILE A 6 23.64 -12.31 -11.21
CA ILE A 6 23.64 -11.11 -12.03
C ILE A 6 24.04 -9.90 -11.19
N THR A 7 24.52 -8.83 -11.85
CA THR A 7 24.82 -7.54 -11.25
C THR A 7 23.62 -6.94 -10.51
N PHE A 8 23.91 -6.01 -9.59
CA PHE A 8 22.91 -5.29 -8.80
C PHE A 8 21.91 -4.50 -9.66
N ASP A 9 22.23 -4.25 -10.94
CA ASP A 9 21.40 -3.60 -11.95
C ASP A 9 19.97 -4.16 -11.98
N GLU A 10 19.80 -5.49 -11.83
CA GLU A 10 18.49 -6.14 -11.80
C GLU A 10 17.64 -5.60 -10.65
N LEU A 11 18.23 -5.58 -9.45
CA LEU A 11 17.64 -5.00 -8.25
C LEU A 11 17.38 -3.52 -8.46
N GLN A 12 18.33 -2.76 -9.04
CA GLN A 12 18.11 -1.35 -9.36
C GLN A 12 16.93 -1.13 -10.31
N GLY A 13 16.70 -2.03 -11.27
CA GLY A 13 15.54 -2.00 -12.15
C GLY A 13 14.24 -2.30 -11.41
N LEU A 14 14.13 -3.49 -10.79
CA LEU A 14 12.91 -3.84 -10.06
C LEU A 14 12.61 -2.87 -8.90
N VAL A 15 13.63 -2.33 -8.21
CA VAL A 15 13.43 -1.37 -7.12
C VAL A 15 13.02 0.03 -7.63
N ASN A 16 13.43 0.39 -8.85
CA ASN A 16 13.12 1.69 -9.46
C ASN A 16 12.00 1.62 -10.52
N SER A 17 11.37 0.45 -10.70
CA SER A 17 10.28 0.23 -11.66
C SER A 17 9.12 -0.59 -11.07
N THR A 18 9.41 -1.69 -10.38
CA THR A 18 8.39 -2.54 -9.73
C THR A 18 8.03 -1.98 -8.34
N VAL A 19 9.03 -1.71 -7.49
CA VAL A 19 8.84 -1.11 -6.17
C VAL A 19 8.41 0.34 -6.26
N THR A 20 9.02 1.17 -7.13
CA THR A 20 8.63 2.60 -7.28
C THR A 20 7.11 2.74 -7.42
N GLN A 21 6.48 1.83 -8.20
CA GLN A 21 5.03 1.80 -8.40
C GLN A 21 4.28 1.47 -7.12
N ALA A 22 4.78 0.54 -6.30
CA ALA A 22 4.18 0.12 -5.03
C ALA A 22 3.98 1.29 -4.07
N ILE A 23 5.01 2.14 -3.92
CA ILE A 23 4.94 3.37 -3.11
C ILE A 23 3.83 4.28 -3.63
N LEU A 24 3.91 4.65 -4.92
CA LEU A 24 2.95 5.56 -5.56
C LEU A 24 1.52 5.04 -5.42
N PHE A 25 1.30 3.76 -5.76
CA PHE A 25 0.02 3.06 -5.66
C PHE A 25 -0.54 3.11 -4.23
N GLY A 26 0.28 2.72 -3.25
CA GLY A 26 -0.07 2.81 -1.83
C GLY A 26 -0.52 4.21 -1.40
N VAL A 27 0.22 5.25 -1.82
CA VAL A 27 -0.08 6.65 -1.50
C VAL A 27 -1.46 7.05 -2.05
N ARG A 28 -1.63 7.03 -3.39
CA ARG A 28 -2.89 7.42 -4.04
C ARG A 28 -4.08 6.60 -3.49
N SER A 29 -3.88 5.29 -3.29
CA SER A 29 -4.90 4.38 -2.78
C SER A 29 -5.32 4.70 -1.34
N GLY A 30 -4.34 4.85 -0.43
CA GLY A 30 -4.61 5.23 0.96
C GLY A 30 -5.29 6.59 1.08
N ALA A 31 -4.83 7.58 0.32
CA ALA A 31 -5.45 8.90 0.24
C ALA A 31 -6.91 8.81 -0.26
N ALA A 32 -7.15 8.10 -1.38
CA ALA A 32 -8.49 7.87 -1.91
C ALA A 32 -9.42 7.18 -0.89
N ALA A 33 -8.92 6.18 -0.15
CA ALA A 33 -9.65 5.58 0.96
C ALA A 33 -10.03 6.63 2.03
N LEU A 34 -9.06 7.42 2.52
CA LEU A 34 -9.32 8.45 3.54
C LEU A 34 -10.42 9.44 3.12
N THR A 35 -10.30 10.04 1.92
CA THR A 35 -11.33 10.99 1.44
C THR A 35 -12.70 10.34 1.34
N LEU A 36 -12.80 9.08 0.87
CA LEU A 36 -14.09 8.37 0.81
C LEU A 36 -14.69 8.14 2.22
N ILE A 37 -13.84 7.80 3.21
CA ILE A 37 -14.27 7.53 4.58
C ILE A 37 -14.99 8.75 5.14
N VAL A 38 -14.30 9.90 5.17
CA VAL A 38 -14.90 11.16 5.65
C VAL A 38 -16.18 11.49 4.88
N VAL A 39 -16.19 11.36 3.55
CA VAL A 39 -17.38 11.61 2.71
C VAL A 39 -18.57 10.78 3.21
N TRP A 40 -18.40 9.47 3.43
CA TRP A 40 -19.48 8.64 3.98
C TRP A 40 -19.93 9.11 5.37
N ILE A 41 -19.01 9.56 6.24
CA ILE A 41 -19.32 10.07 7.58
C ILE A 41 -20.19 11.35 7.53
N THR A 42 -19.91 12.28 6.61
CA THR A 42 -20.61 13.58 6.52
C THR A 42 -21.63 13.62 5.38
N SER A 43 -21.18 13.49 4.13
CA SER A 43 -22.02 13.53 2.92
C SER A 43 -23.12 12.47 2.93
N ARG A 44 -22.91 11.38 3.70
CA ARG A 44 -23.86 10.29 3.90
C ARG A 44 -24.41 9.73 2.57
N SER A 45 -23.56 9.78 1.54
CA SER A 45 -23.85 9.29 0.19
C SER A 45 -24.29 7.83 0.21
N ARG A 46 -24.90 7.37 -0.88
CA ARG A 46 -25.39 5.99 -1.02
C ARG A 46 -24.34 4.99 -0.53
N LYS A 47 -24.79 4.07 0.33
CA LYS A 47 -23.97 2.98 0.88
C LYS A 47 -23.14 2.34 -0.22
N THR A 48 -21.82 2.48 -0.07
CA THR A 48 -20.83 1.96 -1.02
C THR A 48 -20.94 0.43 -1.11
N PRO A 49 -20.53 -0.16 -2.26
CA PRO A 49 -20.61 -1.60 -2.45
C PRO A 49 -19.67 -2.34 -1.50
N ILE A 50 -20.03 -3.58 -1.14
CA ILE A 50 -19.23 -4.45 -0.29
C ILE A 50 -17.78 -4.59 -0.77
N PHE A 51 -17.57 -4.66 -2.09
CA PHE A 51 -16.26 -4.74 -2.71
C PHE A 51 -15.41 -3.52 -2.39
N ILE A 52 -16.00 -2.31 -2.41
CA ILE A 52 -15.33 -1.06 -2.06
C ILE A 52 -14.92 -1.10 -0.59
N ILE A 53 -15.88 -1.38 0.32
CA ILE A 53 -15.61 -1.41 1.76
C ILE A 53 -14.55 -2.47 2.08
N ASN A 54 -14.68 -3.69 1.55
CA ASN A 54 -13.70 -4.75 1.75
C ASN A 54 -12.32 -4.37 1.21
N GLN A 55 -12.24 -3.81 -0.01
CA GLN A 55 -10.99 -3.34 -0.62
C GLN A 55 -10.30 -2.32 0.29
N VAL A 56 -10.99 -1.22 0.61
CA VAL A 56 -10.41 -0.15 1.44
C VAL A 56 -10.08 -0.66 2.84
N SER A 57 -10.95 -1.46 3.46
CA SER A 57 -10.72 -2.07 4.78
C SER A 57 -9.40 -2.85 4.78
N LEU A 58 -9.24 -3.83 3.89
CA LEU A 58 -7.98 -4.58 3.79
C LEU A 58 -6.80 -3.64 3.59
N PHE A 59 -6.89 -2.73 2.61
CA PHE A 59 -5.81 -1.79 2.30
C PHE A 59 -5.40 -0.95 3.53
N LEU A 60 -6.36 -0.44 4.30
CA LEU A 60 -6.17 0.32 5.53
C LEU A 60 -5.36 -0.48 6.57
N ILE A 61 -5.82 -1.69 6.92
CA ILE A 61 -5.12 -2.54 7.88
C ILE A 61 -3.73 -2.90 7.36
N ILE A 62 -3.64 -3.44 6.13
CA ILE A 62 -2.38 -3.87 5.52
C ILE A 62 -1.36 -2.72 5.52
N LEU A 63 -1.79 -1.51 5.16
CA LEU A 63 -1.01 -0.28 5.27
C LEU A 63 -0.49 -0.10 6.69
N HIS A 64 -1.40 0.01 7.69
CA HIS A 64 -1.01 0.22 9.07
C HIS A 64 -0.02 -0.86 9.54
N SER A 65 -0.30 -2.14 9.33
CA SER A 65 0.57 -3.25 9.74
C SER A 65 1.98 -3.15 9.12
N ALA A 66 2.07 -2.91 7.81
CA ALA A 66 3.34 -2.68 7.12
C ALA A 66 4.08 -1.46 7.67
N LEU A 67 3.40 -0.32 7.84
CA LEU A 67 3.97 0.88 8.46
C LEU A 67 4.43 0.58 9.90
N TYR A 68 3.70 -0.22 10.67
CA TYR A 68 4.04 -0.54 12.05
C TYR A 68 5.36 -1.30 12.12
N PHE A 69 5.48 -2.38 11.34
CA PHE A 69 6.74 -3.13 11.25
C PHE A 69 7.90 -2.23 10.78
N LYS A 70 7.71 -1.45 9.70
CA LYS A 70 8.76 -0.55 9.19
C LYS A 70 9.12 0.54 10.21
N TYR A 71 8.16 1.04 10.98
CA TYR A 71 8.37 2.06 12.00
C TYR A 71 9.21 1.54 13.16
N LEU A 72 8.93 0.33 13.64
CA LEU A 72 9.74 -0.31 14.69
C LEU A 72 11.14 -0.66 14.17
N LEU A 73 11.25 -1.27 12.98
CA LEU A 73 12.55 -1.64 12.40
C LEU A 73 13.40 -0.41 12.01
N SER A 74 12.76 0.71 11.62
CA SER A 74 13.40 1.96 11.21
C SER A 74 14.43 2.46 12.24
N ASN A 75 14.18 2.23 13.53
CA ASN A 75 15.11 2.54 14.60
C ASN A 75 16.21 1.47 14.76
N TYR A 76 15.85 0.18 14.69
CA TYR A 76 16.78 -0.94 14.84
C TYR A 76 17.91 -0.92 13.81
N SER A 77 17.60 -1.14 12.53
CA SER A 77 18.54 -1.19 11.41
C SER A 77 17.80 -1.56 10.12
N SER A 78 18.21 -0.94 9.00
CA SER A 78 17.70 -1.20 7.66
C SER A 78 18.73 -1.88 6.75
N VAL A 79 19.80 -2.43 7.34
CA VAL A 79 20.94 -3.07 6.65
C VAL A 79 21.41 -4.31 7.43
N THR A 80 21.10 -5.51 6.90
CA THR A 80 21.55 -6.79 7.47
C THR A 80 23.00 -7.09 7.08
N GLY A 1 5.33 -11.59 -13.99
CA GLY A 1 6.68 -12.17 -13.82
C GLY A 1 6.57 -13.60 -13.35
N ASN A 2 7.09 -14.54 -14.15
CA ASN A 2 7.09 -15.97 -13.86
C ASN A 2 8.14 -16.70 -14.73
N GLY A 3 8.59 -17.87 -14.27
CA GLY A 3 9.61 -18.67 -14.93
C GLY A 3 10.54 -19.35 -13.92
N SER A 4 11.58 -20.01 -14.44
CA SER A 4 12.62 -20.70 -13.68
C SER A 4 13.98 -20.44 -14.33
N THR A 5 15.06 -20.42 -13.52
CA THR A 5 16.46 -20.20 -13.98
C THR A 5 16.61 -19.00 -14.95
N ILE A 6 15.76 -17.97 -14.80
CA ILE A 6 15.75 -16.79 -15.65
C ILE A 6 16.93 -15.88 -15.29
N THR A 7 17.42 -15.11 -16.27
CA THR A 7 18.45 -14.10 -16.09
C THR A 7 18.10 -13.07 -15.00
N PHE A 8 19.13 -12.35 -14.52
CA PHE A 8 18.97 -11.24 -13.56
C PHE A 8 18.13 -10.06 -14.08
N ASP A 9 17.78 -10.05 -15.36
CA ASP A 9 16.90 -9.08 -16.00
C ASP A 9 15.57 -8.94 -15.23
N GLU A 10 15.05 -10.03 -14.65
CA GLU A 10 13.82 -10.00 -13.85
C GLU A 10 13.96 -9.10 -12.61
N LEU A 11 15.06 -9.28 -11.87
CA LEU A 11 15.40 -8.49 -10.69
C LEU A 11 15.62 -7.03 -11.08
N GLN A 12 16.50 -6.79 -12.05
CA GLN A 12 16.77 -5.44 -12.55
C GLN A 12 15.49 -4.74 -13.02
N GLY A 13 14.57 -5.48 -13.65
CA GLY A 13 13.25 -4.97 -14.06
C GLY A 13 12.35 -4.60 -12.88
N LEU A 14 12.21 -5.48 -11.87
CA LEU A 14 11.36 -5.20 -10.71
C LEU A 14 11.77 -3.90 -9.98
N VAL A 15 13.09 -3.66 -9.88
CA VAL A 15 13.62 -2.45 -9.24
C VAL A 15 13.65 -1.23 -10.18
N ASN A 16 13.70 -1.46 -11.51
CA ASN A 16 13.64 -0.39 -12.51
C ASN A 16 12.37 0.47 -12.35
N SER A 17 11.20 -0.19 -12.27
CA SER A 17 9.90 0.48 -12.20
C SER A 17 8.74 -0.47 -11.84
N THR A 18 8.89 -1.29 -10.80
CA THR A 18 7.81 -2.20 -10.36
C THR A 18 7.63 -2.11 -8.85
N VAL A 19 8.67 -2.41 -8.06
CA VAL A 19 8.62 -2.32 -6.59
C VAL A 19 8.40 -0.88 -6.13
N THR A 20 9.06 0.09 -6.77
CA THR A 20 8.97 1.51 -6.41
C THR A 20 7.55 2.04 -6.57
N GLN A 21 6.80 1.51 -7.55
CA GLN A 21 5.42 1.93 -7.82
C GLN A 21 4.46 1.46 -6.72
N ALA A 22 4.76 0.32 -6.08
CA ALA A 22 3.94 -0.27 -5.03
C ALA A 22 3.80 0.67 -3.81
N ILE A 23 4.92 1.23 -3.35
CA ILE A 23 4.95 2.20 -2.24
C ILE A 23 4.08 3.41 -2.59
N LEU A 24 4.30 4.01 -3.76
CA LEU A 24 3.55 5.19 -4.24
C LEU A 24 2.06 4.89 -4.26
N PHE A 25 1.67 3.79 -4.93
CA PHE A 25 0.29 3.34 -5.05
C PHE A 25 -0.38 3.16 -3.68
N GLY A 26 0.29 2.43 -2.77
CA GLY A 26 -0.16 2.28 -1.39
C GLY A 26 -0.40 3.62 -0.69
N VAL A 27 0.56 4.55 -0.77
CA VAL A 27 0.48 5.88 -0.13
C VAL A 27 -0.75 6.66 -0.62
N ARG A 28 -0.82 6.93 -1.94
CA ARG A 28 -1.95 7.65 -2.53
C ARG A 28 -3.27 6.94 -2.24
N SER A 29 -3.29 5.60 -2.30
CA SER A 29 -4.45 4.77 -1.98
C SER A 29 -4.90 4.99 -0.54
N GLY A 30 -4.00 4.90 0.45
CA GLY A 30 -4.30 5.11 1.85
C GLY A 30 -4.93 6.48 2.12
N ALA A 31 -4.25 7.55 1.66
CA ALA A 31 -4.74 8.92 1.85
C ALA A 31 -6.07 9.17 1.11
N ALA A 32 -6.14 8.79 -0.18
CA ALA A 32 -7.36 8.90 -0.98
C ALA A 32 -8.51 8.08 -0.39
N ALA A 33 -8.24 6.88 0.13
CA ALA A 33 -9.24 6.06 0.82
C ALA A 33 -9.75 6.75 2.09
N LEU A 34 -8.87 7.22 2.97
CA LEU A 34 -9.25 7.95 4.19
C LEU A 34 -10.21 9.12 3.87
N THR A 35 -9.84 10.00 2.93
CA THR A 35 -10.70 11.10 2.52
C THR A 35 -12.04 10.61 1.94
N LEU A 36 -12.05 9.53 1.15
CA LEU A 36 -13.28 8.92 0.61
C LEU A 36 -14.19 8.36 1.71
N ILE A 37 -13.62 7.83 2.80
CA ILE A 37 -14.40 7.26 3.91
C ILE A 37 -15.10 8.39 4.68
N VAL A 38 -14.32 9.37 5.16
CA VAL A 38 -14.87 10.48 5.95
C VAL A 38 -15.98 11.21 5.19
N VAL A 39 -15.77 11.52 3.90
CA VAL A 39 -16.79 12.13 3.02
C VAL A 39 -18.01 11.22 2.88
N TRP A 40 -17.85 9.91 2.66
CA TRP A 40 -18.98 8.97 2.56
C TRP A 40 -19.84 8.94 3.82
N ILE A 41 -19.22 9.06 5.01
CA ILE A 41 -19.94 9.14 6.29
C ILE A 41 -20.66 10.49 6.41
N THR A 42 -19.92 11.60 6.41
CA THR A 42 -20.49 12.95 6.64
C THR A 42 -21.49 13.36 5.55
N SER A 43 -21.15 13.12 4.28
CA SER A 43 -22.05 13.37 3.14
C SER A 43 -23.13 12.29 3.00
N ARG A 44 -23.04 11.20 3.78
CA ARG A 44 -23.94 10.06 3.80
C ARG A 44 -24.33 9.60 2.40
N SER A 45 -23.31 9.21 1.64
CA SER A 45 -23.46 8.78 0.25
C SER A 45 -24.43 7.60 0.10
N ARG A 46 -24.85 7.34 -1.14
CA ARG A 46 -25.73 6.22 -1.48
C ARG A 46 -25.14 4.87 -1.00
N LYS A 47 -25.99 3.85 -1.00
CA LYS A 47 -25.63 2.48 -0.64
C LYS A 47 -24.39 2.02 -1.40
N THR A 48 -23.35 1.71 -0.65
CA THR A 48 -22.07 1.24 -1.17
C THR A 48 -22.05 -0.30 -1.20
N PRO A 49 -21.51 -0.92 -2.27
CA PRO A 49 -21.41 -2.37 -2.36
C PRO A 49 -20.38 -2.92 -1.36
N ILE A 50 -20.66 -4.11 -0.83
CA ILE A 50 -19.78 -4.86 0.08
C ILE A 50 -18.34 -4.94 -0.44
N PHE A 51 -18.17 -5.16 -1.76
CA PHE A 51 -16.88 -5.28 -2.42
C PHE A 51 -16.04 -3.99 -2.27
N ILE A 52 -16.66 -2.82 -2.45
CA ILE A 52 -16.01 -1.52 -2.20
C ILE A 52 -15.50 -1.49 -0.76
N ILE A 53 -16.38 -1.70 0.22
CA ILE A 53 -16.02 -1.59 1.64
C ILE A 53 -14.94 -2.60 2.04
N ASN A 54 -15.03 -3.82 1.52
CA ASN A 54 -14.04 -4.87 1.75
C ASN A 54 -12.64 -4.40 1.33
N GLN A 55 -12.50 -3.94 0.06
CA GLN A 55 -11.24 -3.39 -0.43
C GLN A 55 -10.78 -2.17 0.37
N VAL A 56 -11.71 -1.26 0.72
CA VAL A 56 -11.42 -0.10 1.56
C VAL A 56 -10.79 -0.53 2.88
N SER A 57 -11.53 -1.22 3.76
CA SER A 57 -11.00 -1.59 5.09
C SER A 57 -9.68 -2.34 4.97
N LEU A 58 -9.60 -3.37 4.12
CA LEU A 58 -8.36 -4.11 3.84
C LEU A 58 -7.19 -3.16 3.55
N PHE A 59 -7.36 -2.18 2.66
CA PHE A 59 -6.35 -1.18 2.36
C PHE A 59 -5.83 -0.46 3.61
N LEU A 60 -6.73 0.07 4.46
CA LEU A 60 -6.33 0.81 5.68
C LEU A 60 -5.44 -0.04 6.59
N ILE A 61 -5.81 -1.31 6.80
CA ILE A 61 -4.96 -2.23 7.58
C ILE A 61 -3.61 -2.44 6.90
N ILE A 62 -3.59 -2.73 5.59
CA ILE A 62 -2.34 -2.93 4.83
C ILE A 62 -1.40 -1.73 4.99
N LEU A 63 -1.96 -0.50 4.93
CA LEU A 63 -1.23 0.73 5.15
C LEU A 63 -0.62 0.76 6.55
N HIS A 64 -1.44 0.65 7.60
CA HIS A 64 -0.94 0.66 8.98
C HIS A 64 0.11 -0.43 9.21
N SER A 65 -0.14 -1.67 8.74
CA SER A 65 0.77 -2.80 8.86
C SER A 65 2.11 -2.49 8.18
N ALA A 66 2.11 -2.14 6.89
CA ALA A 66 3.33 -1.84 6.14
C ALA A 66 4.10 -0.64 6.72
N LEU A 67 3.40 0.44 7.07
CA LEU A 67 3.97 1.62 7.72
C LEU A 67 4.63 1.25 9.05
N TYR A 68 3.85 0.72 10.00
CA TYR A 68 4.34 0.36 11.33
C TYR A 68 5.49 -0.65 11.24
N PHE A 69 5.36 -1.68 10.41
CA PHE A 69 6.41 -2.67 10.16
C PHE A 69 7.75 -2.02 9.77
N LYS A 70 7.73 -1.20 8.71
CA LYS A 70 8.93 -0.46 8.28
C LYS A 70 9.41 0.47 9.39
N TYR A 71 8.51 1.22 10.03
CA TYR A 71 8.83 2.16 11.11
C TYR A 71 9.57 1.48 12.27
N LEU A 72 9.21 0.23 12.60
CA LEU A 72 9.95 -0.60 13.55
C LEU A 72 11.33 -1.01 13.02
N LEU A 73 11.39 -1.66 11.85
CA LEU A 73 12.66 -2.13 11.27
C LEU A 73 13.66 -0.98 11.05
N SER A 74 13.17 0.22 10.71
CA SER A 74 13.94 1.45 10.49
C SER A 74 14.76 1.86 11.71
N ASN A 75 14.37 1.41 12.91
CA ASN A 75 15.12 1.64 14.15
C ASN A 75 15.81 0.36 14.65
N TYR A 76 15.23 -0.83 14.45
CA TYR A 76 15.89 -2.08 14.82
C TYR A 76 17.21 -2.32 14.05
N SER A 77 17.27 -1.89 12.78
CA SER A 77 18.48 -1.98 11.96
C SER A 77 19.51 -0.90 12.35
N SER A 78 20.31 -1.18 13.38
CA SER A 78 21.35 -0.27 13.91
C SER A 78 22.71 -0.95 14.01
N VAL A 79 23.46 -0.97 12.90
CA VAL A 79 24.81 -1.52 12.79
C VAL A 79 25.45 -1.04 11.48
N THR A 80 26.65 -0.45 11.56
CA THR A 80 27.48 -0.08 10.39
C THR A 80 28.64 -1.05 10.24
N GLY A 1 19.61 -20.10 5.12
CA GLY A 1 19.89 -18.71 5.52
C GLY A 1 21.11 -18.19 4.81
N ASN A 2 21.10 -16.91 4.41
CA ASN A 2 22.21 -16.20 3.78
C ASN A 2 21.95 -14.67 3.82
N GLY A 3 22.92 -13.86 3.36
CA GLY A 3 22.79 -12.41 3.19
C GLY A 3 22.89 -11.98 1.72
N SER A 4 23.17 -10.69 1.50
CA SER A 4 23.38 -10.08 0.17
C SER A 4 24.46 -10.82 -0.64
N THR A 5 24.04 -11.68 -1.57
CA THR A 5 24.89 -12.58 -2.38
C THR A 5 24.72 -12.33 -3.89
N ILE A 6 24.28 -11.12 -4.25
CA ILE A 6 23.98 -10.71 -5.63
C ILE A 6 24.71 -9.39 -5.93
N THR A 7 24.82 -9.06 -7.21
CA THR A 7 25.40 -7.80 -7.72
C THR A 7 24.62 -6.57 -7.22
N PHE A 8 25.22 -5.39 -7.40
CA PHE A 8 24.59 -4.11 -7.02
C PHE A 8 23.30 -3.82 -7.81
N ASP A 9 23.07 -4.50 -8.95
CA ASP A 9 21.88 -4.39 -9.79
C ASP A 9 20.58 -4.51 -8.99
N GLU A 10 20.54 -5.38 -7.97
CA GLU A 10 19.36 -5.56 -7.10
C GLU A 10 19.01 -4.25 -6.37
N LEU A 11 20.00 -3.62 -5.76
CA LEU A 11 19.87 -2.33 -5.08
C LEU A 11 19.44 -1.26 -6.07
N GLN A 12 20.14 -1.14 -7.20
CA GLN A 12 19.78 -0.18 -8.25
C GLN A 12 18.33 -0.39 -8.71
N GLY A 13 17.90 -1.64 -8.88
CA GLY A 13 16.53 -2.03 -9.20
C GLY A 13 15.50 -1.54 -8.18
N LEU A 14 15.71 -1.86 -6.89
CA LEU A 14 14.75 -1.46 -5.84
C LEU A 14 14.57 0.08 -5.78
N VAL A 15 15.67 0.83 -5.96
CA VAL A 15 15.63 2.30 -5.93
C VAL A 15 15.16 2.89 -7.26
N ASN A 16 15.30 2.15 -8.37
CA ASN A 16 14.87 2.55 -9.71
C ASN A 16 13.37 2.78 -9.75
N SER A 17 12.59 1.81 -9.26
CA SER A 17 11.12 1.84 -9.28
C SER A 17 10.55 0.70 -8.43
N THR A 18 10.80 0.72 -7.11
CA THR A 18 10.20 -0.24 -6.16
C THR A 18 10.00 0.42 -4.79
N VAL A 19 11.06 0.96 -4.18
CA VAL A 19 10.96 1.67 -2.89
C VAL A 19 10.25 3.01 -3.06
N THR A 20 10.62 3.80 -4.08
CA THR A 20 10.06 5.14 -4.32
C THR A 20 8.55 5.07 -4.58
N GLN A 21 8.10 4.02 -5.29
CA GLN A 21 6.70 3.81 -5.59
C GLN A 21 5.86 3.55 -4.33
N ALA A 22 6.45 2.92 -3.30
CA ALA A 22 5.77 2.59 -2.05
C ALA A 22 5.23 3.85 -1.34
N ILE A 23 6.08 4.89 -1.20
CA ILE A 23 5.69 6.18 -0.63
C ILE A 23 4.53 6.78 -1.42
N LEU A 24 4.70 6.91 -2.74
CA LEU A 24 3.69 7.46 -3.65
C LEU A 24 2.36 6.72 -3.51
N PHE A 25 2.38 5.38 -3.56
CA PHE A 25 1.21 4.52 -3.46
C PHE A 25 0.49 4.69 -2.11
N GLY A 26 1.23 4.66 -1.00
CA GLY A 26 0.69 4.90 0.34
C GLY A 26 -0.01 6.26 0.48
N VAL A 27 0.60 7.32 -0.06
CA VAL A 27 0.05 8.68 -0.07
C VAL A 27 -1.30 8.71 -0.79
N ARG A 28 -1.31 8.42 -2.10
CA ARG A 28 -2.55 8.44 -2.90
C ARG A 28 -3.59 7.47 -2.37
N SER A 29 -3.18 6.32 -1.82
CA SER A 29 -4.07 5.35 -1.17
C SER A 29 -4.80 5.94 0.02
N GLY A 30 -4.06 6.37 1.06
CA GLY A 30 -4.67 6.95 2.27
C GLY A 30 -5.50 8.20 1.97
N ALA A 31 -4.99 9.08 1.09
CA ALA A 31 -5.72 10.26 0.63
C ALA A 31 -7.02 9.90 -0.11
N ALA A 32 -6.97 9.02 -1.11
CA ALA A 32 -8.14 8.55 -1.86
C ALA A 32 -9.19 7.94 -0.94
N ALA A 33 -8.77 7.12 0.04
CA ALA A 33 -9.68 6.59 1.05
C ALA A 33 -10.35 7.70 1.87
N LEU A 34 -9.56 8.62 2.45
CA LEU A 34 -10.08 9.74 3.24
C LEU A 34 -11.17 10.51 2.48
N THR A 35 -10.87 10.98 1.26
CA THR A 35 -11.86 11.73 0.48
C THR A 35 -13.13 10.92 0.20
N LEU A 36 -12.99 9.61 -0.10
CA LEU A 36 -14.12 8.68 -0.28
C LEU A 36 -15.02 8.64 0.96
N ILE A 37 -14.41 8.57 2.15
CA ILE A 37 -15.14 8.51 3.42
C ILE A 37 -15.95 9.80 3.59
N VAL A 38 -15.34 10.98 3.35
CA VAL A 38 -16.03 12.27 3.42
C VAL A 38 -17.19 12.35 2.43
N VAL A 39 -16.94 12.16 1.13
CA VAL A 39 -18.03 12.18 0.13
C VAL A 39 -19.13 11.19 0.49
N TRP A 40 -18.80 9.99 0.98
CA TRP A 40 -19.80 9.04 1.42
C TRP A 40 -20.58 9.50 2.68
N ILE A 41 -19.94 10.16 3.65
CA ILE A 41 -20.60 10.70 4.84
C ILE A 41 -21.67 11.74 4.48
N THR A 42 -21.39 12.63 3.51
CA THR A 42 -22.35 13.66 3.07
C THR A 42 -23.31 13.15 1.97
N SER A 43 -22.80 12.53 0.90
CA SER A 43 -23.59 12.05 -0.24
C SER A 43 -24.39 10.78 0.07
N ARG A 44 -23.92 9.96 1.03
CA ARG A 44 -24.54 8.70 1.45
C ARG A 44 -24.70 7.72 0.28
N SER A 45 -23.65 7.57 -0.54
CA SER A 45 -23.61 6.68 -1.71
C SER A 45 -24.11 5.27 -1.40
N ARG A 46 -25.24 4.87 -2.01
CA ARG A 46 -25.86 3.55 -1.83
C ARG A 46 -25.04 2.37 -2.41
N LYS A 47 -23.94 2.66 -3.11
CA LYS A 47 -23.03 1.69 -3.74
C LYS A 47 -21.86 1.25 -2.85
N THR A 48 -21.92 1.55 -1.55
CA THR A 48 -20.90 1.22 -0.54
C THR A 48 -21.43 0.16 0.43
N PRO A 49 -21.44 -1.12 0.02
CA PRO A 49 -21.82 -2.22 0.91
C PRO A 49 -20.79 -2.38 2.03
N ILE A 50 -21.24 -2.92 3.16
CA ILE A 50 -20.40 -3.23 4.32
C ILE A 50 -19.12 -3.97 3.93
N PHE A 51 -19.22 -4.93 3.00
CA PHE A 51 -18.09 -5.73 2.52
C PHE A 51 -17.02 -4.87 1.83
N ILE A 52 -17.42 -3.96 0.93
CA ILE A 52 -16.52 -2.97 0.32
C ILE A 52 -15.88 -2.13 1.41
N ILE A 53 -16.67 -1.46 2.27
CA ILE A 53 -16.15 -0.50 3.25
C ILE A 53 -15.21 -1.17 4.27
N ASN A 54 -15.57 -2.37 4.73
CA ASN A 54 -14.75 -3.18 5.62
C ASN A 54 -13.39 -3.45 4.98
N GLN A 55 -13.39 -3.96 3.73
CA GLN A 55 -12.16 -4.19 2.96
C GLN A 55 -11.34 -2.91 2.77
N VAL A 56 -11.98 -1.77 2.46
CA VAL A 56 -11.29 -0.48 2.33
C VAL A 56 -10.51 -0.16 3.61
N SER A 57 -11.20 -0.03 4.75
CA SER A 57 -10.56 0.32 6.02
C SER A 57 -9.50 -0.71 6.41
N LEU A 58 -9.84 -2.00 6.39
CA LEU A 58 -8.91 -3.10 6.67
C LEU A 58 -7.65 -3.00 5.81
N PHE A 59 -7.80 -2.93 4.48
CA PHE A 59 -6.70 -2.83 3.54
C PHE A 59 -5.71 -1.73 3.91
N LEU A 60 -6.20 -0.52 4.25
CA LEU A 60 -5.37 0.61 4.68
C LEU A 60 -4.49 0.25 5.89
N ILE A 61 -5.10 -0.27 6.97
CA ILE A 61 -4.38 -0.64 8.19
C ILE A 61 -3.42 -1.81 7.95
N ILE A 62 -3.87 -2.84 7.21
CA ILE A 62 -3.07 -4.00 6.84
C ILE A 62 -1.84 -3.55 6.03
N LEU A 63 -2.03 -2.65 5.05
CA LEU A 63 -0.95 -1.99 4.32
C LEU A 63 0.03 -1.29 5.27
N HIS A 64 -0.45 -0.35 6.11
CA HIS A 64 0.42 0.44 7.00
C HIS A 64 1.22 -0.45 7.97
N SER A 65 0.53 -1.38 8.65
CA SER A 65 1.15 -2.35 9.57
C SER A 65 2.16 -3.26 8.86
N ALA A 66 1.78 -3.87 7.73
CA ALA A 66 2.69 -4.71 6.92
C ALA A 66 3.91 -3.93 6.40
N LEU A 67 3.73 -2.67 6.00
CA LEU A 67 4.82 -1.77 5.61
C LEU A 67 5.82 -1.58 6.75
N TYR A 68 5.35 -1.08 7.90
CA TYR A 68 6.22 -0.82 9.03
C TYR A 68 6.92 -2.12 9.50
N PHE A 69 6.21 -3.25 9.50
CA PHE A 69 6.78 -4.57 9.79
C PHE A 69 7.97 -4.91 8.88
N LYS A 70 7.75 -4.92 7.55
CA LYS A 70 8.82 -5.21 6.59
C LYS A 70 9.97 -4.21 6.70
N TYR A 71 9.68 -2.96 7.06
CA TYR A 71 10.69 -1.92 7.24
C TYR A 71 11.59 -2.18 8.45
N LEU A 72 11.02 -2.63 9.58
CA LEU A 72 11.79 -3.05 10.74
C LEU A 72 12.62 -4.31 10.45
N LEU A 73 12.02 -5.31 9.78
CA LEU A 73 12.74 -6.56 9.45
C LEU A 73 13.77 -6.38 8.33
N SER A 74 13.59 -5.42 7.41
CA SER A 74 14.48 -5.11 6.28
C SER A 74 15.94 -4.92 6.70
N ASN A 75 16.17 -4.40 7.91
CA ASN A 75 17.51 -4.25 8.48
C ASN A 75 18.03 -5.52 9.19
N TYR A 76 17.13 -6.38 9.69
CA TYR A 76 17.45 -7.66 10.33
C TYR A 76 17.74 -8.77 9.32
N SER A 77 16.81 -9.05 8.41
CA SER A 77 16.90 -10.14 7.44
C SER A 77 16.89 -9.59 6.01
N SER A 78 18.04 -9.68 5.32
CA SER A 78 18.22 -9.21 3.95
C SER A 78 17.64 -10.15 2.87
N VAL A 79 16.67 -10.99 3.24
CA VAL A 79 16.04 -12.03 2.41
C VAL A 79 14.52 -11.94 2.53
N THR A 80 13.92 -11.11 1.67
CA THR A 80 12.46 -10.91 1.54
C THR A 80 11.75 -12.13 0.97
N GLY A 1 2.10 -11.43 -18.30
CA GLY A 1 2.49 -12.81 -18.65
C GLY A 1 3.23 -13.45 -17.50
N ASN A 2 3.33 -14.79 -17.47
CA ASN A 2 4.10 -15.55 -16.47
C ASN A 2 4.77 -16.78 -17.11
N GLY A 3 5.71 -17.39 -16.39
CA GLY A 3 6.46 -18.55 -16.86
C GLY A 3 7.45 -19.08 -15.82
N SER A 4 8.61 -19.56 -16.27
CA SER A 4 9.74 -19.96 -15.42
C SER A 4 11.04 -19.82 -16.23
N THR A 5 12.17 -19.62 -15.55
CA THR A 5 13.52 -19.44 -16.15
C THR A 5 13.56 -18.51 -17.38
N ILE A 6 12.71 -17.46 -17.37
CA ILE A 6 12.59 -16.53 -18.49
C ILE A 6 13.86 -15.66 -18.58
N THR A 7 14.13 -15.12 -19.77
CA THR A 7 15.18 -14.13 -20.03
C THR A 7 15.07 -12.90 -19.13
N PHE A 8 16.18 -12.17 -19.00
CA PHE A 8 16.27 -10.94 -18.22
C PHE A 8 15.31 -9.83 -18.71
N ASP A 9 14.78 -9.95 -19.94
CA ASP A 9 13.77 -9.09 -20.56
C ASP A 9 12.58 -8.80 -19.62
N GLU A 10 12.15 -9.80 -18.84
CA GLU A 10 11.09 -9.62 -17.84
C GLU A 10 11.49 -8.54 -16.83
N LEU A 11 12.63 -8.72 -16.14
CA LEU A 11 13.16 -7.76 -15.17
C LEU A 11 13.39 -6.37 -15.80
N GLN A 12 13.85 -6.33 -17.06
CA GLN A 12 14.00 -5.07 -17.80
C GLN A 12 12.66 -4.31 -17.85
N GLY A 13 11.65 -4.87 -18.52
CA GLY A 13 10.33 -4.25 -18.64
C GLY A 13 9.66 -3.99 -17.29
N LEU A 14 9.87 -4.88 -16.31
CA LEU A 14 9.40 -4.76 -14.94
C LEU A 14 9.84 -3.44 -14.29
N VAL A 15 11.14 -3.27 -14.05
CA VAL A 15 11.65 -2.05 -13.39
C VAL A 15 11.56 -0.82 -14.30
N ASN A 16 11.54 -1.01 -15.63
CA ASN A 16 11.37 0.07 -16.60
C ASN A 16 10.09 0.86 -16.35
N SER A 17 8.92 0.20 -16.35
CA SER A 17 7.63 0.92 -16.26
C SER A 17 6.46 0.03 -15.77
N THR A 18 6.74 -0.91 -14.86
CA THR A 18 5.72 -1.81 -14.27
C THR A 18 5.77 -1.78 -12.74
N VAL A 19 6.91 -2.16 -12.14
CA VAL A 19 7.06 -2.17 -10.67
C VAL A 19 6.92 -0.77 -10.07
N THR A 20 7.48 0.25 -10.75
CA THR A 20 7.45 1.65 -10.30
C THR A 20 6.02 2.20 -10.24
N GLN A 21 5.16 1.76 -11.17
CA GLN A 21 3.77 2.17 -11.24
C GLN A 21 2.97 1.69 -10.01
N ALA A 22 3.34 0.53 -9.45
CA ALA A 22 2.67 -0.08 -8.30
C ALA A 22 2.73 0.80 -7.05
N ILE A 23 3.91 1.38 -6.76
CA ILE A 23 4.11 2.31 -5.64
C ILE A 23 3.20 3.54 -5.81
N LEU A 24 3.23 4.16 -7.01
CA LEU A 24 2.43 5.33 -7.35
C LEU A 24 0.92 5.03 -7.20
N PHE A 25 0.45 3.96 -7.85
CA PHE A 25 -0.95 3.52 -7.80
C PHE A 25 -1.38 3.27 -6.35
N GLY A 26 -0.61 2.47 -5.59
CA GLY A 26 -0.88 2.17 -4.19
C GLY A 26 -0.92 3.41 -3.29
N VAL A 27 0.05 4.33 -3.45
CA VAL A 27 0.07 5.62 -2.72
C VAL A 27 -1.23 6.39 -2.93
N ARG A 28 -1.55 6.71 -4.19
CA ARG A 28 -2.74 7.51 -4.50
C ARG A 28 -4.02 6.78 -4.10
N SER A 29 -4.07 5.47 -4.33
CA SER A 29 -5.16 4.58 -3.90
C SER A 29 -5.39 4.67 -2.39
N GLY A 30 -4.36 4.46 -1.56
CA GLY A 30 -4.47 4.52 -0.10
C GLY A 30 -4.94 5.88 0.42
N ALA A 31 -4.33 6.98 -0.08
CA ALA A 31 -4.72 8.34 0.30
C ALA A 31 -6.17 8.67 -0.13
N ALA A 32 -6.52 8.43 -1.41
CA ALA A 32 -7.85 8.64 -1.93
C ALA A 32 -8.90 7.77 -1.22
N ALA A 33 -8.56 6.51 -0.92
CA ALA A 33 -9.37 5.62 -0.08
C ALA A 33 -9.63 6.23 1.30
N LEU A 34 -8.58 6.60 2.05
CA LEU A 34 -8.71 7.21 3.37
C LEU A 34 -9.69 8.39 3.37
N THR A 35 -9.49 9.38 2.48
CA THR A 35 -10.39 10.52 2.40
C THR A 35 -11.83 10.09 2.06
N LEU A 36 -12.03 9.14 1.13
CA LEU A 36 -13.38 8.66 0.81
C LEU A 36 -14.07 8.04 2.03
N ILE A 37 -13.34 7.29 2.85
CA ILE A 37 -13.85 6.62 4.04
C ILE A 37 -14.34 7.67 5.04
N VAL A 38 -13.46 8.60 5.45
CA VAL A 38 -13.85 9.62 6.43
C VAL A 38 -14.99 10.50 5.90
N VAL A 39 -14.99 10.79 4.58
CA VAL A 39 -16.07 11.51 3.88
C VAL A 39 -17.39 10.76 3.99
N TRP A 40 -17.46 9.49 3.59
CA TRP A 40 -18.70 8.71 3.68
C TRP A 40 -19.21 8.61 5.13
N ILE A 41 -18.31 8.49 6.11
CA ILE A 41 -18.66 8.46 7.54
C ILE A 41 -19.29 9.79 7.98
N THR A 42 -18.62 10.93 7.75
CA THR A 42 -19.07 12.25 8.24
C THR A 42 -20.22 12.81 7.40
N SER A 43 -20.08 12.78 6.07
CA SER A 43 -21.07 13.26 5.10
C SER A 43 -22.27 12.32 4.98
N ARG A 44 -22.17 11.11 5.55
CA ARG A 44 -23.18 10.04 5.49
C ARG A 44 -23.64 9.77 4.06
N SER A 45 -22.65 9.70 3.16
CA SER A 45 -22.89 9.45 1.73
C SER A 45 -23.65 8.13 1.52
N ARG A 46 -24.14 7.92 0.29
CA ARG A 46 -24.84 6.69 -0.08
C ARG A 46 -23.97 5.46 0.17
N LYS A 47 -24.62 4.30 0.33
CA LYS A 47 -23.94 3.00 0.43
C LYS A 47 -22.99 2.79 -0.75
N THR A 48 -21.94 2.00 -0.48
CA THR A 48 -20.88 1.69 -1.42
C THR A 48 -20.87 0.19 -1.73
N PRO A 49 -20.30 -0.22 -2.89
CA PRO A 49 -20.24 -1.62 -3.27
C PRO A 49 -19.27 -2.41 -2.39
N ILE A 50 -19.52 -3.72 -2.27
CA ILE A 50 -18.68 -4.66 -1.52
C ILE A 50 -17.21 -4.56 -1.91
N PHE A 51 -16.92 -4.38 -3.20
CA PHE A 51 -15.57 -4.26 -3.75
C PHE A 51 -14.85 -3.01 -3.23
N ILE A 52 -15.58 -1.90 -3.07
CA ILE A 52 -15.05 -0.67 -2.46
C ILE A 52 -14.72 -0.95 -0.99
N ILE A 53 -15.70 -1.44 -0.21
CA ILE A 53 -15.50 -1.70 1.23
C ILE A 53 -14.37 -2.69 1.46
N ASN A 54 -14.30 -3.78 0.68
CA ASN A 54 -13.22 -4.76 0.71
C ASN A 54 -11.86 -4.16 0.33
N GLN A 55 -11.79 -3.36 -0.75
CA GLN A 55 -10.54 -2.70 -1.13
C GLN A 55 -10.04 -1.79 -0.01
N VAL A 56 -10.86 -0.82 0.41
CA VAL A 56 -10.47 0.14 1.45
C VAL A 56 -10.13 -0.58 2.76
N SER A 57 -10.94 -1.56 3.21
CA SER A 57 -10.72 -2.28 4.46
C SER A 57 -9.34 -2.93 4.49
N LEU A 58 -9.03 -3.81 3.52
CA LEU A 58 -7.72 -4.42 3.36
C LEU A 58 -6.61 -3.37 3.41
N PHE A 59 -6.69 -2.32 2.58
CA PHE A 59 -5.70 -1.24 2.54
C PHE A 59 -5.48 -0.55 3.89
N LEU A 60 -6.55 -0.22 4.62
CA LEU A 60 -6.49 0.36 5.97
C LEU A 60 -5.65 -0.50 6.92
N ILE A 61 -5.85 -1.83 6.90
CA ILE A 61 -5.06 -2.77 7.71
C ILE A 61 -3.60 -2.73 7.29
N ILE A 62 -3.29 -2.85 5.99
CA ILE A 62 -1.90 -2.80 5.49
C ILE A 62 -1.17 -1.56 5.99
N LEU A 63 -1.82 -0.38 5.91
CA LEU A 63 -1.33 0.85 6.53
C LEU A 63 -1.07 0.68 8.02
N HIS A 64 -2.09 0.38 8.83
CA HIS A 64 -1.95 0.28 10.28
C HIS A 64 -0.84 -0.72 10.69
N SER A 65 -0.87 -1.93 10.14
CA SER A 65 0.16 -2.95 10.36
C SER A 65 1.57 -2.44 10.01
N ALA A 66 1.76 -1.88 8.81
CA ALA A 66 3.04 -1.30 8.41
C ALA A 66 3.51 -0.20 9.37
N LEU A 67 2.64 0.80 9.66
CA LEU A 67 2.92 1.88 10.62
C LEU A 67 3.38 1.30 11.96
N TYR A 68 2.71 0.24 12.45
CA TYR A 68 3.03 -0.40 13.72
C TYR A 68 4.44 -0.98 13.71
N PHE A 69 4.77 -1.84 12.73
CA PHE A 69 6.12 -2.42 12.60
C PHE A 69 7.20 -1.34 12.52
N LYS A 70 6.96 -0.27 11.75
CA LYS A 70 7.89 0.87 11.62
C LYS A 70 8.07 1.60 12.96
N TYR A 71 6.97 1.93 13.65
CA TYR A 71 7.01 2.60 14.96
C TYR A 71 7.78 1.78 16.01
N LEU A 72 7.64 0.45 15.98
CA LEU A 72 8.40 -0.47 16.82
C LEU A 72 9.88 -0.54 16.42
N LEU A 73 10.19 -0.84 15.14
CA LEU A 73 11.59 -0.93 14.66
C LEU A 73 12.35 0.41 14.87
N SER A 74 11.65 1.54 14.75
CA SER A 74 12.17 2.88 15.02
C SER A 74 12.80 2.96 16.41
N ASN A 75 12.08 2.54 17.46
CA ASN A 75 12.59 2.56 18.84
C ASN A 75 13.70 1.51 19.11
N TYR A 76 13.69 0.39 18.39
CA TYR A 76 14.75 -0.63 18.48
C TYR A 76 16.13 -0.09 18.05
N SER A 77 16.18 0.92 17.18
CA SER A 77 17.41 1.53 16.68
C SER A 77 17.51 3.02 17.03
N SER A 78 18.46 3.73 16.41
CA SER A 78 18.63 5.19 16.56
C SER A 78 18.03 5.93 15.36
N VAL A 79 17.05 6.79 15.64
CA VAL A 79 16.35 7.64 14.67
C VAL A 79 15.60 8.74 15.44
N THR A 80 15.81 10.00 15.02
CA THR A 80 15.08 11.18 15.50
C THR A 80 13.89 11.47 14.58
N GLY A 1 9.61 -22.85 2.70
CA GLY A 1 10.93 -22.24 2.94
C GLY A 1 11.40 -21.47 1.70
N ASN A 2 12.16 -20.40 1.91
CA ASN A 2 12.70 -19.52 0.86
C ASN A 2 14.12 -19.06 1.27
N GLY A 3 15.14 -19.51 0.52
CA GLY A 3 16.53 -19.09 0.73
C GLY A 3 16.92 -17.85 -0.11
N SER A 4 18.07 -17.25 0.23
CA SER A 4 18.63 -16.08 -0.46
C SER A 4 19.89 -16.47 -1.24
N THR A 5 19.68 -16.96 -2.47
CA THR A 5 20.72 -17.43 -3.41
C THR A 5 20.44 -17.00 -4.86
N ILE A 6 19.82 -15.82 -5.01
CA ILE A 6 19.50 -15.22 -6.32
C ILE A 6 20.54 -14.15 -6.67
N THR A 7 20.75 -13.92 -7.97
CA THR A 7 21.61 -12.87 -8.53
C THR A 7 21.10 -11.47 -8.21
N PHE A 8 21.89 -10.43 -8.53
CA PHE A 8 21.53 -9.03 -8.28
C PHE A 8 20.33 -8.54 -9.12
N ASP A 9 19.97 -9.24 -10.20
CA ASP A 9 18.84 -8.95 -11.08
C ASP A 9 17.51 -8.76 -10.32
N GLU A 10 17.24 -9.63 -9.33
CA GLU A 10 16.06 -9.53 -8.46
C GLU A 10 16.00 -8.19 -7.71
N LEU A 11 17.15 -7.73 -7.17
CA LEU A 11 17.28 -6.48 -6.45
C LEU A 11 17.05 -5.30 -7.40
N GLN A 12 17.68 -5.32 -8.57
CA GLN A 12 17.45 -4.30 -9.58
C GLN A 12 15.96 -4.23 -9.96
N GLY A 13 15.30 -5.38 -10.13
CA GLY A 13 13.86 -5.47 -10.37
C GLY A 13 13.01 -4.89 -9.24
N LEU A 14 13.27 -5.28 -7.98
CA LEU A 14 12.51 -4.77 -6.83
C LEU A 14 12.58 -3.24 -6.73
N VAL A 15 13.76 -2.66 -7.00
CA VAL A 15 13.96 -1.20 -6.95
C VAL A 15 13.46 -0.51 -8.22
N ASN A 16 13.50 -1.18 -9.38
CA ASN A 16 13.01 -0.67 -10.67
C ASN A 16 11.55 -0.20 -10.58
N SER A 17 10.65 -1.03 -10.04
CA SER A 17 9.22 -0.70 -9.95
C SER A 17 8.43 -1.68 -9.06
N THR A 18 8.91 -1.94 -7.84
CA THR A 18 8.21 -2.82 -6.89
C THR A 18 8.15 -2.18 -5.49
N VAL A 19 9.32 -1.91 -4.87
CA VAL A 19 9.37 -1.26 -3.56
C VAL A 19 8.93 0.21 -3.66
N THR A 20 9.43 0.95 -4.66
CA THR A 20 9.13 2.37 -4.84
C THR A 20 7.65 2.61 -5.11
N GLN A 21 7.02 1.71 -5.87
CA GLN A 21 5.59 1.77 -6.16
C GLN A 21 4.73 1.56 -4.91
N ALA A 22 5.20 0.79 -3.92
CA ALA A 22 4.45 0.53 -2.68
C ALA A 22 4.14 1.82 -1.92
N ILE A 23 5.12 2.72 -1.78
CA ILE A 23 4.96 4.02 -1.12
C ILE A 23 3.92 4.85 -1.87
N LEU A 24 4.07 4.99 -3.19
CA LEU A 24 3.19 5.77 -4.06
C LEU A 24 1.75 5.23 -3.96
N PHE A 25 1.58 3.92 -4.17
CA PHE A 25 0.29 3.25 -4.12
C PHE A 25 -0.38 3.45 -2.76
N GLY A 26 0.34 3.16 -1.67
CA GLY A 26 -0.14 3.34 -0.30
C GLY A 26 -0.54 4.78 0.03
N VAL A 27 0.25 5.77 -0.40
CA VAL A 27 -0.07 7.20 -0.27
C VAL A 27 -1.41 7.52 -0.94
N ARG A 28 -1.54 7.26 -2.25
CA ARG A 28 -2.75 7.62 -2.99
C ARG A 28 -3.95 6.83 -2.51
N SER A 29 -3.81 5.51 -2.33
CA SER A 29 -4.87 4.63 -1.82
C SER A 29 -5.36 5.08 -0.44
N GLY A 30 -4.43 5.46 0.46
CA GLY A 30 -4.73 5.96 1.79
C GLY A 30 -5.58 7.23 1.76
N ALA A 31 -5.11 8.26 1.05
CA ALA A 31 -5.84 9.50 0.87
C ALA A 31 -7.22 9.27 0.20
N ALA A 32 -7.26 8.51 -0.89
CA ALA A 32 -8.49 8.17 -1.61
C ALA A 32 -9.51 7.43 -0.71
N ALA A 33 -9.04 6.48 0.11
CA ALA A 33 -9.86 5.82 1.11
C ALA A 33 -10.41 6.80 2.16
N LEU A 34 -9.57 7.65 2.77
CA LEU A 34 -10.01 8.67 3.73
C LEU A 34 -11.16 9.52 3.17
N THR A 35 -10.99 10.11 1.98
CA THR A 35 -12.03 10.96 1.38
C THR A 35 -13.32 10.18 1.13
N LEU A 36 -13.24 8.94 0.64
CA LEU A 36 -14.42 8.09 0.45
C LEU A 36 -15.16 7.82 1.78
N ILE A 37 -14.42 7.59 2.88
CA ILE A 37 -15.00 7.30 4.20
C ILE A 37 -15.81 8.50 4.69
N VAL A 38 -15.20 9.69 4.73
CA VAL A 38 -15.91 10.92 5.12
C VAL A 38 -17.13 11.18 4.23
N VAL A 39 -17.00 10.97 2.91
CA VAL A 39 -18.13 11.09 1.98
C VAL A 39 -19.28 10.18 2.41
N TRP A 40 -19.05 8.87 2.62
CA TRP A 40 -20.12 7.97 3.08
C TRP A 40 -20.78 8.43 4.39
N ILE A 41 -20.02 8.99 5.34
CA ILE A 41 -20.54 9.50 6.62
C ILE A 41 -21.56 10.64 6.42
N THR A 42 -21.19 11.70 5.67
CA THR A 42 -21.99 12.92 5.48
C THR A 42 -22.86 12.91 4.22
N SER A 43 -22.26 12.64 3.05
CA SER A 43 -22.95 12.57 1.75
C SER A 43 -23.96 11.42 1.72
N ARG A 44 -23.73 10.38 2.54
CA ARG A 44 -24.57 9.19 2.67
C ARG A 44 -24.91 8.53 1.32
N SER A 45 -23.98 8.68 0.36
CA SER A 45 -24.17 8.27 -1.02
C SER A 45 -24.16 6.74 -1.16
N ARG A 46 -25.16 6.22 -1.89
CA ARG A 46 -25.36 4.80 -2.15
C ARG A 46 -24.26 4.14 -3.01
N LYS A 47 -23.33 4.94 -3.54
CA LYS A 47 -22.14 4.51 -4.30
C LYS A 47 -21.02 3.91 -3.44
N THR A 48 -21.28 3.63 -2.16
CA THR A 48 -20.35 3.07 -1.18
C THR A 48 -20.81 1.67 -0.74
N PRO A 49 -20.59 0.63 -1.56
CA PRO A 49 -20.94 -0.74 -1.20
C PRO A 49 -20.03 -1.27 -0.08
N ILE A 50 -20.56 -2.19 0.72
CA ILE A 50 -19.84 -2.88 1.80
C ILE A 50 -18.50 -3.47 1.34
N PHE A 51 -18.45 -4.02 0.11
CA PHE A 51 -17.23 -4.58 -0.46
C PHE A 51 -16.15 -3.50 -0.60
N ILE A 52 -16.51 -2.29 -1.05
CA ILE A 52 -15.59 -1.14 -1.14
C ILE A 52 -15.06 -0.83 0.25
N ILE A 53 -15.95 -0.61 1.23
CA ILE A 53 -15.56 -0.18 2.59
C ILE A 53 -14.71 -1.25 3.29
N ASN A 54 -15.05 -2.53 3.15
CA ASN A 54 -14.29 -3.64 3.71
C ASN A 54 -12.91 -3.77 3.04
N GLN A 55 -12.87 -3.72 1.69
CA GLN A 55 -11.64 -3.79 0.90
C GLN A 55 -10.65 -2.68 1.30
N VAL A 56 -11.08 -1.42 1.19
CA VAL A 56 -10.25 -0.25 1.53
C VAL A 56 -9.84 -0.30 3.00
N SER A 57 -10.74 -0.65 3.93
CA SER A 57 -10.45 -0.80 5.36
C SER A 57 -9.30 -1.78 5.59
N LEU A 58 -9.43 -3.03 5.12
CA LEU A 58 -8.36 -4.02 5.21
C LEU A 58 -7.06 -3.48 4.61
N PHE A 59 -7.08 -2.99 3.36
CA PHE A 59 -5.90 -2.41 2.72
C PHE A 59 -5.26 -1.31 3.57
N LEU A 60 -6.02 -0.35 4.10
CA LEU A 60 -5.53 0.73 4.97
C LEU A 60 -4.73 0.19 6.16
N ILE A 61 -5.32 -0.72 6.95
CA ILE A 61 -4.67 -1.30 8.12
C ILE A 61 -3.45 -2.12 7.71
N ILE A 62 -3.60 -3.02 6.73
CA ILE A 62 -2.51 -3.87 6.24
C ILE A 62 -1.35 -3.02 5.75
N LEU A 63 -1.62 -1.96 4.98
CA LEU A 63 -0.63 -0.97 4.54
C LEU A 63 0.05 -0.32 5.73
N HIS A 64 -0.68 0.28 6.68
CA HIS A 64 -0.08 0.93 7.84
C HIS A 64 0.80 -0.04 8.65
N SER A 65 0.27 -1.23 8.98
CA SER A 65 0.99 -2.24 9.73
C SER A 65 2.25 -2.71 8.98
N ALA A 66 2.11 -3.11 7.72
CA ALA A 66 3.22 -3.54 6.88
C ALA A 66 4.28 -2.44 6.71
N LEU A 67 3.85 -1.19 6.45
CA LEU A 67 4.74 -0.02 6.36
C LEU A 67 5.57 0.13 7.62
N TYR A 68 4.91 0.31 8.77
CA TYR A 68 5.60 0.53 10.05
C TYR A 68 6.50 -0.67 10.40
N PHE A 69 5.99 -1.90 10.28
CA PHE A 69 6.75 -3.13 10.52
C PHE A 69 8.02 -3.20 9.66
N LYS A 70 7.90 -2.96 8.34
CA LYS A 70 9.05 -2.93 7.42
C LYS A 70 10.00 -1.79 7.74
N TYR A 71 9.48 -0.60 8.04
CA TYR A 71 10.29 0.57 8.42
C TYR A 71 11.12 0.30 9.69
N LEU A 72 10.56 -0.45 10.66
CA LEU A 72 11.29 -0.91 11.84
C LEU A 72 12.35 -1.98 11.49
N LEU A 73 11.97 -3.05 10.78
CA LEU A 73 12.91 -4.13 10.42
C LEU A 73 14.05 -3.63 9.52
N SER A 74 13.78 -2.62 8.67
CA SER A 74 14.74 -1.99 7.77
C SER A 74 16.01 -1.52 8.47
N ASN A 75 15.89 -0.90 9.66
CA ASN A 75 17.06 -0.51 10.47
C ASN A 75 17.73 -1.72 11.14
N TYR A 76 16.93 -2.67 11.68
CA TYR A 76 17.44 -3.89 12.30
C TYR A 76 18.31 -4.74 11.36
N SER A 77 17.92 -4.85 10.08
CA SER A 77 18.71 -5.52 9.04
C SER A 77 19.93 -4.68 8.64
N SER A 78 20.99 -4.73 9.47
CA SER A 78 22.29 -4.10 9.22
C SER A 78 23.38 -5.13 8.88
N VAL A 79 24.44 -4.63 8.24
CA VAL A 79 25.64 -5.36 7.84
C VAL A 79 26.75 -4.34 7.56
N THR A 80 27.95 -4.58 8.11
CA THR A 80 29.15 -3.79 7.82
C THR A 80 29.69 -4.07 6.40
N GLY A 1 10.54 -8.08 -8.84
CA GLY A 1 11.64 -8.96 -8.40
C GLY A 1 11.11 -10.36 -8.20
N ASN A 2 11.40 -11.29 -9.10
CA ASN A 2 11.02 -12.69 -8.95
C ASN A 2 12.00 -13.57 -9.74
N GLY A 3 12.23 -14.80 -9.26
CA GLY A 3 13.18 -15.74 -9.85
C GLY A 3 14.61 -15.53 -9.36
N SER A 4 15.50 -16.47 -9.72
CA SER A 4 16.93 -16.46 -9.41
C SER A 4 17.74 -16.57 -10.70
N THR A 5 18.94 -15.96 -10.74
CA THR A 5 19.85 -15.91 -11.90
C THR A 5 19.15 -15.54 -13.23
N ILE A 6 18.12 -14.69 -13.14
CA ILE A 6 17.32 -14.28 -14.29
C ILE A 6 18.08 -13.25 -15.12
N THR A 7 17.88 -13.30 -16.44
CA THR A 7 18.41 -12.33 -17.41
C THR A 7 18.01 -10.90 -17.09
N PHE A 8 18.76 -9.97 -17.68
CA PHE A 8 18.53 -8.53 -17.52
C PHE A 8 17.20 -8.08 -18.15
N ASP A 9 16.61 -8.85 -19.08
CA ASP A 9 15.33 -8.54 -19.72
C ASP A 9 14.21 -8.34 -18.69
N GLU A 10 13.96 -9.34 -17.84
CA GLU A 10 12.94 -9.29 -16.79
C GLU A 10 13.20 -8.16 -15.80
N LEU A 11 14.48 -7.88 -15.51
CA LEU A 11 14.94 -6.74 -14.71
C LEU A 11 14.55 -5.41 -15.37
N GLN A 12 15.02 -5.16 -16.60
CA GLN A 12 14.71 -3.94 -17.35
C GLN A 12 13.19 -3.73 -17.44
N GLY A 13 12.41 -4.80 -17.65
CA GLY A 13 10.95 -4.75 -17.64
C GLY A 13 10.36 -4.35 -16.28
N LEU A 14 10.81 -4.98 -15.18
CA LEU A 14 10.32 -4.66 -13.82
C LEU A 14 10.51 -3.18 -13.48
N VAL A 15 11.66 -2.60 -13.86
CA VAL A 15 11.97 -1.19 -13.62
C VAL A 15 11.32 -0.26 -14.64
N ASN A 16 11.05 -0.74 -15.86
CA ASN A 16 10.38 0.03 -16.93
C ASN A 16 9.02 0.54 -16.46
N SER A 17 8.16 -0.34 -15.94
CA SER A 17 6.82 0.05 -15.48
C SER A 17 6.13 -1.03 -14.61
N THR A 18 6.82 -1.56 -13.59
CA THR A 18 6.25 -2.59 -12.70
C THR A 18 6.50 -2.23 -11.23
N VAL A 19 7.77 -2.09 -10.81
CA VAL A 19 8.12 -1.66 -9.44
C VAL A 19 7.81 -0.18 -9.22
N THR A 20 8.18 0.69 -10.17
CA THR A 20 8.00 2.13 -10.06
C THR A 20 6.52 2.50 -9.98
N GLN A 21 5.67 1.74 -10.69
CA GLN A 21 4.23 1.95 -10.73
C GLN A 21 3.55 1.54 -9.41
N ALA A 22 4.13 0.59 -8.67
CA ALA A 22 3.62 0.14 -7.37
C ALA A 22 3.56 1.29 -6.35
N ILE A 23 4.62 2.09 -6.26
CA ILE A 23 4.68 3.26 -5.36
C ILE A 23 3.58 4.25 -5.73
N LEU A 24 3.47 4.61 -7.01
CA LEU A 24 2.48 5.56 -7.52
C LEU A 24 1.06 5.05 -7.24
N PHE A 25 0.76 3.82 -7.66
CA PHE A 25 -0.54 3.18 -7.47
C PHE A 25 -0.93 3.16 -5.99
N GLY A 26 -0.03 2.67 -5.11
CA GLY A 26 -0.22 2.64 -3.67
C GLY A 26 -0.45 4.02 -3.04
N VAL A 27 0.36 5.03 -3.42
CA VAL A 27 0.21 6.43 -2.97
C VAL A 27 -1.20 6.93 -3.26
N ARG A 28 -1.58 6.95 -4.55
CA ARG A 28 -2.88 7.48 -4.96
C ARG A 28 -4.03 6.65 -4.37
N SER A 29 -3.87 5.33 -4.32
CA SER A 29 -4.80 4.39 -3.68
C SER A 29 -5.08 4.76 -2.23
N GLY A 30 -4.03 4.87 -1.40
CA GLY A 30 -4.18 5.21 0.01
C GLY A 30 -4.80 6.58 0.25
N ALA A 31 -4.30 7.61 -0.44
CA ALA A 31 -4.85 8.96 -0.34
C ALA A 31 -6.31 9.04 -0.79
N ALA A 32 -6.63 8.47 -1.97
CA ALA A 32 -7.99 8.39 -2.50
C ALA A 32 -8.93 7.63 -1.56
N ALA A 33 -8.46 6.51 -0.99
CA ALA A 33 -9.23 5.76 0.00
C ALA A 33 -9.51 6.61 1.24
N LEU A 34 -8.47 7.25 1.82
CA LEU A 34 -8.59 8.12 2.99
C LEU A 34 -9.70 9.17 2.80
N THR A 35 -9.61 10.01 1.76
CA THR A 35 -10.62 11.04 1.49
C THR A 35 -12.03 10.44 1.37
N LEU A 36 -12.20 9.36 0.60
CA LEU A 36 -13.48 8.66 0.43
C LEU A 36 -14.11 8.31 1.79
N ILE A 37 -13.31 7.79 2.72
CA ILE A 37 -13.75 7.37 4.06
C ILE A 37 -14.29 8.59 4.81
N VAL A 38 -13.52 9.70 4.83
CA VAL A 38 -13.96 10.95 5.47
C VAL A 38 -15.33 11.38 4.92
N VAL A 39 -15.51 11.32 3.59
CA VAL A 39 -16.78 11.66 2.93
C VAL A 39 -17.90 10.73 3.39
N TRP A 40 -17.66 9.40 3.39
CA TRP A 40 -18.63 8.42 3.89
C TRP A 40 -19.07 8.72 5.33
N ILE A 41 -18.15 9.14 6.21
CA ILE A 41 -18.48 9.51 7.60
C ILE A 41 -19.35 10.77 7.63
N THR A 42 -18.84 11.91 7.13
CA THR A 42 -19.53 13.20 7.21
C THR A 42 -20.83 13.24 6.42
N SER A 43 -20.79 12.76 5.17
CA SER A 43 -21.93 12.70 4.26
C SER A 43 -22.85 11.51 4.54
N ARG A 44 -22.53 10.67 5.54
CA ARG A 44 -23.22 9.42 5.89
C ARG A 44 -23.58 8.60 4.65
N SER A 45 -22.60 8.43 3.74
CA SER A 45 -22.77 7.65 2.52
C SER A 45 -23.17 6.20 2.83
N ARG A 46 -23.63 5.48 1.82
CA ARG A 46 -24.07 4.09 1.96
C ARG A 46 -24.28 3.47 0.58
N LYS A 47 -24.75 2.21 0.57
CA LYS A 47 -25.05 1.46 -0.65
C LYS A 47 -23.86 1.31 -1.60
N THR A 48 -22.64 1.46 -1.06
CA THR A 48 -21.38 1.40 -1.79
C THR A 48 -21.08 -0.03 -2.25
N PRO A 49 -20.31 -0.20 -3.34
CA PRO A 49 -19.97 -1.50 -3.86
C PRO A 49 -19.02 -2.23 -2.90
N ILE A 50 -19.17 -3.56 -2.85
CA ILE A 50 -18.31 -4.46 -2.06
C ILE A 50 -16.81 -4.20 -2.28
N PHE A 51 -16.42 -3.94 -3.54
CA PHE A 51 -15.04 -3.66 -3.94
C PHE A 51 -14.48 -2.43 -3.21
N ILE A 52 -15.26 -1.33 -3.15
CA ILE A 52 -14.91 -0.12 -2.38
C ILE A 52 -14.67 -0.52 -0.91
N ILE A 53 -15.65 -1.17 -0.26
CA ILE A 53 -15.57 -1.49 1.17
C ILE A 53 -14.40 -2.43 1.47
N ASN A 54 -14.14 -3.40 0.59
CA ASN A 54 -13.02 -4.31 0.70
C ASN A 54 -11.70 -3.53 0.74
N GLN A 55 -11.44 -2.71 -0.29
CA GLN A 55 -10.25 -1.85 -0.37
C GLN A 55 -10.12 -0.93 0.85
N VAL A 56 -11.24 -0.34 1.31
CA VAL A 56 -11.30 0.49 2.51
C VAL A 56 -10.81 -0.29 3.73
N SER A 57 -11.56 -1.30 4.19
CA SER A 57 -11.22 -2.05 5.41
C SER A 57 -9.81 -2.60 5.34
N LEU A 58 -9.45 -3.25 4.22
CA LEU A 58 -8.08 -3.72 3.96
C LEU A 58 -7.05 -2.62 4.18
N PHE A 59 -7.23 -1.45 3.56
CA PHE A 59 -6.34 -0.30 3.72
C PHE A 59 -6.15 0.08 5.19
N LEU A 60 -7.23 0.18 5.99
CA LEU A 60 -7.14 0.51 7.42
C LEU A 60 -6.22 -0.46 8.19
N ILE A 61 -6.49 -1.77 8.08
CA ILE A 61 -5.68 -2.78 8.76
C ILE A 61 -4.23 -2.78 8.23
N ILE A 62 -4.06 -2.84 6.91
CA ILE A 62 -2.75 -2.85 6.25
C ILE A 62 -1.92 -1.63 6.67
N LEU A 63 -2.54 -0.44 6.72
CA LEU A 63 -1.96 0.78 7.26
C LEU A 63 -1.44 0.56 8.68
N HIS A 64 -2.31 0.16 9.61
CA HIS A 64 -1.91 -0.01 11.01
C HIS A 64 -0.81 -1.07 11.16
N SER A 65 -0.94 -2.22 10.48
CA SER A 65 0.06 -3.29 10.49
C SER A 65 1.41 -2.81 9.94
N ALA A 66 1.44 -2.18 8.75
CA ALA A 66 2.65 -1.64 8.16
C ALA A 66 3.29 -0.57 9.05
N LEU A 67 2.49 0.36 9.59
CA LEU A 67 2.96 1.35 10.56
C LEU A 67 3.60 0.66 11.77
N TYR A 68 2.92 -0.32 12.38
CA TYR A 68 3.47 -1.03 13.53
C TYR A 68 4.80 -1.70 13.19
N PHE A 69 4.90 -2.34 12.02
CA PHE A 69 6.14 -2.97 11.53
C PHE A 69 7.29 -1.97 11.36
N LYS A 70 7.06 -0.82 10.71
CA LYS A 70 8.10 0.22 10.63
C LYS A 70 8.42 0.84 12.00
N TYR A 71 7.43 0.97 12.90
CA TYR A 71 7.60 1.54 14.24
C TYR A 71 8.43 0.65 15.17
N LEU A 72 8.27 -0.68 15.09
CA LEU A 72 9.10 -1.61 15.85
C LEU A 72 10.50 -1.74 15.24
N LEU A 73 10.61 -1.78 13.90
CA LEU A 73 11.91 -1.93 13.23
C LEU A 73 12.76 -0.64 13.30
N SER A 74 12.13 0.54 13.31
CA SER A 74 12.82 1.84 13.34
C SER A 74 13.72 1.97 14.56
N ASN A 75 13.28 1.50 15.73
CA ASN A 75 14.07 1.46 16.97
C ASN A 75 15.08 0.30 16.99
N TYR A 76 14.75 -0.85 16.37
CA TYR A 76 15.69 -1.98 16.27
C TYR A 76 16.95 -1.64 15.46
N SER A 77 16.90 -0.62 14.59
CA SER A 77 18.03 -0.12 13.82
C SER A 77 18.37 1.33 14.17
N SER A 78 19.41 1.87 13.54
CA SER A 78 19.80 3.28 13.67
C SER A 78 18.94 4.14 12.74
N VAL A 79 17.83 4.71 13.25
CA VAL A 79 16.95 5.63 12.52
C VAL A 79 16.64 6.87 13.36
N THR A 80 17.47 7.91 13.22
CA THR A 80 17.32 9.23 13.85
C THR A 80 16.28 10.09 13.12
N GLY A 1 9.55 -12.64 1.77
CA GLY A 1 10.21 -13.64 0.90
C GLY A 1 11.47 -14.17 1.58
N ASN A 2 11.73 -15.48 1.48
CA ASN A 2 12.88 -16.15 2.09
C ASN A 2 13.35 -17.29 1.18
N GLY A 3 14.61 -17.25 0.73
CA GLY A 3 15.24 -18.31 -0.07
C GLY A 3 14.75 -18.36 -1.52
N SER A 4 15.56 -17.84 -2.45
CA SER A 4 15.21 -17.73 -3.87
C SER A 4 16.45 -18.00 -4.74
N THR A 5 16.36 -19.05 -5.57
CA THR A 5 17.40 -19.47 -6.53
C THR A 5 17.10 -19.02 -7.97
N ILE A 6 16.20 -18.03 -8.11
CA ILE A 6 15.82 -17.48 -9.40
C ILE A 6 16.96 -16.60 -9.94
N THR A 7 17.07 -16.52 -11.26
CA THR A 7 18.00 -15.65 -11.99
C THR A 7 17.79 -14.16 -11.70
N PHE A 8 18.66 -13.29 -12.21
CA PHE A 8 18.54 -11.84 -12.05
C PHE A 8 17.36 -11.21 -12.84
N ASP A 9 16.68 -11.98 -13.70
CA ASP A 9 15.51 -11.53 -14.45
C ASP A 9 14.33 -11.12 -13.56
N GLU A 10 14.06 -11.86 -12.47
CA GLU A 10 13.00 -11.49 -11.51
C GLU A 10 13.19 -10.08 -10.93
N LEU A 11 14.45 -9.69 -10.69
CA LEU A 11 14.81 -8.36 -10.20
C LEU A 11 14.48 -7.30 -11.25
N GLN A 12 15.02 -7.46 -12.46
CA GLN A 12 14.73 -6.54 -13.58
C GLN A 12 13.21 -6.41 -13.81
N GLY A 13 12.46 -7.51 -13.72
CA GLY A 13 11.00 -7.51 -13.81
C GLY A 13 10.30 -6.75 -12.69
N LEU A 14 10.67 -7.00 -11.42
CA LEU A 14 10.04 -6.31 -10.28
C LEU A 14 10.18 -4.77 -10.39
N VAL A 15 11.35 -4.30 -10.84
CA VAL A 15 11.62 -2.85 -11.01
C VAL A 15 11.10 -2.32 -12.34
N ASN A 16 10.97 -3.15 -13.37
CA ASN A 16 10.45 -2.79 -14.69
C ASN A 16 9.05 -2.16 -14.58
N SER A 17 8.12 -2.85 -13.90
CA SER A 17 6.75 -2.38 -13.72
C SER A 17 5.99 -3.21 -12.65
N THR A 18 6.57 -3.38 -11.46
CA THR A 18 5.91 -4.10 -10.35
C THR A 18 6.00 -3.32 -9.03
N VAL A 19 7.19 -2.81 -8.67
CA VAL A 19 7.39 -1.94 -7.50
C VAL A 19 6.92 -0.52 -7.79
N THR A 20 7.43 0.12 -8.87
CA THR A 20 7.11 1.52 -9.19
C THR A 20 5.59 1.79 -9.15
N GLN A 21 4.82 0.85 -9.71
CA GLN A 21 3.36 0.87 -9.70
C GLN A 21 2.75 0.80 -8.28
N ALA A 22 3.34 0.02 -7.36
CA ALA A 22 2.86 -0.13 -5.99
C ALA A 22 2.80 1.23 -5.27
N ILE A 23 3.89 2.02 -5.37
CA ILE A 23 3.94 3.37 -4.79
C ILE A 23 2.81 4.23 -5.36
N LEU A 24 2.72 4.35 -6.69
CA LEU A 24 1.73 5.16 -7.38
C LEU A 24 0.31 4.76 -6.96
N PHE A 25 0.00 3.46 -7.03
CA PHE A 25 -1.27 2.88 -6.64
C PHE A 25 -1.62 3.23 -5.20
N GLY A 26 -0.71 2.98 -4.25
CA GLY A 26 -0.89 3.33 -2.84
C GLY A 26 -1.17 4.82 -2.61
N VAL A 27 -0.49 5.71 -3.35
CA VAL A 27 -0.69 7.16 -3.27
C VAL A 27 -2.10 7.55 -3.71
N ARG A 28 -2.44 7.29 -4.99
CA ARG A 28 -3.76 7.62 -5.56
C ARG A 28 -4.88 6.98 -4.74
N SER A 29 -4.69 5.72 -4.34
CA SER A 29 -5.64 4.97 -3.53
C SER A 29 -5.79 5.60 -2.15
N GLY A 30 -4.71 5.98 -1.48
CA GLY A 30 -4.75 6.64 -0.17
C GLY A 30 -5.56 7.93 -0.21
N ALA A 31 -5.28 8.82 -1.18
CA ALA A 31 -5.99 10.08 -1.34
C ALA A 31 -7.48 9.86 -1.69
N ALA A 32 -7.75 9.05 -2.74
CA ALA A 32 -9.11 8.71 -3.15
C ALA A 32 -9.89 8.02 -2.03
N ALA A 33 -9.25 7.14 -1.25
CA ALA A 33 -9.87 6.49 -0.11
C ALA A 33 -10.21 7.50 1.00
N LEU A 34 -9.25 8.35 1.39
CA LEU A 34 -9.44 9.39 2.39
C LEU A 34 -10.68 10.24 2.08
N THR A 35 -10.74 10.87 0.91
CA THR A 35 -11.90 11.69 0.51
C THR A 35 -13.20 10.89 0.56
N LEU A 36 -13.20 9.62 0.11
CA LEU A 36 -14.36 8.71 0.17
C LEU A 36 -14.87 8.56 1.60
N ILE A 37 -13.95 8.40 2.57
CA ILE A 37 -14.31 8.18 3.97
C ILE A 37 -14.97 9.46 4.51
N VAL A 38 -14.37 10.64 4.24
CA VAL A 38 -14.91 11.92 4.67
C VAL A 38 -16.33 12.14 4.13
N VAL A 39 -16.53 12.01 2.81
CA VAL A 39 -17.85 12.10 2.17
C VAL A 39 -18.81 11.05 2.73
N TRP A 40 -18.37 9.79 2.90
CA TRP A 40 -19.21 8.73 3.43
C TRP A 40 -19.72 9.03 4.84
N ILE A 41 -18.89 9.62 5.72
CA ILE A 41 -19.30 10.10 7.04
C ILE A 41 -20.30 11.26 6.94
N THR A 42 -19.93 12.40 6.32
CA THR A 42 -20.78 13.60 6.27
C THR A 42 -22.08 13.39 5.49
N SER A 43 -22.02 12.71 4.35
CA SER A 43 -23.17 12.36 3.53
C SER A 43 -23.90 11.10 4.05
N ARG A 44 -23.38 10.43 5.08
CA ARG A 44 -23.91 9.18 5.66
C ARG A 44 -24.29 8.16 4.59
N SER A 45 -23.39 7.96 3.62
CA SER A 45 -23.64 7.08 2.47
C SER A 45 -23.96 5.66 2.94
N ARG A 46 -24.94 5.03 2.29
CA ARG A 46 -25.42 3.69 2.66
C ARG A 46 -25.46 2.72 1.48
N LYS A 47 -24.88 3.14 0.35
CA LYS A 47 -24.87 2.45 -0.95
C LYS A 47 -23.53 2.66 -1.64
N THR A 48 -22.52 1.94 -1.19
CA THR A 48 -21.15 1.97 -1.73
C THR A 48 -20.72 0.60 -2.24
N PRO A 49 -19.82 0.54 -3.23
CA PRO A 49 -19.32 -0.72 -3.78
C PRO A 49 -18.45 -1.45 -2.75
N ILE A 50 -18.79 -2.72 -2.47
CA ILE A 50 -18.03 -3.61 -1.57
C ILE A 50 -16.53 -3.61 -1.86
N PHE A 51 -16.14 -3.59 -3.15
CA PHE A 51 -14.74 -3.57 -3.58
C PHE A 51 -13.98 -2.40 -2.98
N ILE A 52 -14.59 -1.20 -2.98
CA ILE A 52 -14.04 0.00 -2.37
C ILE A 52 -13.87 -0.20 -0.87
N ILE A 53 -14.96 -0.50 -0.15
CA ILE A 53 -14.94 -0.62 1.32
C ILE A 53 -13.93 -1.68 1.77
N ASN A 54 -13.88 -2.81 1.06
CA ASN A 54 -12.91 -3.89 1.30
C ASN A 54 -11.47 -3.41 1.12
N GLN A 55 -11.17 -2.75 -0.02
CA GLN A 55 -9.85 -2.14 -0.26
C GLN A 55 -9.45 -1.19 0.86
N VAL A 56 -10.37 -0.31 1.31
CA VAL A 56 -10.12 0.62 2.42
C VAL A 56 -9.66 -0.15 3.66
N SER A 57 -10.47 -1.09 4.17
CA SER A 57 -10.16 -1.84 5.38
C SER A 57 -8.81 -2.56 5.26
N LEU A 58 -8.60 -3.34 4.20
CA LEU A 58 -7.33 -4.02 3.89
C LEU A 58 -6.13 -3.07 3.95
N PHE A 59 -6.21 -1.92 3.27
CA PHE A 59 -5.15 -0.90 3.27
C PHE A 59 -4.76 -0.45 4.68
N LEU A 60 -5.75 -0.18 5.55
CA LEU A 60 -5.53 0.20 6.94
C LEU A 60 -4.71 -0.88 7.69
N ILE A 61 -4.97 -2.16 7.42
CA ILE A 61 -4.25 -3.29 8.04
C ILE A 61 -2.79 -3.31 7.58
N ILE A 62 -2.55 -3.26 6.26
CA ILE A 62 -1.20 -3.27 5.68
C ILE A 62 -0.37 -2.14 6.30
N LEU A 63 -0.95 -0.93 6.38
CA LEU A 63 -0.37 0.20 7.07
C LEU A 63 -0.09 -0.10 8.56
N HIS A 64 -1.07 -0.57 9.33
CA HIS A 64 -0.92 -0.88 10.75
C HIS A 64 0.20 -1.90 11.01
N SER A 65 0.15 -3.06 10.33
CA SER A 65 1.16 -4.12 10.45
C SER A 65 2.55 -3.62 10.03
N ALA A 66 2.65 -2.95 8.87
CA ALA A 66 3.92 -2.39 8.40
C ALA A 66 4.48 -1.33 9.38
N LEU A 67 3.63 -0.46 9.91
CA LEU A 67 4.00 0.52 10.93
C LEU A 67 4.59 -0.15 12.16
N TYR A 68 3.83 -1.03 12.82
CA TYR A 68 4.28 -1.69 14.04
C TYR A 68 5.58 -2.47 13.79
N PHE A 69 5.64 -3.27 12.72
CA PHE A 69 6.83 -4.02 12.34
C PHE A 69 8.07 -3.13 12.17
N LYS A 70 7.95 -2.05 11.37
CA LYS A 70 9.03 -1.07 11.18
C LYS A 70 9.39 -0.35 12.48
N TYR A 71 8.41 0.03 13.28
CA TYR A 71 8.62 0.68 14.59
C TYR A 71 9.42 -0.23 15.54
N LEU A 72 9.17 -1.54 15.51
CA LEU A 72 9.95 -2.52 16.27
C LEU A 72 11.38 -2.65 15.73
N LEU A 73 11.55 -2.87 14.41
CA LEU A 73 12.88 -3.00 13.80
C LEU A 73 13.71 -1.70 13.92
N SER A 74 13.05 -0.52 13.92
CA SER A 74 13.68 0.79 14.03
C SER A 74 14.60 0.86 15.24
N ASN A 75 14.11 0.44 16.42
CA ASN A 75 14.89 0.49 17.64
C ASN A 75 16.15 -0.39 17.58
N TYR A 76 16.04 -1.59 16.99
CA TYR A 76 17.17 -2.50 16.75
C TYR A 76 18.28 -1.88 15.90
N SER A 77 17.96 -0.90 15.03
CA SER A 77 18.92 -0.22 14.18
C SER A 77 18.74 1.31 14.23
N SER A 78 18.77 1.86 15.45
CA SER A 78 18.67 3.30 15.71
C SER A 78 20.03 3.90 16.07
N VAL A 79 20.29 5.11 15.57
CA VAL A 79 21.52 5.90 15.75
C VAL A 79 21.20 7.41 15.65
N THR A 80 21.21 8.10 16.80
CA THR A 80 21.01 9.56 16.89
C THR A 80 22.04 10.40 16.13
N GLY A 1 10.63 -21.32 -6.88
CA GLY A 1 11.65 -20.24 -6.86
C GLY A 1 12.44 -20.33 -5.57
N ASN A 2 13.77 -20.26 -5.68
CA ASN A 2 14.73 -20.33 -4.57
C ASN A 2 16.07 -19.73 -5.03
N GLY A 3 16.85 -19.17 -4.09
CA GLY A 3 18.14 -18.53 -4.39
C GLY A 3 18.07 -17.38 -5.39
N SER A 4 19.24 -16.95 -5.87
CA SER A 4 19.40 -15.87 -6.85
C SER A 4 20.16 -16.36 -8.09
N THR A 5 19.46 -17.11 -8.95
CA THR A 5 19.97 -17.74 -10.18
C THR A 5 19.26 -17.21 -11.44
N ILE A 6 18.75 -15.99 -11.39
CA ILE A 6 18.06 -15.32 -12.50
C ILE A 6 18.99 -14.26 -13.12
N THR A 7 18.77 -13.94 -14.40
CA THR A 7 19.45 -12.86 -15.14
C THR A 7 19.15 -11.47 -14.55
N PHE A 8 19.78 -10.42 -15.08
CA PHE A 8 19.51 -9.03 -14.66
C PHE A 8 18.21 -8.44 -15.27
N ASP A 9 17.61 -9.11 -16.26
CA ASP A 9 16.39 -8.65 -16.94
C ASP A 9 15.21 -8.44 -15.95
N GLU A 10 15.13 -9.25 -14.88
CA GLU A 10 14.16 -9.06 -13.80
C GLU A 10 14.26 -7.67 -13.18
N LEU A 11 15.47 -7.25 -12.77
CA LEU A 11 15.76 -5.96 -12.14
C LEU A 11 15.40 -4.81 -13.06
N GLN A 12 15.74 -4.93 -14.34
CA GLN A 12 15.40 -3.95 -15.39
C GLN A 12 13.88 -3.73 -15.43
N GLY A 13 13.10 -4.78 -15.73
CA GLY A 13 11.64 -4.69 -15.77
C GLY A 13 11.03 -4.21 -14.44
N LEU A 14 11.60 -4.65 -13.32
CA LEU A 14 11.21 -4.26 -11.97
C LEU A 14 11.25 -2.74 -11.74
N VAL A 15 12.45 -2.15 -11.84
CA VAL A 15 12.60 -0.70 -11.62
C VAL A 15 11.98 0.14 -12.75
N ASN A 16 11.88 -0.42 -13.96
CA ASN A 16 11.21 0.18 -15.10
C ASN A 16 9.74 0.49 -14.80
N SER A 17 8.95 -0.52 -14.40
CA SER A 17 7.49 -0.36 -14.23
C SER A 17 6.85 -1.37 -13.28
N THR A 18 7.50 -1.66 -12.14
CA THR A 18 6.95 -2.54 -11.10
C THR A 18 7.14 -1.91 -9.71
N VAL A 19 8.40 -1.68 -9.29
CA VAL A 19 8.67 -1.10 -7.96
C VAL A 19 8.12 0.34 -7.87
N THR A 20 8.29 1.13 -8.93
CA THR A 20 7.85 2.53 -8.99
C THR A 20 6.33 2.64 -8.89
N GLN A 21 5.59 1.67 -9.45
CA GLN A 21 4.13 1.65 -9.44
C GLN A 21 3.58 1.43 -8.02
N ALA A 22 4.31 0.70 -7.18
CA ALA A 22 3.92 0.38 -5.80
C ALA A 22 3.75 1.65 -4.95
N ILE A 23 4.73 2.57 -5.00
CA ILE A 23 4.69 3.86 -4.30
C ILE A 23 3.45 4.65 -4.75
N LEU A 24 3.31 4.85 -6.07
CA LEU A 24 2.21 5.59 -6.69
C LEU A 24 0.86 5.04 -6.24
N PHE A 25 0.68 3.72 -6.32
CA PHE A 25 -0.53 3.00 -5.93
C PHE A 25 -0.83 3.20 -4.44
N GLY A 26 0.16 3.02 -3.55
CA GLY A 26 0.02 3.25 -2.12
C GLY A 26 -0.43 4.68 -1.78
N VAL A 27 0.13 5.69 -2.47
CA VAL A 27 -0.23 7.11 -2.29
C VAL A 27 -1.70 7.34 -2.63
N ARG A 28 -2.08 7.10 -3.89
CA ARG A 28 -3.47 7.27 -4.34
C ARG A 28 -4.45 6.37 -3.58
N SER A 29 -4.02 5.18 -3.14
CA SER A 29 -4.79 4.28 -2.28
C SER A 29 -5.22 4.97 -0.97
N GLY A 30 -4.24 5.33 -0.12
CA GLY A 30 -4.53 5.94 1.18
C GLY A 30 -5.30 7.27 1.02
N ALA A 31 -4.93 8.09 0.03
CA ALA A 31 -5.61 9.34 -0.27
C ALA A 31 -7.07 9.11 -0.71
N ALA A 32 -7.30 8.22 -1.69
CA ALA A 32 -8.63 7.85 -2.17
C ALA A 32 -9.50 7.27 -1.04
N ALA A 33 -8.93 6.42 -0.18
CA ALA A 33 -9.64 5.93 1.01
C ALA A 33 -10.00 7.06 1.98
N LEU A 34 -9.05 7.93 2.35
CA LEU A 34 -9.32 9.08 3.22
C LEU A 34 -10.44 9.97 2.68
N THR A 35 -10.39 10.37 1.40
CA THR A 35 -11.46 11.17 0.78
C THR A 35 -12.81 10.43 0.80
N LEU A 36 -12.83 9.12 0.48
CA LEU A 36 -14.07 8.33 0.51
C LEU A 36 -14.65 8.25 1.93
N ILE A 37 -13.81 8.14 2.97
CA ILE A 37 -14.26 8.04 4.36
C ILE A 37 -14.86 9.38 4.79
N VAL A 38 -14.10 10.47 4.67
CA VAL A 38 -14.58 11.80 5.09
C VAL A 38 -15.86 12.19 4.34
N VAL A 39 -15.90 11.96 3.01
CA VAL A 39 -17.08 12.24 2.18
C VAL A 39 -18.26 11.33 2.56
N TRP A 40 -18.03 10.04 2.80
CA TRP A 40 -19.08 9.12 3.22
C TRP A 40 -19.74 9.56 4.53
N ILE A 41 -18.95 10.06 5.50
CA ILE A 41 -19.48 10.56 6.77
C ILE A 41 -20.29 11.84 6.56
N THR A 42 -19.72 12.88 5.94
CA THR A 42 -20.42 14.17 5.75
C THR A 42 -21.61 14.07 4.79
N SER A 43 -21.41 13.42 3.64
CA SER A 43 -22.43 13.21 2.60
C SER A 43 -23.41 12.10 2.94
N ARG A 44 -23.12 11.27 3.96
CA ARG A 44 -23.93 10.16 4.47
C ARG A 44 -24.38 9.24 3.33
N SER A 45 -23.41 8.74 2.55
CA SER A 45 -23.67 7.91 1.36
C SER A 45 -24.60 6.74 1.73
N ARG A 46 -25.74 6.63 1.05
CA ARG A 46 -26.74 5.57 1.24
C ARG A 46 -26.14 4.17 1.45
N LYS A 47 -25.16 3.80 0.62
CA LYS A 47 -24.38 2.57 0.64
C LYS A 47 -23.20 2.70 -0.33
N THR A 48 -22.20 1.83 -0.18
CA THR A 48 -21.01 1.75 -1.04
C THR A 48 -20.87 0.32 -1.59
N PRO A 49 -20.14 0.14 -2.72
CA PRO A 49 -19.93 -1.18 -3.31
C PRO A 49 -19.03 -2.03 -2.41
N ILE A 50 -19.29 -3.34 -2.40
CA ILE A 50 -18.48 -4.34 -1.67
C ILE A 50 -16.98 -4.21 -1.96
N PHE A 51 -16.62 -3.94 -3.21
CA PHE A 51 -15.24 -3.78 -3.66
C PHE A 51 -14.53 -2.62 -2.94
N ILE A 52 -15.21 -1.48 -2.76
CA ILE A 52 -14.73 -0.36 -1.94
C ILE A 52 -14.48 -0.84 -0.51
N ILE A 53 -15.49 -1.40 0.16
CA ILE A 53 -15.42 -1.79 1.58
C ILE A 53 -14.30 -2.81 1.84
N ASN A 54 -14.20 -3.82 0.98
CA ASN A 54 -13.17 -4.86 1.04
C ASN A 54 -11.77 -4.23 0.95
N GLN A 55 -11.57 -3.35 -0.04
CA GLN A 55 -10.33 -2.58 -0.20
C GLN A 55 -10.00 -1.80 1.06
N VAL A 56 -10.97 -1.05 1.62
CA VAL A 56 -10.77 -0.29 2.87
C VAL A 56 -10.23 -1.22 3.96
N SER A 57 -10.92 -2.32 4.25
CA SER A 57 -10.50 -3.25 5.31
C SER A 57 -9.07 -3.76 5.08
N LEU A 58 -8.80 -4.34 3.90
CA LEU A 58 -7.47 -4.81 3.54
C LEU A 58 -6.41 -3.70 3.71
N PHE A 59 -6.58 -2.57 3.00
CA PHE A 59 -5.64 -1.44 3.08
C PHE A 59 -5.40 -0.98 4.52
N LEU A 60 -6.44 -0.83 5.35
CA LEU A 60 -6.35 -0.44 6.76
C LEU A 60 -5.42 -1.37 7.56
N ILE A 61 -5.72 -2.68 7.57
CA ILE A 61 -4.91 -3.65 8.31
C ILE A 61 -3.48 -3.71 7.74
N ILE A 62 -3.33 -3.80 6.42
CA ILE A 62 -2.04 -3.84 5.74
C ILE A 62 -1.20 -2.60 6.10
N LEU A 63 -1.82 -1.42 6.08
CA LEU A 63 -1.21 -0.18 6.56
C LEU A 63 -0.75 -0.30 8.00
N HIS A 64 -1.63 -0.69 8.94
CA HIS A 64 -1.27 -0.80 10.35
C HIS A 64 -0.09 -1.77 10.56
N SER A 65 -0.15 -2.95 9.93
CA SER A 65 0.90 -3.97 9.98
C SER A 65 2.23 -3.44 9.45
N ALA A 66 2.25 -2.93 8.21
CA ALA A 66 3.45 -2.40 7.56
C ALA A 66 4.02 -1.19 8.30
N LEU A 67 3.16 -0.30 8.80
CA LEU A 67 3.53 0.85 9.63
C LEU A 67 4.23 0.39 10.91
N TYR A 68 3.58 -0.46 11.72
CA TYR A 68 4.17 -0.94 12.96
C TYR A 68 5.48 -1.69 12.70
N PHE A 69 5.54 -2.50 11.64
CA PHE A 69 6.77 -3.18 11.22
C PHE A 69 7.93 -2.19 11.00
N LYS A 70 7.75 -1.19 10.12
CA LYS A 70 8.78 -0.18 9.88
C LYS A 70 9.14 0.59 11.15
N TYR A 71 8.19 0.82 12.05
CA TYR A 71 8.36 1.52 13.32
C TYR A 71 9.16 0.71 14.35
N LEU A 72 9.08 -0.62 14.31
CA LEU A 72 9.92 -1.50 15.11
C LEU A 72 11.34 -1.59 14.53
N LEU A 73 11.48 -1.77 13.20
CA LEU A 73 12.79 -1.86 12.56
C LEU A 73 13.57 -0.53 12.61
N SER A 74 12.88 0.62 12.48
CA SER A 74 13.49 1.96 12.42
C SER A 74 14.37 2.27 13.62
N ASN A 75 13.95 1.85 14.82
CA ASN A 75 14.70 2.01 16.05
C ASN A 75 15.91 1.07 16.09
N TYR A 76 15.71 -0.21 15.74
CA TYR A 76 16.78 -1.22 15.67
C TYR A 76 17.91 -0.80 14.73
N SER A 77 17.59 -0.43 13.48
CA SER A 77 18.59 0.05 12.53
C SER A 77 17.97 1.02 11.51
N SER A 78 18.73 2.02 11.06
CA SER A 78 18.26 3.07 10.17
C SER A 78 19.26 3.33 9.04
N VAL A 79 18.94 2.83 7.84
CA VAL A 79 19.78 2.94 6.64
C VAL A 79 18.94 2.65 5.39
N THR A 80 18.91 3.58 4.43
CA THR A 80 18.28 3.43 3.10
C THR A 80 19.34 3.36 1.99
N GLY A 1 2.62 -14.66 -16.03
CA GLY A 1 3.74 -13.90 -15.46
C GLY A 1 4.68 -14.81 -14.69
N ASN A 2 5.65 -15.40 -15.38
CA ASN A 2 6.71 -16.25 -14.82
C ASN A 2 8.00 -16.09 -15.65
N GLY A 3 9.12 -16.50 -15.07
CA GLY A 3 10.44 -16.51 -15.72
C GLY A 3 11.54 -16.76 -14.68
N SER A 4 12.71 -17.16 -15.14
CA SER A 4 13.91 -17.39 -14.31
C SER A 4 15.16 -17.15 -15.17
N THR A 5 16.31 -16.87 -14.54
CA THR A 5 17.60 -16.59 -15.20
C THR A 5 17.52 -15.57 -16.36
N ILE A 6 16.52 -14.68 -16.31
CA ILE A 6 16.27 -13.71 -17.38
C ILE A 6 17.39 -12.66 -17.39
N THR A 7 17.62 -12.07 -18.56
CA THR A 7 18.52 -10.93 -18.78
C THR A 7 18.21 -9.77 -17.85
N PHE A 8 19.19 -8.88 -17.68
CA PHE A 8 19.05 -7.67 -16.86
C PHE A 8 17.99 -6.67 -17.39
N ASP A 9 17.52 -6.85 -18.64
CA ASP A 9 16.46 -6.06 -19.29
C ASP A 9 15.20 -5.91 -18.42
N GLU A 10 14.84 -6.97 -17.67
CA GLU A 10 13.73 -6.94 -16.72
C GLU A 10 13.95 -5.82 -15.70
N LEU A 11 15.07 -5.85 -14.98
CA LEU A 11 15.44 -4.85 -13.98
C LEU A 11 15.53 -3.44 -14.58
N GLN A 12 16.05 -3.32 -15.81
CA GLN A 12 16.11 -2.06 -16.54
C GLN A 12 14.70 -1.46 -16.66
N GLY A 13 13.79 -2.14 -17.38
CA GLY A 13 12.42 -1.67 -17.57
C GLY A 13 11.64 -1.50 -16.25
N LEU A 14 11.91 -2.36 -15.27
CA LEU A 14 11.35 -2.32 -13.91
C LEU A 14 11.59 -0.96 -13.23
N VAL A 15 12.85 -0.64 -12.92
CA VAL A 15 13.17 0.62 -12.24
C VAL A 15 12.96 1.85 -13.12
N ASN A 16 13.05 1.68 -14.45
CA ASN A 16 12.75 2.72 -15.44
C ASN A 16 11.34 3.31 -15.24
N SER A 17 10.29 2.48 -15.40
CA SER A 17 8.89 2.94 -15.32
C SER A 17 7.92 1.84 -14.89
N THR A 18 8.23 1.10 -13.82
CA THR A 18 7.33 0.09 -13.24
C THR A 18 7.34 0.13 -11.72
N VAL A 19 8.51 -0.05 -11.08
CA VAL A 19 8.62 -0.03 -9.63
C VAL A 19 8.24 1.35 -9.06
N THR A 20 8.62 2.43 -9.76
CA THR A 20 8.38 3.82 -9.34
C THR A 20 6.88 4.13 -9.31
N GLN A 21 6.12 3.55 -10.25
CA GLN A 21 4.67 3.74 -10.35
C GLN A 21 3.92 3.15 -9.14
N ALA A 22 4.47 2.08 -8.55
CA ALA A 22 3.89 1.40 -7.39
C ALA A 22 3.77 2.32 -6.17
N ILE A 23 4.86 3.03 -5.83
CA ILE A 23 4.90 3.99 -4.73
C ILE A 23 3.84 5.08 -4.96
N LEU A 24 3.84 5.69 -6.15
CA LEU A 24 2.90 6.75 -6.53
C LEU A 24 1.46 6.28 -6.37
N PHE A 25 1.12 5.09 -6.91
CA PHE A 25 -0.21 4.49 -6.82
C PHE A 25 -0.61 4.28 -5.36
N GLY A 26 0.24 3.62 -4.55
CA GLY A 26 -0.03 3.39 -3.13
C GLY A 26 -0.27 4.67 -2.32
N VAL A 27 0.42 5.77 -2.66
CA VAL A 27 0.24 7.08 -2.02
C VAL A 27 -1.14 7.66 -2.33
N ARG A 28 -1.41 7.94 -3.62
CA ARG A 28 -2.70 8.52 -4.06
C ARG A 28 -3.87 7.63 -3.66
N SER A 29 -3.72 6.31 -3.83
CA SER A 29 -4.69 5.32 -3.39
C SER A 29 -4.91 5.41 -1.89
N GLY A 30 -3.86 5.33 -1.05
CA GLY A 30 -3.99 5.40 0.40
C GLY A 30 -4.75 6.64 0.89
N ALA A 31 -4.37 7.83 0.39
CA ALA A 31 -5.05 9.08 0.73
C ALA A 31 -6.50 9.10 0.24
N ALA A 32 -6.71 8.88 -1.08
CA ALA A 32 -8.04 8.83 -1.70
C ALA A 32 -8.96 7.78 -1.06
N ALA A 33 -8.40 6.67 -0.60
CA ALA A 33 -9.12 5.62 0.10
C ALA A 33 -9.56 6.06 1.50
N LEU A 34 -8.65 6.61 2.32
CA LEU A 34 -9.01 7.16 3.64
C LEU A 34 -10.18 8.15 3.52
N THR A 35 -10.03 9.19 2.69
CA THR A 35 -11.10 10.20 2.52
C THR A 35 -12.43 9.57 2.08
N LEU A 36 -12.40 8.57 1.18
CA LEU A 36 -13.60 7.86 0.73
C LEU A 36 -14.34 7.21 1.91
N ILE A 37 -13.59 6.62 2.86
CA ILE A 37 -14.16 6.00 4.05
C ILE A 37 -14.83 7.09 4.89
N VAL A 38 -14.14 8.21 5.14
CA VAL A 38 -14.68 9.31 5.95
C VAL A 38 -15.97 9.88 5.33
N VAL A 39 -15.93 10.34 4.07
CA VAL A 39 -17.11 10.88 3.38
C VAL A 39 -18.27 9.87 3.42
N TRP A 40 -18.00 8.58 3.22
CA TRP A 40 -19.04 7.57 3.28
C TRP A 40 -19.50 7.24 4.72
N ILE A 41 -18.67 7.47 5.75
CA ILE A 41 -19.02 7.31 7.17
C ILE A 41 -20.04 8.37 7.61
N THR A 42 -19.92 9.60 7.11
CA THR A 42 -20.75 10.75 7.50
C THR A 42 -21.77 11.13 6.42
N SER A 43 -21.30 11.55 5.24
CA SER A 43 -22.15 11.97 4.12
C SER A 43 -22.92 10.79 3.54
N ARG A 44 -22.36 9.57 3.64
CA ARG A 44 -22.92 8.31 3.12
C ARG A 44 -23.33 8.41 1.64
N SER A 45 -22.67 9.32 0.90
CA SER A 45 -22.90 9.55 -0.52
C SER A 45 -22.82 8.25 -1.30
N ARG A 46 -23.55 8.19 -2.42
CA ARG A 46 -23.56 7.07 -3.38
C ARG A 46 -22.15 6.75 -3.90
N LYS A 47 -21.48 5.81 -3.25
CA LYS A 47 -20.11 5.37 -3.56
C LYS A 47 -20.09 3.87 -3.81
N THR A 48 -18.90 3.28 -3.76
CA THR A 48 -18.63 1.84 -3.82
C THR A 48 -19.46 1.04 -2.82
N PRO A 49 -19.72 -0.26 -3.10
CA PRO A 49 -20.59 -1.10 -2.27
C PRO A 49 -19.96 -1.37 -0.90
N ILE A 50 -20.79 -1.59 0.13
CA ILE A 50 -20.39 -1.94 1.50
C ILE A 50 -19.28 -2.98 1.59
N PHE A 51 -19.38 -4.06 0.79
CA PHE A 51 -18.34 -5.09 0.70
C PHE A 51 -16.97 -4.52 0.31
N ILE A 52 -16.95 -3.69 -0.74
CA ILE A 52 -15.75 -2.98 -1.20
C ILE A 52 -15.27 -2.00 -0.12
N ILE A 53 -16.18 -1.28 0.54
CA ILE A 53 -15.79 -0.39 1.63
C ILE A 53 -15.20 -1.14 2.83
N ASN A 54 -15.68 -2.35 3.12
CA ASN A 54 -15.18 -3.15 4.23
C ASN A 54 -13.78 -3.73 3.94
N GLN A 55 -13.61 -4.38 2.79
CA GLN A 55 -12.31 -4.91 2.36
C GLN A 55 -11.25 -3.82 2.25
N VAL A 56 -11.55 -2.66 1.61
CA VAL A 56 -10.59 -1.55 1.52
C VAL A 56 -10.26 -0.99 2.91
N SER A 57 -11.26 -0.75 3.77
CA SER A 57 -11.06 -0.22 5.12
C SER A 57 -10.08 -1.08 5.92
N LEU A 58 -10.41 -2.37 6.10
CA LEU A 58 -9.52 -3.31 6.78
C LEU A 58 -8.13 -3.31 6.16
N PHE A 59 -8.04 -3.46 4.82
CA PHE A 59 -6.76 -3.48 4.12
C PHE A 59 -5.92 -2.22 4.38
N LEU A 60 -6.52 -1.02 4.34
CA LEU A 60 -5.84 0.25 4.62
C LEU A 60 -5.21 0.27 6.02
N ILE A 61 -6.01 -0.01 7.06
CA ILE A 61 -5.50 -0.04 8.43
C ILE A 61 -4.38 -1.09 8.56
N ILE A 62 -4.63 -2.32 8.11
CA ILE A 62 -3.65 -3.41 8.16
C ILE A 62 -2.34 -2.99 7.49
N LEU A 63 -2.41 -2.33 6.32
CA LEU A 63 -1.26 -1.76 5.63
C LEU A 63 -0.50 -0.77 6.50
N HIS A 64 -1.18 0.26 7.03
CA HIS A 64 -0.56 1.28 7.88
C HIS A 64 0.10 0.64 9.13
N SER A 65 -0.61 -0.25 9.81
CA SER A 65 -0.11 -0.95 10.99
C SER A 65 1.14 -1.77 10.65
N ALA A 66 1.05 -2.64 9.65
CA ALA A 66 2.17 -3.49 9.21
C ALA A 66 3.38 -2.65 8.78
N LEU A 67 3.17 -1.56 8.03
CA LEU A 67 4.20 -0.60 7.65
C LEU A 67 4.91 -0.03 8.89
N TYR A 68 4.16 0.61 9.79
CA TYR A 68 4.72 1.24 10.99
C TYR A 68 5.43 0.19 11.87
N PHE A 69 4.80 -0.96 12.12
CA PHE A 69 5.38 -2.06 12.90
C PHE A 69 6.73 -2.50 12.34
N LYS A 70 6.80 -2.75 11.02
CA LYS A 70 8.06 -3.09 10.34
C LYS A 70 9.07 -1.96 10.46
N TYR A 71 8.68 -0.71 10.20
CA TYR A 71 9.55 0.47 10.33
C TYR A 71 10.18 0.59 11.73
N LEU A 72 9.42 0.26 12.80
CA LEU A 72 9.93 0.20 14.16
C LEU A 72 10.91 -0.97 14.36
N LEU A 73 10.52 -2.20 14.00
CA LEU A 73 11.38 -3.38 14.16
C LEU A 73 12.68 -3.27 13.34
N SER A 74 12.63 -2.58 12.17
CA SER A 74 13.76 -2.39 11.27
C SER A 74 14.97 -1.77 11.97
N ASN A 75 14.76 -0.86 12.93
CA ASN A 75 15.85 -0.32 13.74
C ASN A 75 16.31 -1.30 14.83
N TYR A 76 15.37 -1.87 15.58
CA TYR A 76 15.67 -2.80 16.68
C TYR A 76 16.42 -4.05 16.22
N SER A 77 15.82 -4.84 15.32
CA SER A 77 16.43 -6.05 14.78
C SER A 77 17.61 -5.69 13.88
N SER A 78 17.37 -5.02 12.75
CA SER A 78 18.39 -4.67 11.74
C SER A 78 19.15 -5.87 11.12
N VAL A 79 18.63 -7.08 11.33
CA VAL A 79 19.21 -8.37 10.95
C VAL A 79 18.15 -9.27 10.29
N THR A 80 18.23 -9.45 8.96
CA THR A 80 17.40 -10.39 8.20
C THR A 80 17.93 -11.83 8.32
N GLY A 1 11.15 -14.86 -26.42
CA GLY A 1 10.95 -16.32 -26.29
C GLY A 1 12.27 -17.02 -26.01
N ASN A 2 12.86 -16.78 -24.85
CA ASN A 2 14.19 -17.26 -24.44
C ASN A 2 14.41 -16.97 -22.94
N GLY A 3 15.59 -17.34 -22.43
CA GLY A 3 16.06 -16.93 -21.10
C GLY A 3 16.35 -15.43 -20.97
N SER A 4 16.85 -15.04 -19.80
CA SER A 4 17.07 -13.66 -19.36
C SER A 4 18.57 -13.33 -19.39
N THR A 5 19.01 -12.75 -20.52
CA THR A 5 20.40 -12.35 -20.78
C THR A 5 20.53 -10.95 -21.40
N ILE A 6 19.52 -10.11 -21.14
CA ILE A 6 19.48 -8.74 -21.65
C ILE A 6 20.23 -7.81 -20.67
N THR A 7 20.73 -6.68 -21.18
CA THR A 7 21.39 -5.63 -20.40
C THR A 7 20.43 -5.01 -19.39
N PHE A 8 20.94 -4.14 -18.49
CA PHE A 8 20.09 -3.43 -17.52
C PHE A 8 19.03 -2.52 -18.15
N ASP A 9 19.10 -2.24 -19.45
CA ASP A 9 18.17 -1.42 -20.21
C ASP A 9 16.70 -1.88 -20.05
N GLU A 10 16.45 -3.19 -20.21
CA GLU A 10 15.12 -3.78 -19.97
C GLU A 10 14.61 -3.46 -18.56
N LEU A 11 15.49 -3.59 -17.55
CA LEU A 11 15.23 -3.27 -16.17
C LEU A 11 14.90 -1.78 -16.02
N GLN A 12 15.76 -0.88 -16.49
CA GLN A 12 15.51 0.56 -16.44
C GLN A 12 14.13 0.92 -17.01
N GLY A 13 13.74 0.29 -18.12
CA GLY A 13 12.43 0.44 -18.74
C GLY A 13 11.30 -0.12 -17.88
N LEU A 14 11.27 -1.43 -17.59
CA LEU A 14 10.22 -2.03 -16.77
C LEU A 14 10.13 -1.36 -15.37
N VAL A 15 11.26 -0.95 -14.79
CA VAL A 15 11.31 -0.22 -13.51
C VAL A 15 10.71 1.18 -13.63
N ASN A 16 10.98 1.90 -14.73
CA ASN A 16 10.49 3.26 -14.98
C ASN A 16 9.28 3.32 -15.93
N SER A 17 8.56 2.19 -16.08
CA SER A 17 7.36 2.10 -16.95
C SER A 17 6.28 1.16 -16.41
N THR A 18 6.68 -0.05 -15.96
CA THR A 18 5.81 -1.06 -15.36
C THR A 18 5.72 -0.88 -13.83
N VAL A 19 6.87 -0.81 -13.15
CA VAL A 19 6.95 -0.57 -11.71
C VAL A 19 6.57 0.86 -11.34
N THR A 20 7.08 1.89 -12.05
CA THR A 20 6.72 3.29 -11.77
C THR A 20 5.22 3.48 -11.56
N GLN A 21 4.41 2.83 -12.41
CA GLN A 21 2.96 2.89 -12.36
C GLN A 21 2.40 2.28 -11.07
N ALA A 22 3.00 1.19 -10.57
CA ALA A 22 2.62 0.53 -9.32
C ALA A 22 2.72 1.48 -8.12
N ILE A 23 3.84 2.23 -8.01
CA ILE A 23 4.04 3.24 -6.96
C ILE A 23 2.95 4.31 -7.04
N LEU A 24 2.81 4.95 -8.21
CA LEU A 24 1.85 6.03 -8.43
C LEU A 24 0.43 5.56 -8.11
N PHE A 25 0.03 4.40 -8.67
CA PHE A 25 -1.27 3.79 -8.46
C PHE A 25 -1.55 3.55 -6.98
N GLY A 26 -0.63 2.90 -6.25
CA GLY A 26 -0.75 2.69 -4.82
C GLY A 26 -0.93 3.99 -4.03
N VAL A 27 -0.18 5.04 -4.38
CA VAL A 27 -0.26 6.37 -3.73
C VAL A 27 -1.66 6.97 -3.89
N ARG A 28 -2.07 7.25 -5.14
CA ARG A 28 -3.39 7.83 -5.43
C ARG A 28 -4.52 6.97 -4.87
N SER A 29 -4.39 5.64 -4.95
CA SER A 29 -5.36 4.67 -4.45
C SER A 29 -5.53 4.81 -2.93
N GLY A 30 -4.43 4.75 -2.16
CA GLY A 30 -4.45 4.91 -0.71
C GLY A 30 -5.05 6.26 -0.27
N ALA A 31 -4.65 7.36 -0.90
CA ALA A 31 -5.25 8.68 -0.66
C ALA A 31 -6.75 8.70 -0.98
N ALA A 32 -7.15 8.26 -2.18
CA ALA A 32 -8.55 8.16 -2.60
C ALA A 32 -9.38 7.26 -1.65
N ALA A 33 -8.80 6.18 -1.13
CA ALA A 33 -9.42 5.35 -0.11
C ALA A 33 -9.59 6.09 1.22
N LEU A 34 -8.54 6.71 1.75
CA LEU A 34 -8.62 7.48 2.99
C LEU A 34 -9.70 8.55 2.92
N THR A 35 -9.71 9.36 1.84
CA THR A 35 -10.72 10.41 1.66
C THR A 35 -12.14 9.84 1.54
N LEU A 36 -12.34 8.73 0.82
CA LEU A 36 -13.67 8.12 0.71
C LEU A 36 -14.16 7.61 2.07
N ILE A 37 -13.28 7.08 2.91
CA ILE A 37 -13.65 6.51 4.22
C ILE A 37 -14.03 7.63 5.17
N VAL A 38 -13.14 8.62 5.37
CA VAL A 38 -13.41 9.78 6.22
C VAL A 38 -14.68 10.51 5.77
N VAL A 39 -14.80 10.85 4.48
CA VAL A 39 -15.99 11.51 3.95
C VAL A 39 -17.22 10.64 4.18
N TRP A 40 -17.15 9.31 3.97
CA TRP A 40 -18.28 8.41 4.21
C TRP A 40 -18.72 8.37 5.67
N ILE A 41 -17.80 8.50 6.63
CA ILE A 41 -18.13 8.52 8.06
C ILE A 41 -18.84 9.82 8.44
N THR A 42 -18.16 10.97 8.29
CA THR A 42 -18.68 12.29 8.69
C THR A 42 -19.76 12.82 7.73
N SER A 43 -19.48 12.81 6.43
CA SER A 43 -20.31 13.27 5.31
C SER A 43 -20.93 12.06 4.62
N ARG A 44 -21.63 11.21 5.39
CA ARG A 44 -22.40 10.04 4.93
C ARG A 44 -23.20 10.31 3.65
N SER A 45 -22.54 10.10 2.51
CA SER A 45 -23.08 10.35 1.19
C SER A 45 -24.25 9.40 0.94
N ARG A 46 -23.94 8.12 0.68
CA ARG A 46 -24.92 7.07 0.37
C ARG A 46 -24.45 5.70 0.84
N LYS A 47 -23.46 5.14 0.14
CA LYS A 47 -22.86 3.81 0.31
C LYS A 47 -21.84 3.55 -0.81
N THR A 48 -20.85 2.74 -0.48
CA THR A 48 -19.79 2.31 -1.39
C THR A 48 -19.96 0.84 -1.79
N PRO A 49 -19.37 0.43 -2.93
CA PRO A 49 -19.46 -0.94 -3.39
C PRO A 49 -18.65 -1.89 -2.48
N ILE A 50 -19.07 -3.16 -2.43
CA ILE A 50 -18.39 -4.23 -1.69
C ILE A 50 -16.89 -4.33 -2.03
N PHE A 51 -16.55 -4.15 -3.31
CA PHE A 51 -15.17 -4.19 -3.81
C PHE A 51 -14.32 -3.11 -3.16
N ILE A 52 -14.88 -1.90 -3.00
CA ILE A 52 -14.26 -0.76 -2.31
C ILE A 52 -14.06 -1.13 -0.84
N ILE A 53 -15.11 -1.58 -0.14
CA ILE A 53 -14.98 -1.92 1.28
C ILE A 53 -13.98 -3.07 1.50
N ASN A 54 -13.86 -4.00 0.55
CA ASN A 54 -12.87 -5.07 0.59
C ASN A 54 -11.43 -4.55 0.44
N GLN A 55 -11.11 -3.86 -0.66
CA GLN A 55 -9.76 -3.32 -0.91
C GLN A 55 -9.30 -2.40 0.22
N VAL A 56 -10.17 -1.48 0.66
CA VAL A 56 -9.86 -0.56 1.76
C VAL A 56 -9.67 -1.36 3.04
N SER A 57 -10.56 -2.31 3.39
CA SER A 57 -10.46 -3.13 4.61
C SER A 57 -9.09 -3.81 4.71
N LEU A 58 -8.67 -4.56 3.68
CA LEU A 58 -7.35 -5.17 3.66
C LEU A 58 -6.25 -4.14 3.94
N PHE A 59 -6.19 -3.09 3.13
CA PHE A 59 -5.21 -2.01 3.33
C PHE A 59 -5.32 -1.36 4.72
N LEU A 60 -6.52 -1.20 5.29
CA LEU A 60 -6.77 -0.57 6.59
C LEU A 60 -6.05 -1.31 7.72
N ILE A 61 -6.33 -2.60 7.89
CA ILE A 61 -5.69 -3.40 8.92
C ILE A 61 -4.19 -3.49 8.64
N ILE A 62 -3.80 -3.83 7.41
CA ILE A 62 -2.39 -3.94 7.01
C ILE A 62 -1.63 -2.63 7.28
N LEU A 63 -2.27 -1.48 7.05
CA LEU A 63 -1.72 -0.17 7.39
C LEU A 63 -1.51 -0.05 8.89
N HIS A 64 -2.55 -0.23 9.72
CA HIS A 64 -2.41 -0.09 11.17
C HIS A 64 -1.33 -1.04 11.73
N SER A 65 -1.36 -2.33 11.36
CA SER A 65 -0.35 -3.30 11.80
C SER A 65 1.06 -2.95 11.34
N ALA A 66 1.27 -2.68 10.05
CA ALA A 66 2.57 -2.30 9.49
C ALA A 66 3.08 -0.98 10.09
N LEU A 67 2.20 0.02 10.25
CA LEU A 67 2.49 1.28 10.93
C LEU A 67 2.95 1.04 12.37
N TYR A 68 2.23 0.23 13.15
CA TYR A 68 2.61 -0.06 14.52
C TYR A 68 3.98 -0.76 14.58
N PHE A 69 4.19 -1.79 13.75
CA PHE A 69 5.47 -2.51 13.67
C PHE A 69 6.64 -1.56 13.35
N LYS A 70 6.55 -0.81 12.24
CA LYS A 70 7.61 0.12 11.84
C LYS A 70 7.83 1.22 12.89
N TYR A 71 6.76 1.65 13.56
CA TYR A 71 6.81 2.65 14.62
C TYR A 71 7.57 2.13 15.86
N LEU A 72 7.38 0.87 16.24
CA LEU A 72 8.15 0.25 17.31
C LEU A 72 9.63 0.10 16.93
N LEU A 73 9.93 -0.39 15.72
CA LEU A 73 11.32 -0.54 15.27
C LEU A 73 12.03 0.81 15.09
N SER A 74 11.30 1.87 14.70
CA SER A 74 11.83 3.21 14.45
C SER A 74 12.68 3.73 15.62
N ASN A 75 12.25 3.47 16.85
CA ASN A 75 12.99 3.83 18.05
C ASN A 75 14.17 2.88 18.34
N TYR A 76 13.98 1.57 18.10
CA TYR A 76 15.04 0.56 18.26
C TYR A 76 16.26 0.89 17.40
N SER A 77 16.06 1.13 16.10
CA SER A 77 17.13 1.53 15.20
C SER A 77 16.57 2.13 13.91
N SER A 78 17.18 3.22 13.44
CA SER A 78 16.77 3.95 12.23
C SER A 78 17.88 3.96 11.16
N VAL A 79 18.89 3.10 11.30
CA VAL A 79 20.09 2.99 10.46
C VAL A 79 20.87 1.69 10.77
N THR A 80 21.06 0.83 9.74
CA THR A 80 21.85 -0.41 9.82
C THR A 80 23.29 -0.21 9.31
N GLY A 1 5.94 -23.71 -9.24
CA GLY A 1 6.96 -22.78 -8.74
C GLY A 1 7.34 -21.79 -9.82
N ASN A 2 8.30 -20.91 -9.53
CA ASN A 2 8.78 -19.87 -10.44
C ASN A 2 10.29 -20.01 -10.71
N GLY A 3 11.11 -19.85 -9.67
CA GLY A 3 12.57 -19.85 -9.75
C GLY A 3 13.13 -18.47 -10.09
N SER A 4 14.39 -18.23 -9.73
CA SER A 4 15.11 -16.97 -9.96
C SER A 4 16.45 -17.25 -10.64
N THR A 5 16.43 -17.42 -11.97
CA THR A 5 17.58 -17.82 -12.81
C THR A 5 17.70 -16.92 -14.06
N ILE A 6 17.26 -15.66 -13.94
CA ILE A 6 17.24 -14.66 -15.02
C ILE A 6 18.29 -13.58 -14.75
N THR A 7 18.79 -12.93 -15.80
CA THR A 7 19.69 -11.78 -15.77
C THR A 7 19.15 -10.61 -14.94
N PHE A 8 20.06 -9.71 -14.53
CA PHE A 8 19.74 -8.53 -13.73
C PHE A 8 18.81 -7.53 -14.45
N ASP A 9 18.63 -7.66 -15.77
CA ASP A 9 17.66 -6.93 -16.61
C ASP A 9 16.26 -6.84 -15.98
N GLU A 10 15.79 -7.94 -15.36
CA GLU A 10 14.49 -7.98 -14.69
C GLU A 10 14.43 -6.94 -13.57
N LEU A 11 15.37 -7.02 -12.62
CA LEU A 11 15.50 -6.09 -11.49
C LEU A 11 15.70 -4.64 -11.97
N GLN A 12 16.48 -4.44 -13.03
CA GLN A 12 16.60 -3.13 -13.68
C GLN A 12 15.22 -2.57 -14.03
N GLY A 13 14.47 -3.22 -14.94
CA GLY A 13 13.15 -2.77 -15.37
C GLY A 13 12.14 -2.60 -14.22
N LEU A 14 12.21 -3.49 -13.22
CA LEU A 14 11.43 -3.42 -11.99
C LEU A 14 11.64 -2.09 -11.25
N VAL A 15 12.88 -1.75 -10.86
CA VAL A 15 13.14 -0.49 -10.15
C VAL A 15 12.95 0.73 -11.06
N ASN A 16 13.12 0.56 -12.38
CA ASN A 16 12.93 1.61 -13.38
C ASN A 16 11.53 2.24 -13.32
N SER A 17 10.47 1.42 -13.44
CA SER A 17 9.09 1.91 -13.40
C SER A 17 8.08 0.78 -13.10
N THR A 18 8.31 0.03 -12.03
CA THR A 18 7.37 -1.01 -11.55
C THR A 18 7.29 -1.00 -10.02
N VAL A 19 8.41 -1.26 -9.33
CA VAL A 19 8.44 -1.30 -7.85
C VAL A 19 8.12 0.07 -7.27
N THR A 20 8.60 1.15 -7.90
CA THR A 20 8.41 2.53 -7.45
C THR A 20 6.92 2.93 -7.48
N GLN A 21 6.15 2.41 -8.44
CA GLN A 21 4.72 2.68 -8.54
C GLN A 21 3.94 2.06 -7.38
N ALA A 22 4.40 0.93 -6.82
CA ALA A 22 3.74 0.26 -5.72
C ALA A 22 3.61 1.16 -4.48
N ILE A 23 4.72 1.81 -4.09
CA ILE A 23 4.75 2.75 -2.95
C ILE A 23 3.76 3.89 -3.18
N LEU A 24 3.87 4.56 -4.34
CA LEU A 24 3.00 5.67 -4.72
C LEU A 24 1.51 5.25 -4.65
N PHE A 25 1.17 4.14 -5.33
CA PHE A 25 -0.18 3.59 -5.38
C PHE A 25 -0.72 3.28 -3.98
N GLY A 26 0.05 2.61 -3.13
CA GLY A 26 -0.29 2.38 -1.73
C GLY A 26 -0.60 3.67 -0.98
N VAL A 27 0.30 4.67 -1.04
CA VAL A 27 0.14 5.96 -0.36
C VAL A 27 -1.19 6.63 -0.74
N ARG A 28 -1.38 6.92 -2.04
CA ARG A 28 -2.62 7.53 -2.53
C ARG A 28 -3.84 6.67 -2.21
N SER A 29 -3.75 5.35 -2.31
CA SER A 29 -4.83 4.42 -2.00
C SER A 29 -5.30 4.59 -0.56
N GLY A 30 -4.39 4.57 0.42
CA GLY A 30 -4.71 4.79 1.83
C GLY A 30 -5.36 6.15 2.10
N ALA A 31 -4.72 7.23 1.62
CA ALA A 31 -5.23 8.58 1.82
C ALA A 31 -6.60 8.79 1.14
N ALA A 32 -6.73 8.36 -0.12
CA ALA A 32 -7.98 8.40 -0.89
C ALA A 32 -9.09 7.58 -0.23
N ALA A 33 -8.75 6.41 0.32
CA ALA A 33 -9.67 5.59 1.08
C ALA A 33 -10.19 6.34 2.33
N LEU A 34 -9.30 6.89 3.16
CA LEU A 34 -9.70 7.67 4.34
C LEU A 34 -10.65 8.83 3.99
N THR A 35 -10.29 9.68 3.02
CA THR A 35 -11.17 10.79 2.61
C THR A 35 -12.53 10.29 2.12
N LEU A 36 -12.60 9.20 1.33
CA LEU A 36 -13.88 8.64 0.88
C LEU A 36 -14.74 8.15 2.06
N ILE A 37 -14.12 7.53 3.07
CA ILE A 37 -14.81 6.99 4.26
C ILE A 37 -15.54 8.12 4.98
N VAL A 38 -14.81 9.18 5.36
CA VAL A 38 -15.42 10.35 6.00
C VAL A 38 -16.47 11.01 5.12
N VAL A 39 -16.22 11.17 3.82
CA VAL A 39 -17.19 11.73 2.86
C VAL A 39 -18.51 10.95 2.92
N TRP A 40 -18.47 9.61 2.90
CA TRP A 40 -19.66 8.80 3.06
C TRP A 40 -20.25 8.85 4.49
N ILE A 41 -19.45 9.02 5.55
CA ILE A 41 -19.95 9.15 6.93
C ILE A 41 -20.77 10.43 7.15
N THR A 42 -20.42 11.54 6.48
CA THR A 42 -21.12 12.83 6.64
C THR A 42 -21.97 13.18 5.42
N SER A 43 -21.36 13.31 4.24
CA SER A 43 -22.02 13.69 2.99
C SER A 43 -22.92 12.58 2.43
N ARG A 44 -22.69 11.32 2.81
CA ARG A 44 -23.44 10.12 2.41
C ARG A 44 -23.70 10.09 0.90
N SER A 45 -22.63 10.14 0.10
CA SER A 45 -22.69 10.18 -1.37
C SER A 45 -23.59 9.09 -1.94
N ARG A 46 -23.13 7.82 -1.89
CA ARG A 46 -23.90 6.63 -2.26
C ARG A 46 -23.41 5.42 -1.46
N LYS A 47 -24.30 4.43 -1.29
CA LYS A 47 -24.00 3.14 -0.66
C LYS A 47 -23.07 2.34 -1.58
N THR A 48 -21.76 2.51 -1.38
CA THR A 48 -20.69 1.81 -2.08
C THR A 48 -20.84 0.29 -1.93
N PRO A 49 -20.39 -0.49 -2.92
CA PRO A 49 -20.54 -1.95 -2.89
C PRO A 49 -19.72 -2.56 -1.75
N ILE A 50 -20.18 -3.70 -1.22
CA ILE A 50 -19.51 -4.47 -0.17
C ILE A 50 -18.02 -4.67 -0.48
N PHE A 51 -17.69 -5.03 -1.73
CA PHE A 51 -16.31 -5.22 -2.19
C PHE A 51 -15.43 -3.98 -1.98
N ILE A 52 -15.93 -2.79 -2.32
CA ILE A 52 -15.22 -1.52 -2.07
C ILE A 52 -14.97 -1.38 -0.58
N ILE A 53 -16.00 -1.46 0.26
CA ILE A 53 -15.86 -1.24 1.71
C ILE A 53 -14.93 -2.27 2.37
N ASN A 54 -15.07 -3.55 2.02
CA ASN A 54 -14.19 -4.64 2.44
C ASN A 54 -12.73 -4.35 2.08
N GLN A 55 -12.46 -3.99 0.81
CA GLN A 55 -11.13 -3.59 0.36
C GLN A 55 -10.60 -2.42 1.18
N VAL A 56 -11.39 -1.36 1.36
CA VAL A 56 -11.00 -0.18 2.15
C VAL A 56 -10.49 -0.59 3.52
N SER A 57 -11.31 -1.31 4.31
CA SER A 57 -10.93 -1.76 5.65
C SER A 57 -9.62 -2.57 5.63
N LEU A 58 -9.56 -3.63 4.81
CA LEU A 58 -8.35 -4.44 4.64
C LEU A 58 -7.13 -3.59 4.32
N PHE A 59 -7.15 -2.85 3.20
CA PHE A 59 -6.06 -1.99 2.77
C PHE A 59 -5.61 -1.05 3.89
N LEU A 60 -6.53 -0.33 4.54
CA LEU A 60 -6.24 0.57 5.67
C LEU A 60 -5.38 -0.11 6.75
N ILE A 61 -5.86 -1.21 7.33
CA ILE A 61 -5.14 -1.94 8.38
C ILE A 61 -3.79 -2.45 7.85
N ILE A 62 -3.79 -3.08 6.67
CA ILE A 62 -2.58 -3.61 6.02
C ILE A 62 -1.54 -2.50 5.88
N LEU A 63 -1.95 -1.31 5.42
CA LEU A 63 -1.11 -0.11 5.34
C LEU A 63 -0.56 0.28 6.71
N HIS A 64 -1.42 0.51 7.71
CA HIS A 64 -0.98 0.96 9.03
C HIS A 64 0.04 -0.03 9.64
N SER A 65 -0.26 -1.33 9.57
CA SER A 65 0.62 -2.41 10.01
C SER A 65 1.94 -2.40 9.24
N ALA A 66 1.91 -2.39 7.90
CA ALA A 66 3.10 -2.32 7.05
C ALA A 66 3.95 -1.08 7.32
N LEU A 67 3.35 0.10 7.46
CA LEU A 67 4.02 1.35 7.80
C LEU A 67 4.80 1.22 9.11
N TYR A 68 4.11 0.87 10.20
CA TYR A 68 4.73 0.70 11.51
C TYR A 68 5.81 -0.38 11.47
N PHE A 69 5.53 -1.55 10.87
CA PHE A 69 6.49 -2.64 10.70
C PHE A 69 7.78 -2.18 10.01
N LYS A 70 7.67 -1.54 8.83
CA LYS A 70 8.83 -1.01 8.10
C LYS A 70 9.60 0.00 8.94
N TYR A 71 8.89 0.91 9.61
CA TYR A 71 9.50 1.89 10.51
C TYR A 71 10.27 1.23 11.67
N LEU A 72 9.71 0.17 12.26
CA LEU A 72 10.35 -0.63 13.31
C LEU A 72 11.56 -1.42 12.78
N LEU A 73 11.43 -2.09 11.63
CA LEU A 73 12.52 -2.86 11.01
C LEU A 73 13.66 -1.93 10.51
N SER A 74 13.35 -0.68 10.13
CA SER A 74 14.31 0.28 9.59
C SER A 74 15.44 0.60 10.58
N ASN A 75 15.11 1.08 11.79
CA ASN A 75 16.11 1.37 12.84
C ASN A 75 16.67 0.09 13.51
N TYR A 76 16.12 -1.08 13.17
CA TYR A 76 16.64 -2.39 13.54
C TYR A 76 17.95 -2.72 12.80
N SER A 77 18.44 -3.96 12.97
CA SER A 77 19.69 -4.47 12.39
C SER A 77 19.81 -4.22 10.88
N SER A 78 20.47 -3.11 10.51
CA SER A 78 20.65 -2.66 9.12
C SER A 78 22.04 -3.03 8.57
N VAL A 79 22.81 -3.81 9.34
CA VAL A 79 24.18 -4.24 9.06
C VAL A 79 24.53 -5.44 9.96
N THR A 80 24.98 -6.53 9.33
CA THR A 80 25.47 -7.76 9.99
C THR A 80 26.82 -7.57 10.68
N GLY A 1 28.62 -3.57 -18.43
CA GLY A 1 28.30 -5.00 -18.24
C GLY A 1 27.32 -5.26 -17.09
N ASN A 2 26.19 -4.53 -17.03
CA ASN A 2 25.20 -4.66 -15.97
C ASN A 2 24.53 -6.05 -16.01
N GLY A 3 24.89 -6.94 -15.08
CA GLY A 3 24.35 -8.30 -15.04
C GLY A 3 24.53 -9.04 -13.71
N SER A 4 25.74 -9.03 -13.14
CA SER A 4 26.04 -9.56 -11.81
C SER A 4 27.12 -8.73 -11.13
N THR A 5 27.25 -8.83 -9.79
CA THR A 5 28.21 -8.08 -8.94
C THR A 5 28.32 -6.58 -9.31
N ILE A 6 27.22 -5.99 -9.79
CA ILE A 6 27.20 -4.59 -10.24
C ILE A 6 27.35 -3.66 -9.03
N THR A 7 27.79 -2.44 -9.29
CA THR A 7 27.86 -1.34 -8.34
C THR A 7 26.50 -1.05 -7.68
N PHE A 8 26.54 -0.34 -6.55
CA PHE A 8 25.36 0.05 -5.77
C PHE A 8 24.33 0.89 -6.56
N ASP A 9 24.74 1.45 -7.70
CA ASP A 9 23.92 2.26 -8.62
C ASP A 9 22.64 1.53 -9.05
N GLU A 10 22.70 0.20 -9.22
CA GLU A 10 21.53 -0.63 -9.51
C GLU A 10 20.50 -0.59 -8.39
N LEU A 11 20.94 -0.91 -7.16
CA LEU A 11 20.10 -0.85 -5.95
C LEU A 11 19.55 0.57 -5.72
N GLN A 12 20.37 1.59 -5.92
CA GLN A 12 19.94 2.99 -5.89
C GLN A 12 18.75 3.21 -6.81
N GLY A 13 18.91 3.06 -8.13
CA GLY A 13 17.80 3.23 -9.08
C GLY A 13 16.60 2.31 -8.79
N LEU A 14 16.83 1.10 -8.26
CA LEU A 14 15.76 0.24 -7.75
C LEU A 14 14.88 0.95 -6.71
N VAL A 15 15.45 1.39 -5.58
CA VAL A 15 14.68 2.04 -4.50
C VAL A 15 14.37 3.52 -4.81
N ASN A 16 14.92 4.09 -5.88
CA ASN A 16 14.73 5.48 -6.31
C ASN A 16 13.93 5.62 -7.62
N SER A 17 13.48 4.51 -8.23
CA SER A 17 12.69 4.48 -9.48
C SER A 17 11.67 3.34 -9.53
N THR A 18 12.01 2.13 -9.06
CA THR A 18 11.07 0.98 -8.99
C THR A 18 10.34 0.97 -7.65
N VAL A 19 11.00 0.54 -6.57
CA VAL A 19 10.41 0.47 -5.23
C VAL A 19 9.93 1.84 -4.77
N THR A 20 10.60 2.93 -5.19
CA THR A 20 10.20 4.31 -4.84
C THR A 20 8.71 4.54 -5.09
N GLN A 21 8.15 3.97 -6.18
CA GLN A 21 6.74 4.12 -6.52
C GLN A 21 5.83 3.40 -5.53
N ALA A 22 6.26 2.26 -4.97
CA ALA A 22 5.49 1.48 -4.00
C ALA A 22 5.17 2.30 -2.74
N ILE A 23 6.14 3.08 -2.25
CA ILE A 23 5.95 4.01 -1.13
C ILE A 23 4.91 5.07 -1.50
N LEU A 24 5.12 5.79 -2.62
CA LEU A 24 4.25 6.86 -3.09
C LEU A 24 2.81 6.35 -3.25
N PHE A 25 2.65 5.24 -3.98
CA PHE A 25 1.37 4.59 -4.25
C PHE A 25 0.65 4.23 -2.95
N GLY A 26 1.34 3.59 -1.99
CA GLY A 26 0.80 3.27 -0.68
C GLY A 26 0.32 4.50 0.09
N VAL A 27 1.11 5.58 0.09
CA VAL A 27 0.79 6.85 0.77
C VAL A 27 -0.50 7.45 0.21
N ARG A 28 -0.52 7.79 -1.09
CA ARG A 28 -1.70 8.36 -1.75
C ARG A 28 -2.91 7.45 -1.61
N SER A 29 -2.72 6.13 -1.71
CA SER A 29 -3.76 5.11 -1.52
C SER A 29 -4.41 5.23 -0.14
N GLY A 30 -3.62 5.13 0.94
CA GLY A 30 -4.14 5.20 2.31
C GLY A 30 -4.87 6.52 2.60
N ALA A 31 -4.25 7.65 2.25
CA ALA A 31 -4.87 8.97 2.42
C ALA A 31 -6.16 9.12 1.59
N ALA A 32 -6.12 8.74 0.29
CA ALA A 32 -7.29 8.75 -0.58
C ALA A 32 -8.42 7.85 -0.05
N ALA A 33 -8.07 6.72 0.57
CA ALA A 33 -9.04 5.84 1.18
C ALA A 33 -9.75 6.51 2.37
N LEU A 34 -9.00 7.07 3.33
CA LEU A 34 -9.57 7.79 4.48
C LEU A 34 -10.54 8.92 4.05
N THR A 35 -10.10 9.79 3.14
CA THR A 35 -10.96 10.88 2.65
C THR A 35 -12.24 10.33 1.99
N LEU A 36 -12.17 9.24 1.22
CA LEU A 36 -13.36 8.61 0.63
C LEU A 36 -14.33 8.09 1.73
N ILE A 37 -13.79 7.47 2.79
CA ILE A 37 -14.58 6.89 3.88
C ILE A 37 -15.44 7.97 4.51
N VAL A 38 -14.82 9.08 4.97
CA VAL A 38 -15.55 10.21 5.54
C VAL A 38 -16.53 10.82 4.54
N VAL A 39 -16.13 11.01 3.27
CA VAL A 39 -17.03 11.52 2.22
C VAL A 39 -18.30 10.68 2.13
N TRP A 40 -18.20 9.35 2.14
CA TRP A 40 -19.38 8.49 2.15
C TRP A 40 -20.12 8.46 3.50
N ILE A 41 -19.46 8.71 4.64
CA ILE A 41 -20.12 8.79 5.95
C ILE A 41 -21.04 10.03 6.06
N THR A 42 -20.62 11.18 5.49
CA THR A 42 -21.38 12.44 5.51
C THR A 42 -22.10 12.72 4.18
N SER A 43 -21.35 12.92 3.10
CA SER A 43 -21.87 13.27 1.78
C SER A 43 -22.59 12.10 1.10
N ARG A 44 -22.26 10.86 1.48
CA ARG A 44 -22.90 9.60 1.05
C ARG A 44 -23.00 9.47 -0.49
N SER A 45 -21.92 9.83 -1.20
CA SER A 45 -21.83 9.91 -2.67
C SER A 45 -22.47 8.72 -3.38
N ARG A 46 -21.90 7.53 -3.21
CA ARG A 46 -22.42 6.26 -3.72
C ARG A 46 -22.64 5.29 -2.58
N LYS A 47 -23.83 4.68 -2.53
CA LYS A 47 -24.21 3.65 -1.55
C LYS A 47 -23.57 2.30 -1.93
N THR A 48 -22.24 2.25 -1.95
CA THR A 48 -21.43 1.05 -2.21
C THR A 48 -21.86 -0.12 -1.33
N PRO A 49 -21.73 -1.38 -1.83
CA PRO A 49 -22.18 -2.56 -1.09
C PRO A 49 -21.33 -2.76 0.17
N ILE A 50 -21.93 -3.37 1.18
CA ILE A 50 -21.29 -3.71 2.46
C ILE A 50 -19.92 -4.38 2.25
N PHE A 51 -19.86 -5.35 1.33
CA PHE A 51 -18.65 -6.08 0.96
C PHE A 51 -17.51 -5.15 0.53
N ILE A 52 -17.80 -4.17 -0.32
CA ILE A 52 -16.82 -3.17 -0.77
C ILE A 52 -16.32 -2.39 0.45
N ILE A 53 -17.23 -1.81 1.26
CA ILE A 53 -16.85 -0.99 2.41
C ILE A 53 -16.01 -1.78 3.43
N ASN A 54 -16.47 -2.99 3.78
CA ASN A 54 -15.75 -3.89 4.67
C ASN A 54 -14.35 -4.23 4.13
N GLN A 55 -14.22 -4.54 2.83
CA GLN A 55 -12.92 -4.70 2.19
C GLN A 55 -12.05 -3.46 2.37
N VAL A 56 -12.55 -2.26 2.04
CA VAL A 56 -11.78 -1.00 2.18
C VAL A 56 -11.20 -0.90 3.59
N SER A 57 -12.03 -1.01 4.63
CA SER A 57 -11.59 -0.91 6.02
C SER A 57 -10.47 -1.90 6.37
N LEU A 58 -10.73 -3.21 6.25
CA LEU A 58 -9.73 -4.27 6.49
C LEU A 58 -8.44 -4.08 5.67
N PHE A 59 -8.58 -3.88 4.36
CA PHE A 59 -7.45 -3.72 3.43
C PHE A 59 -6.56 -2.53 3.81
N LEU A 60 -7.18 -1.41 4.21
CA LEU A 60 -6.48 -0.22 4.72
C LEU A 60 -5.59 -0.57 5.91
N ILE A 61 -6.07 -1.41 6.85
CA ILE A 61 -5.27 -1.81 8.01
C ILE A 61 -4.06 -2.63 7.60
N ILE A 62 -4.24 -3.61 6.70
CA ILE A 62 -3.16 -4.47 6.19
C ILE A 62 -2.09 -3.60 5.53
N LEU A 63 -2.51 -2.64 4.69
CA LEU A 63 -1.64 -1.62 4.10
C LEU A 63 -0.93 -0.79 5.19
N HIS A 64 -1.65 -0.22 6.16
CA HIS A 64 -1.09 0.63 7.21
C HIS A 64 -0.05 -0.12 8.06
N SER A 65 -0.39 -1.33 8.52
CA SER A 65 0.50 -2.20 9.29
C SER A 65 1.74 -2.59 8.48
N ALA A 66 1.55 -3.05 7.24
CA ALA A 66 2.66 -3.41 6.35
C ALA A 66 3.55 -2.20 6.06
N LEU A 67 2.98 -1.01 5.80
CA LEU A 67 3.73 0.23 5.63
C LEU A 67 4.55 0.57 6.88
N TYR A 68 3.95 0.57 8.07
CA TYR A 68 4.67 0.91 9.29
C TYR A 68 5.79 -0.11 9.56
N PHE A 69 5.50 -1.40 9.51
CA PHE A 69 6.47 -2.47 9.70
C PHE A 69 7.64 -2.38 8.70
N LYS A 70 7.33 -2.34 7.38
CA LYS A 70 8.37 -2.24 6.35
C LYS A 70 9.19 -0.96 6.48
N TYR A 71 8.55 0.16 6.87
CA TYR A 71 9.22 1.44 7.09
C TYR A 71 10.23 1.36 8.23
N LEU A 72 9.86 0.70 9.34
CA LEU A 72 10.78 0.46 10.46
C LEU A 72 11.94 -0.46 10.04
N LEU A 73 11.64 -1.61 9.41
CA LEU A 73 12.67 -2.56 8.99
C LEU A 73 13.61 -1.95 7.94
N SER A 74 13.10 -1.10 7.04
CA SER A 74 13.85 -0.42 5.97
C SER A 74 15.10 0.30 6.49
N ASN A 75 15.03 0.87 7.71
CA ASN A 75 16.17 1.49 8.36
C ASN A 75 17.07 0.47 9.09
N TYR A 76 16.48 -0.51 9.79
CA TYR A 76 17.22 -1.54 10.51
C TYR A 76 18.14 -2.38 9.61
N SER A 77 17.61 -2.93 8.51
CA SER A 77 18.41 -3.66 7.53
C SER A 77 17.60 -3.94 6.26
N SER A 78 18.26 -4.06 5.10
CA SER A 78 17.58 -4.38 3.84
C SER A 78 17.65 -5.87 3.52
N VAL A 79 16.59 -6.39 2.90
CA VAL A 79 16.46 -7.80 2.50
C VAL A 79 15.78 -7.88 1.13
N THR A 80 16.58 -8.18 0.10
CA THR A 80 16.12 -8.51 -1.26
C THR A 80 15.60 -9.96 -1.32
N GLY A 1 6.26 -14.88 -2.69
CA GLY A 1 7.44 -14.28 -2.04
C GLY A 1 8.01 -15.22 -0.98
N ASN A 2 8.78 -16.23 -1.38
CA ASN A 2 9.46 -17.16 -0.48
C ASN A 2 10.72 -17.71 -1.16
N GLY A 3 11.80 -17.83 -0.39
CA GLY A 3 13.11 -18.32 -0.82
C GLY A 3 14.27 -17.50 -0.24
N SER A 4 15.49 -17.98 -0.49
CA SER A 4 16.76 -17.34 -0.12
C SER A 4 17.79 -17.56 -1.22
N THR A 5 18.92 -16.84 -1.19
CA THR A 5 20.01 -16.88 -2.19
C THR A 5 19.54 -16.86 -3.66
N ILE A 6 18.38 -16.22 -3.92
CA ILE A 6 17.77 -16.19 -5.24
C ILE A 6 18.64 -15.34 -6.19
N THR A 7 18.50 -15.57 -7.50
CA THR A 7 19.16 -14.83 -8.56
C THR A 7 18.87 -13.32 -8.48
N PHE A 8 19.65 -12.52 -9.21
CA PHE A 8 19.47 -11.07 -9.27
C PHE A 8 18.41 -10.63 -10.30
N ASP A 9 17.90 -11.55 -11.15
CA ASP A 9 16.88 -11.26 -12.16
C ASP A 9 15.60 -10.69 -11.53
N GLU A 10 14.99 -11.45 -10.63
CA GLU A 10 13.81 -11.03 -9.87
C GLU A 10 14.06 -9.70 -9.14
N LEU A 11 15.23 -9.53 -8.51
CA LEU A 11 15.63 -8.29 -7.83
C LEU A 11 15.69 -7.09 -8.77
N GLN A 12 16.35 -7.23 -9.92
CA GLN A 12 16.43 -6.20 -10.96
C GLN A 12 15.03 -5.79 -11.40
N GLY A 13 14.21 -6.74 -11.87
CA GLY A 13 12.83 -6.47 -12.29
C GLY A 13 11.98 -5.83 -11.17
N LEU A 14 12.18 -6.29 -9.92
CA LEU A 14 11.51 -5.77 -8.71
C LEU A 14 11.74 -4.28 -8.51
N VAL A 15 12.99 -3.87 -8.29
CA VAL A 15 13.32 -2.46 -8.06
C VAL A 15 13.10 -1.61 -9.31
N ASN A 16 13.24 -2.20 -10.52
CA ASN A 16 12.96 -1.54 -11.79
C ASN A 16 11.51 -1.02 -11.88
N SER A 17 10.52 -1.91 -11.75
CA SER A 17 9.11 -1.54 -11.88
C SER A 17 8.19 -2.51 -11.13
N THR A 18 8.36 -2.61 -9.81
CA THR A 18 7.46 -3.39 -8.94
C THR A 18 7.43 -2.79 -7.53
N VAL A 19 8.60 -2.69 -6.87
CA VAL A 19 8.66 -2.09 -5.53
C VAL A 19 8.30 -0.61 -5.56
N THR A 20 8.78 0.13 -6.58
CA THR A 20 8.55 1.57 -6.74
C THR A 20 7.06 1.87 -6.94
N GLN A 21 6.33 1.00 -7.65
CA GLN A 21 4.90 1.13 -7.88
C GLN A 21 4.09 0.98 -6.59
N ALA A 22 4.56 0.19 -5.61
CA ALA A 22 3.89 -0.01 -4.34
C ALA A 22 3.72 1.30 -3.57
N ILE A 23 4.79 2.12 -3.45
CA ILE A 23 4.75 3.42 -2.78
C ILE A 23 3.71 4.33 -3.47
N LEU A 24 3.76 4.43 -4.80
CA LEU A 24 2.85 5.26 -5.59
C LEU A 24 1.40 4.82 -5.39
N PHE A 25 1.12 3.52 -5.61
CA PHE A 25 -0.20 2.94 -5.44
C PHE A 25 -0.71 3.18 -4.01
N GLY A 26 0.08 2.82 -2.99
CA GLY A 26 -0.25 3.03 -1.59
C GLY A 26 -0.54 4.49 -1.22
N VAL A 27 0.28 5.44 -1.72
CA VAL A 27 0.06 6.89 -1.53
C VAL A 27 -1.32 7.29 -2.05
N ARG A 28 -1.58 7.07 -3.35
CA ARG A 28 -2.83 7.50 -3.97
C ARG A 28 -4.02 6.77 -3.34
N SER A 29 -3.90 5.46 -3.10
CA SER A 29 -4.90 4.66 -2.40
C SER A 29 -5.22 5.20 -1.01
N GLY A 30 -4.22 5.50 -0.18
CA GLY A 30 -4.44 6.01 1.18
C GLY A 30 -5.13 7.36 1.19
N ALA A 31 -4.65 8.32 0.39
CA ALA A 31 -5.27 9.63 0.27
C ALA A 31 -6.70 9.53 -0.30
N ALA A 32 -6.87 8.80 -1.42
CA ALA A 32 -8.17 8.56 -2.04
C ALA A 32 -9.15 7.82 -1.09
N ALA A 33 -8.67 6.86 -0.29
CA ALA A 33 -9.46 6.21 0.74
C ALA A 33 -9.91 7.19 1.82
N LEU A 34 -8.98 7.97 2.42
CA LEU A 34 -9.32 8.97 3.42
C LEU A 34 -10.41 9.94 2.92
N THR A 35 -10.25 10.51 1.72
CA THR A 35 -11.26 11.40 1.14
C THR A 35 -12.59 10.68 0.91
N LEU A 36 -12.60 9.43 0.42
CA LEU A 36 -13.84 8.65 0.22
C LEU A 36 -14.54 8.33 1.54
N ILE A 37 -13.79 8.10 2.62
CA ILE A 37 -14.34 7.79 3.94
C ILE A 37 -14.99 9.05 4.53
N VAL A 38 -14.24 10.16 4.62
CA VAL A 38 -14.76 11.40 5.22
C VAL A 38 -16.03 11.87 4.48
N VAL A 39 -16.03 11.84 3.13
CA VAL A 39 -17.20 12.18 2.30
C VAL A 39 -18.35 11.20 2.54
N TRP A 40 -18.11 9.88 2.63
CA TRP A 40 -19.17 8.91 2.92
C TRP A 40 -19.86 9.14 4.26
N ILE A 41 -19.11 9.59 5.28
CA ILE A 41 -19.67 9.93 6.59
C ILE A 41 -20.46 11.24 6.52
N THR A 42 -19.87 12.35 6.05
CA THR A 42 -20.55 13.65 6.04
C THR A 42 -21.70 13.71 5.03
N SER A 43 -21.55 13.10 3.85
CA SER A 43 -22.58 13.03 2.81
C SER A 43 -23.60 11.91 3.06
N ARG A 44 -23.28 10.96 3.97
CA ARG A 44 -24.10 9.80 4.34
C ARG A 44 -24.54 9.01 3.10
N SER A 45 -23.57 8.45 2.38
CA SER A 45 -23.79 7.66 1.17
C SER A 45 -24.87 6.59 1.36
N ARG A 46 -25.96 6.67 0.59
CA ARG A 46 -27.12 5.75 0.60
C ARG A 46 -26.71 4.30 0.33
N LYS A 47 -26.26 4.02 -0.90
CA LYS A 47 -25.85 2.69 -1.37
C LYS A 47 -24.32 2.55 -1.28
N THR A 48 -23.85 1.77 -0.32
CA THR A 48 -22.42 1.50 -0.09
C THR A 48 -21.98 0.21 -0.81
N PRO A 49 -21.17 0.31 -1.89
CA PRO A 49 -20.67 -0.86 -2.60
C PRO A 49 -19.69 -1.68 -1.75
N ILE A 50 -20.10 -2.91 -1.37
CA ILE A 50 -19.29 -3.88 -0.61
C ILE A 50 -17.86 -4.03 -1.11
N PHE A 51 -17.65 -3.97 -2.43
CA PHE A 51 -16.35 -4.06 -3.09
C PHE A 51 -15.38 -2.99 -2.55
N ILE A 52 -15.82 -1.73 -2.55
CA ILE A 52 -15.09 -0.58 -2.00
C ILE A 52 -14.80 -0.84 -0.51
N ILE A 53 -15.83 -1.18 0.28
CA ILE A 53 -15.70 -1.37 1.73
C ILE A 53 -14.64 -2.45 2.05
N ASN A 54 -14.69 -3.58 1.34
CA ASN A 54 -13.73 -4.66 1.47
C ASN A 54 -12.30 -4.20 1.13
N GLN A 55 -12.12 -3.49 0.00
CA GLN A 55 -10.84 -2.87 -0.35
C GLN A 55 -10.31 -1.97 0.76
N VAL A 56 -11.17 -1.10 1.33
CA VAL A 56 -10.78 -0.22 2.44
C VAL A 56 -10.23 -1.05 3.60
N SER A 57 -11.00 -2.04 4.09
CA SER A 57 -10.58 -2.88 5.23
C SER A 57 -9.22 -3.53 4.99
N LEU A 58 -9.05 -4.29 3.89
CA LEU A 58 -7.77 -4.88 3.50
C LEU A 58 -6.64 -3.84 3.49
N PHE A 59 -6.78 -2.79 2.67
CA PHE A 59 -5.78 -1.74 2.52
C PHE A 59 -5.36 -1.11 3.87
N LEU A 60 -6.32 -0.80 4.74
CA LEU A 60 -6.10 -0.27 6.09
C LEU A 60 -5.14 -1.15 6.90
N ILE A 61 -5.37 -2.47 6.91
CA ILE A 61 -4.46 -3.42 7.57
C ILE A 61 -3.08 -3.40 6.92
N ILE A 62 -3.00 -3.46 5.58
CA ILE A 62 -1.73 -3.45 4.84
C ILE A 62 -0.90 -2.21 5.22
N LEU A 63 -1.53 -1.02 5.28
CA LEU A 63 -0.92 0.20 5.79
C LEU A 63 -0.39 -0.01 7.21
N HIS A 64 -1.26 -0.32 8.18
CA HIS A 64 -0.88 -0.41 9.59
C HIS A 64 0.26 -1.42 9.80
N SER A 65 0.16 -2.60 9.17
CA SER A 65 1.17 -3.67 9.20
C SER A 65 2.53 -3.20 8.65
N ALA A 66 2.53 -2.61 7.44
CA ALA A 66 3.75 -2.06 6.82
C ALA A 66 4.37 -0.94 7.67
N LEU A 67 3.56 0.00 8.17
CA LEU A 67 4.00 1.05 9.09
C LEU A 67 4.62 0.43 10.35
N TYR A 68 4.03 -0.64 10.89
CA TYR A 68 4.52 -1.28 12.11
C TYR A 68 5.92 -1.86 11.90
N PHE A 69 6.10 -2.67 10.84
CA PHE A 69 7.41 -3.20 10.48
C PHE A 69 8.44 -2.08 10.26
N LYS A 70 8.09 -1.03 9.50
CA LYS A 70 8.98 0.12 9.31
C LYS A 70 9.34 0.78 10.64
N TYR A 71 8.37 1.00 11.53
CA TYR A 71 8.59 1.69 12.80
C TYR A 71 9.55 0.89 13.70
N LEU A 72 9.35 -0.43 13.77
CA LEU A 72 10.25 -1.33 14.50
C LEU A 72 11.67 -1.35 13.89
N LEU A 73 11.79 -1.53 12.56
CA LEU A 73 13.10 -1.55 11.88
C LEU A 73 13.82 -0.19 11.98
N SER A 74 13.09 0.93 11.91
CA SER A 74 13.64 2.29 11.98
C SER A 74 14.27 2.59 13.33
N ASN A 75 13.59 2.27 14.43
CA ASN A 75 14.15 2.46 15.77
C ASN A 75 15.45 1.68 16.00
N TYR A 76 15.58 0.48 15.42
CA TYR A 76 16.82 -0.30 15.47
C TYR A 76 18.01 0.42 14.83
N SER A 77 17.83 1.15 13.72
CA SER A 77 18.89 1.90 13.06
C SER A 77 18.32 2.91 12.05
N SER A 78 18.59 4.20 12.28
CA SER A 78 18.16 5.31 11.45
C SER A 78 19.34 6.12 10.90
N VAL A 79 19.08 6.86 9.83
CA VAL A 79 20.02 7.74 9.12
C VAL A 79 19.30 9.00 8.64
N THR A 80 19.78 10.16 9.13
CA THR A 80 19.40 11.52 8.69
C THR A 80 20.10 11.94 7.37
N GLY A 1 2.56 -18.60 -14.24
CA GLY A 1 2.69 -19.86 -13.48
C GLY A 1 3.62 -19.64 -12.31
N ASN A 2 4.63 -20.50 -12.14
CA ASN A 2 5.67 -20.35 -11.12
C ASN A 2 6.73 -19.28 -11.51
N GLY A 3 7.72 -19.08 -10.64
CA GLY A 3 8.79 -18.09 -10.82
C GLY A 3 9.82 -18.16 -9.69
N SER A 4 10.95 -18.82 -9.95
CA SER A 4 12.12 -18.88 -9.06
C SER A 4 13.42 -18.87 -9.88
N THR A 5 14.52 -18.39 -9.29
CA THR A 5 15.87 -18.29 -9.89
C THR A 5 15.85 -17.74 -11.34
N ILE A 6 14.91 -16.84 -11.64
CA ILE A 6 14.75 -16.31 -13.00
C ILE A 6 15.91 -15.37 -13.34
N THR A 7 16.17 -15.23 -14.63
CA THR A 7 17.14 -14.28 -15.21
C THR A 7 16.87 -12.85 -14.75
N PHE A 8 17.92 -12.03 -14.80
CA PHE A 8 17.88 -10.62 -14.41
C PHE A 8 16.94 -9.76 -15.28
N ASP A 9 16.47 -10.28 -16.43
CA ASP A 9 15.45 -9.64 -17.28
C ASP A 9 14.23 -9.18 -16.48
N GLU A 10 13.59 -10.10 -15.75
CA GLU A 10 12.40 -9.80 -14.96
C GLU A 10 12.72 -8.74 -13.91
N LEU A 11 13.84 -8.88 -13.18
CA LEU A 11 14.33 -7.94 -12.16
C LEU A 11 14.52 -6.54 -12.75
N GLN A 12 15.25 -6.42 -13.87
CA GLN A 12 15.47 -5.15 -14.58
C GLN A 12 14.14 -4.51 -14.94
N GLY A 13 13.27 -5.20 -15.68
CA GLY A 13 11.94 -4.70 -16.05
C GLY A 13 11.07 -4.32 -14.84
N LEU A 14 11.15 -5.12 -13.76
CA LEU A 14 10.46 -4.90 -12.48
C LEU A 14 10.81 -3.55 -11.86
N VAL A 15 12.09 -3.34 -11.53
CA VAL A 15 12.52 -2.07 -10.92
C VAL A 15 12.43 -0.89 -11.90
N ASN A 16 12.48 -1.14 -13.22
CA ASN A 16 12.32 -0.12 -14.25
C ASN A 16 10.96 0.58 -14.19
N SER A 17 9.85 -0.18 -14.21
CA SER A 17 8.49 0.38 -14.28
C SER A 17 7.44 -0.66 -13.86
N THR A 18 7.61 -1.28 -12.68
CA THR A 18 6.62 -2.17 -12.09
C THR A 18 6.61 -2.02 -10.56
N VAL A 19 7.75 -2.23 -9.89
CA VAL A 19 7.82 -2.07 -8.43
C VAL A 19 7.52 -0.62 -8.02
N THR A 20 8.07 0.37 -8.76
CA THR A 20 7.94 1.79 -8.47
C THR A 20 6.46 2.24 -8.52
N GLN A 21 5.70 1.68 -9.46
CA GLN A 21 4.30 2.00 -9.66
C GLN A 21 3.43 1.59 -8.46
N ALA A 22 3.82 0.52 -7.76
CA ALA A 22 3.13 0.02 -6.57
C ALA A 22 3.08 1.06 -5.44
N ILE A 23 4.23 1.68 -5.12
CA ILE A 23 4.32 2.73 -4.08
C ILE A 23 3.40 3.90 -4.45
N LEU A 24 3.50 4.40 -5.69
CA LEU A 24 2.68 5.50 -6.20
C LEU A 24 1.18 5.17 -6.05
N PHE A 25 0.76 4.02 -6.58
CA PHE A 25 -0.61 3.54 -6.53
C PHE A 25 -1.11 3.46 -5.09
N GLY A 26 -0.32 2.85 -4.20
CA GLY A 26 -0.65 2.76 -2.79
C GLY A 26 -0.85 4.12 -2.12
N VAL A 27 0.02 5.10 -2.41
CA VAL A 27 -0.07 6.46 -1.86
C VAL A 27 -1.38 7.13 -2.27
N ARG A 28 -1.60 7.30 -3.59
CA ARG A 28 -2.81 7.93 -4.12
C ARG A 28 -4.07 7.20 -3.65
N SER A 29 -4.04 5.85 -3.65
CA SER A 29 -5.13 5.00 -3.19
C SER A 29 -5.44 5.24 -1.71
N GLY A 30 -4.44 5.18 -0.83
CA GLY A 30 -4.62 5.41 0.60
C GLY A 30 -5.25 6.77 0.91
N ALA A 31 -4.73 7.84 0.31
CA ALA A 31 -5.29 9.18 0.44
C ALA A 31 -6.73 9.26 -0.10
N ALA A 32 -6.96 8.75 -1.33
CA ALA A 32 -8.28 8.68 -1.96
C ALA A 32 -9.29 7.86 -1.12
N ALA A 33 -8.86 6.76 -0.50
CA ALA A 33 -9.66 5.96 0.40
C ALA A 33 -10.02 6.74 1.67
N LEU A 34 -9.03 7.32 2.37
CA LEU A 34 -9.28 8.15 3.56
C LEU A 34 -10.30 9.25 3.28
N THR A 35 -10.12 10.02 2.20
CA THR A 35 -11.09 11.08 1.84
C THR A 35 -12.47 10.49 1.54
N LEU A 36 -12.57 9.37 0.79
CA LEU A 36 -13.86 8.73 0.51
C LEU A 36 -14.56 8.27 1.79
N ILE A 37 -13.82 7.76 2.77
CA ILE A 37 -14.39 7.27 4.03
C ILE A 37 -14.92 8.45 4.85
N VAL A 38 -14.07 9.44 5.13
CA VAL A 38 -14.48 10.60 5.95
C VAL A 38 -15.66 11.33 5.28
N VAL A 39 -15.62 11.55 3.95
CA VAL A 39 -16.70 12.17 3.21
C VAL A 39 -17.96 11.30 3.22
N TRP A 40 -17.84 9.98 3.05
CA TRP A 40 -18.98 9.06 3.08
C TRP A 40 -19.71 9.11 4.42
N ILE A 41 -18.98 9.17 5.54
CA ILE A 41 -19.58 9.29 6.87
C ILE A 41 -20.29 10.63 7.04
N THR A 42 -19.57 11.76 6.88
CA THR A 42 -20.11 13.11 7.11
C THR A 42 -21.22 13.46 6.11
N SER A 43 -21.01 13.21 4.82
CA SER A 43 -21.98 13.47 3.75
C SER A 43 -23.09 12.41 3.68
N ARG A 44 -22.99 11.33 4.48
CA ARG A 44 -23.87 10.15 4.45
C ARG A 44 -24.18 9.72 3.00
N SER A 45 -23.13 9.65 2.17
CA SER A 45 -23.25 9.19 0.77
C SER A 45 -23.86 7.78 0.73
N ARG A 46 -24.40 7.41 -0.45
CA ARG A 46 -25.05 6.12 -0.68
C ARG A 46 -24.10 4.95 -0.30
N LYS A 47 -24.68 3.80 0.02
CA LYS A 47 -23.90 2.59 0.29
C LYS A 47 -22.98 2.26 -0.88
N THR A 48 -21.89 1.58 -0.54
CA THR A 48 -20.81 1.20 -1.43
C THR A 48 -20.80 -0.32 -1.64
N PRO A 49 -20.25 -0.79 -2.77
CA PRO A 49 -20.19 -2.21 -3.07
C PRO A 49 -19.21 -2.92 -2.12
N ILE A 50 -19.46 -4.22 -1.90
CA ILE A 50 -18.60 -5.11 -1.09
C ILE A 50 -17.12 -5.01 -1.49
N PHE A 51 -16.82 -4.92 -2.79
CA PHE A 51 -15.47 -4.77 -3.33
C PHE A 51 -14.78 -3.50 -2.82
N ILE A 52 -15.47 -2.35 -2.86
CA ILE A 52 -14.98 -1.06 -2.34
C ILE A 52 -14.66 -1.20 -0.85
N ILE A 53 -15.60 -1.73 -0.05
CA ILE A 53 -15.37 -1.86 1.39
C ILE A 53 -14.24 -2.85 1.70
N ASN A 54 -14.14 -3.95 0.94
CA ASN A 54 -13.05 -4.90 1.02
C ASN A 54 -11.71 -4.19 0.84
N GLN A 55 -11.45 -3.59 -0.34
CA GLN A 55 -10.18 -2.89 -0.58
C GLN A 55 -9.91 -1.83 0.49
N VAL A 56 -10.93 -1.03 0.87
CA VAL A 56 -10.84 0.02 1.90
C VAL A 56 -10.35 -0.58 3.22
N SER A 57 -11.16 -1.42 3.87
CA SER A 57 -10.83 -1.97 5.20
C SER A 57 -9.45 -2.61 5.19
N LEU A 58 -9.18 -3.49 4.21
CA LEU A 58 -7.86 -4.11 4.02
C LEU A 58 -6.75 -3.05 4.02
N PHE A 59 -6.89 -1.98 3.22
CA PHE A 59 -5.93 -0.88 3.18
C PHE A 59 -5.62 -0.30 4.56
N LEU A 60 -6.64 -0.01 5.38
CA LEU A 60 -6.47 0.53 6.74
C LEU A 60 -5.63 -0.42 7.63
N ILE A 61 -6.03 -1.71 7.71
CA ILE A 61 -5.29 -2.69 8.51
C ILE A 61 -3.86 -2.86 7.98
N ILE A 62 -3.70 -3.08 6.66
CA ILE A 62 -2.40 -3.26 6.01
C ILE A 62 -1.50 -2.05 6.27
N LEU A 63 -2.04 -0.82 6.18
CA LEU A 63 -1.34 0.41 6.54
C LEU A 63 -0.84 0.34 7.99
N HIS A 64 -1.74 0.14 8.97
CA HIS A 64 -1.35 0.09 10.37
C HIS A 64 -0.28 -0.99 10.64
N SER A 65 -0.50 -2.20 10.12
CA SER A 65 0.40 -3.34 10.28
C SER A 65 1.79 -3.05 9.70
N ALA A 66 1.86 -2.63 8.42
CA ALA A 66 3.11 -2.29 7.74
C ALA A 66 3.83 -1.10 8.41
N LEU A 67 3.10 -0.04 8.76
CA LEU A 67 3.62 1.11 9.50
C LEU A 67 4.25 0.67 10.81
N TYR A 68 3.49 -0.03 11.67
CA TYR A 68 3.97 -0.50 12.97
C TYR A 68 5.21 -1.38 12.83
N PHE A 69 5.22 -2.28 11.83
CA PHE A 69 6.37 -3.11 11.51
C PHE A 69 7.59 -2.23 11.24
N LYS A 70 7.60 -1.43 10.16
CA LYS A 70 8.73 -0.56 9.76
C LYS A 70 9.17 0.40 10.87
N TYR A 71 8.20 0.92 11.64
CA TYR A 71 8.37 1.82 12.78
C TYR A 71 9.33 1.22 13.80
N LEU A 72 9.15 -0.07 14.11
CA LEU A 72 10.04 -0.78 15.03
C LEU A 72 11.25 -1.39 14.32
N LEU A 73 11.16 -1.73 13.02
CA LEU A 73 12.18 -2.40 12.20
C LEU A 73 13.44 -1.54 12.00
N SER A 74 13.26 -0.34 11.46
CA SER A 74 14.35 0.65 11.29
C SER A 74 14.96 1.11 12.62
N ASN A 75 14.20 0.99 13.70
CA ASN A 75 14.63 1.28 15.07
C ASN A 75 15.01 -0.01 15.85
N TYR A 76 15.15 -1.17 15.18
CA TYR A 76 15.41 -2.45 15.83
C TYR A 76 16.91 -2.68 16.08
N SER A 77 17.70 -2.65 15.01
CA SER A 77 19.17 -2.79 15.04
C SER A 77 19.82 -1.48 15.54
N SER A 78 19.61 -1.16 16.81
CA SER A 78 20.22 -0.02 17.48
C SER A 78 20.18 -0.17 19.00
N VAL A 79 21.28 0.15 19.66
CA VAL A 79 21.43 0.13 21.12
C VAL A 79 22.18 1.40 21.56
N THR A 80 21.42 2.45 21.86
CA THR A 80 21.91 3.73 22.40
C THR A 80 22.45 3.57 23.82
N GLY A 1 9.24 -12.58 -6.28
CA GLY A 1 8.97 -13.86 -6.96
C GLY A 1 8.95 -15.01 -5.95
N ASN A 2 9.00 -16.26 -6.42
CA ASN A 2 9.10 -17.45 -5.56
C ASN A 2 10.54 -17.75 -5.11
N GLY A 3 11.54 -17.58 -5.98
CA GLY A 3 12.94 -17.88 -5.72
C GLY A 3 13.88 -16.78 -6.22
N SER A 4 15.17 -16.93 -5.90
CA SER A 4 16.22 -15.94 -6.18
C SER A 4 17.43 -16.64 -6.82
N THR A 5 17.33 -16.88 -8.13
CA THR A 5 18.31 -17.58 -8.98
C THR A 5 18.64 -16.76 -10.24
N ILE A 6 18.68 -15.43 -10.10
CA ILE A 6 18.93 -14.49 -11.18
C ILE A 6 20.01 -13.49 -10.73
N THR A 7 20.69 -12.89 -11.69
CA THR A 7 21.69 -11.84 -11.52
C THR A 7 21.12 -10.62 -10.81
N PHE A 8 22.01 -9.76 -10.30
CA PHE A 8 21.66 -8.51 -9.60
C PHE A 8 20.89 -7.50 -10.47
N ASP A 9 20.81 -7.73 -11.78
CA ASP A 9 20.09 -6.93 -12.78
C ASP A 9 18.60 -6.75 -12.42
N GLU A 10 17.99 -7.80 -11.83
CA GLU A 10 16.62 -7.76 -11.33
C GLU A 10 16.46 -6.65 -10.27
N LEU A 11 17.27 -6.72 -9.21
CA LEU A 11 17.29 -5.74 -8.12
C LEU A 11 17.60 -4.33 -8.63
N GLN A 12 18.54 -4.20 -9.58
CA GLN A 12 18.81 -2.95 -10.29
C GLN A 12 17.52 -2.36 -10.86
N GLY A 13 16.88 -3.03 -11.83
CA GLY A 13 15.65 -2.54 -12.46
C GLY A 13 14.50 -2.29 -11.47
N LEU A 14 14.38 -3.14 -10.44
CA LEU A 14 13.43 -2.99 -9.33
C LEU A 14 13.56 -1.62 -8.63
N VAL A 15 14.75 -1.30 -8.10
CA VAL A 15 14.96 -0.01 -7.42
C VAL A 15 14.96 1.17 -8.41
N ASN A 16 15.30 0.92 -9.68
CA ASN A 16 15.33 1.92 -10.76
C ASN A 16 13.97 2.63 -10.93
N SER A 17 12.89 1.85 -11.15
CA SER A 17 11.53 2.37 -11.34
C SER A 17 10.49 1.25 -11.18
N THR A 18 10.43 0.63 -10.00
CA THR A 18 9.38 -0.34 -9.66
C THR A 18 9.07 -0.32 -8.17
N VAL A 19 10.06 -0.57 -7.30
CA VAL A 19 9.86 -0.54 -5.84
C VAL A 19 9.41 0.85 -5.37
N THR A 20 10.02 1.90 -5.93
CA THR A 20 9.73 3.30 -5.60
C THR A 20 8.28 3.67 -5.91
N GLN A 21 7.75 3.12 -7.00
CA GLN A 21 6.37 3.35 -7.43
C GLN A 21 5.39 2.70 -6.45
N ALA A 22 5.73 1.53 -5.88
CA ALA A 22 4.88 0.81 -4.94
C ALA A 22 4.60 1.59 -3.65
N ILE A 23 5.64 2.26 -3.11
CA ILE A 23 5.52 3.12 -1.92
C ILE A 23 4.57 4.28 -2.21
N LEU A 24 4.97 5.19 -3.13
CA LEU A 24 4.19 6.37 -3.47
C LEU A 24 2.75 6.02 -3.88
N PHE A 25 2.56 4.89 -4.59
CA PHE A 25 1.25 4.37 -4.97
C PHE A 25 0.37 4.17 -3.74
N GLY A 26 0.86 3.45 -2.73
CA GLY A 26 0.14 3.24 -1.49
C GLY A 26 -0.09 4.54 -0.71
N VAL A 27 0.86 5.50 -0.75
CA VAL A 27 0.71 6.80 -0.07
C VAL A 27 -0.51 7.57 -0.58
N ARG A 28 -0.50 7.97 -1.86
CA ARG A 28 -1.62 8.72 -2.46
C ARG A 28 -2.92 7.92 -2.42
N SER A 29 -2.86 6.62 -2.71
CA SER A 29 -4.02 5.73 -2.69
C SER A 29 -4.64 5.68 -1.30
N GLY A 30 -3.82 5.51 -0.26
CA GLY A 30 -4.25 5.49 1.13
C GLY A 30 -4.93 6.80 1.53
N ALA A 31 -4.23 7.93 1.39
CA ALA A 31 -4.79 9.23 1.75
C ALA A 31 -6.11 9.53 1.00
N ALA A 32 -6.11 9.36 -0.33
CA ALA A 32 -7.29 9.55 -1.17
C ALA A 32 -8.43 8.58 -0.81
N ALA A 33 -8.13 7.33 -0.47
CA ALA A 33 -9.12 6.35 -0.02
C ALA A 33 -9.74 6.73 1.33
N LEU A 34 -8.92 7.06 2.34
CA LEU A 34 -9.42 7.49 3.65
C LEU A 34 -10.43 8.64 3.51
N THR A 35 -10.04 9.73 2.85
CA THR A 35 -10.95 10.87 2.65
C THR A 35 -12.23 10.46 1.92
N LEU A 36 -12.15 9.61 0.89
CA LEU A 36 -13.30 9.04 0.18
C LEU A 36 -14.31 8.41 1.15
N ILE A 37 -13.83 7.63 2.12
CA ILE A 37 -14.69 6.96 3.10
C ILE A 37 -15.38 8.01 3.97
N VAL A 38 -14.63 8.99 4.48
CA VAL A 38 -15.19 10.07 5.32
C VAL A 38 -16.30 10.81 4.56
N VAL A 39 -16.04 11.26 3.33
CA VAL A 39 -17.06 11.91 2.49
C VAL A 39 -18.25 10.99 2.20
N TRP A 40 -18.03 9.71 1.86
CA TRP A 40 -19.13 8.77 1.62
C TRP A 40 -20.01 8.54 2.85
N ILE A 41 -19.43 8.52 4.05
CA ILE A 41 -20.16 8.37 5.31
C ILE A 41 -21.00 9.62 5.61
N THR A 42 -20.38 10.82 5.60
CA THR A 42 -21.05 12.08 5.96
C THR A 42 -22.04 12.53 4.88
N SER A 43 -21.66 12.44 3.60
CA SER A 43 -22.52 12.81 2.46
C SER A 43 -23.56 11.73 2.15
N ARG A 44 -23.38 10.51 2.68
CA ARG A 44 -24.22 9.32 2.45
C ARG A 44 -24.49 9.13 0.95
N SER A 45 -23.43 8.80 0.19
CA SER A 45 -23.51 8.61 -1.27
C SER A 45 -24.67 7.69 -1.67
N ARG A 46 -24.52 6.37 -1.44
CA ARG A 46 -25.51 5.33 -1.70
C ARG A 46 -25.22 4.11 -0.81
N LYS A 47 -26.11 3.10 -0.88
CA LYS A 47 -25.96 1.79 -0.24
C LYS A 47 -24.92 0.93 -0.97
N THR A 48 -23.68 1.40 -1.01
CA THR A 48 -22.54 0.66 -1.58
C THR A 48 -22.36 -0.71 -0.91
N PRO A 49 -21.82 -1.70 -1.64
CA PRO A 49 -21.64 -3.05 -1.12
C PRO A 49 -20.63 -3.06 0.04
N ILE A 50 -21.02 -3.67 1.17
CA ILE A 50 -20.21 -3.83 2.38
C ILE A 50 -18.80 -4.35 2.06
N PHE A 51 -18.69 -5.31 1.13
CA PHE A 51 -17.44 -5.92 0.69
C PHE A 51 -16.44 -4.87 0.19
N ILE A 52 -16.90 -3.93 -0.66
CA ILE A 52 -16.10 -2.80 -1.13
C ILE A 52 -15.65 -1.95 0.04
N ILE A 53 -16.59 -1.41 0.84
CA ILE A 53 -16.27 -0.49 1.94
C ILE A 53 -15.29 -1.14 2.94
N ASN A 54 -15.52 -2.42 3.26
CA ASN A 54 -14.63 -3.23 4.08
C ASN A 54 -13.23 -3.29 3.45
N GLN A 55 -13.11 -3.74 2.19
CA GLN A 55 -11.84 -3.77 1.46
C GLN A 55 -11.12 -2.41 1.52
N VAL A 56 -11.83 -1.29 1.33
CA VAL A 56 -11.24 0.05 1.41
C VAL A 56 -10.63 0.30 2.79
N SER A 57 -11.43 0.25 3.87
CA SER A 57 -10.95 0.48 5.23
C SER A 57 -9.82 -0.49 5.60
N LEU A 58 -10.01 -1.79 5.37
CA LEU A 58 -9.01 -2.83 5.62
C LEU A 58 -7.69 -2.51 4.90
N PHE A 59 -7.73 -2.27 3.59
CA PHE A 59 -6.55 -1.92 2.80
C PHE A 59 -5.73 -0.81 3.45
N LEU A 60 -6.38 0.26 3.93
CA LEU A 60 -5.73 1.38 4.63
C LEU A 60 -4.94 0.93 5.86
N ILE A 61 -5.63 0.27 6.79
CA ILE A 61 -5.00 -0.19 8.04
C ILE A 61 -3.92 -1.23 7.74
N ILE A 62 -4.21 -2.21 6.89
CA ILE A 62 -3.27 -3.28 6.50
C ILE A 62 -2.00 -2.66 5.88
N LEU A 63 -2.15 -1.69 4.98
CA LEU A 63 -1.06 -0.87 4.43
C LEU A 63 -0.26 -0.20 5.54
N HIS A 64 -0.92 0.61 6.39
CA HIS A 64 -0.23 1.39 7.43
C HIS A 64 0.53 0.47 8.40
N SER A 65 -0.11 -0.62 8.84
CA SER A 65 0.49 -1.67 9.66
C SER A 65 1.69 -2.30 8.97
N ALA A 66 1.52 -2.83 7.75
CA ALA A 66 2.62 -3.45 7.00
C ALA A 66 3.79 -2.48 6.82
N LEU A 67 3.53 -1.22 6.43
CA LEU A 67 4.54 -0.17 6.32
C LEU A 67 5.29 0.05 7.62
N TYR A 68 4.59 0.48 8.68
CA TYR A 68 5.22 0.80 9.97
C TYR A 68 5.97 -0.43 10.50
N PHE A 69 5.34 -1.61 10.49
CA PHE A 69 5.94 -2.86 10.92
C PHE A 69 7.22 -3.17 10.14
N LYS A 70 7.17 -3.21 8.80
CA LYS A 70 8.37 -3.42 7.97
C LYS A 70 9.45 -2.37 8.24
N TYR A 71 9.08 -1.10 8.47
CA TYR A 71 9.99 -0.02 8.85
C TYR A 71 10.71 -0.27 10.19
N LEU A 72 10.01 -0.80 11.20
CA LEU A 72 10.60 -1.13 12.51
C LEU A 72 11.22 -2.53 12.59
N LEU A 73 10.93 -3.43 11.65
CA LEU A 73 11.46 -4.80 11.62
C LEU A 73 12.69 -4.93 10.70
N SER A 74 12.70 -4.23 9.55
CA SER A 74 13.79 -4.27 8.56
C SER A 74 15.10 -3.73 9.13
N ASN A 75 15.02 -2.74 10.04
CA ASN A 75 16.18 -2.21 10.76
C ASN A 75 16.75 -3.19 11.80
N TYR A 76 15.91 -3.97 12.49
CA TYR A 76 16.35 -4.91 13.51
C TYR A 76 17.25 -6.02 12.94
N SER A 77 16.72 -6.79 11.98
CA SER A 77 17.41 -7.88 11.31
C SER A 77 17.08 -7.86 9.82
N SER A 78 18.13 -7.90 8.99
CA SER A 78 18.02 -7.97 7.54
C SER A 78 18.27 -9.41 7.03
N VAL A 79 17.92 -9.64 5.77
CA VAL A 79 18.04 -10.92 5.07
C VAL A 79 17.83 -10.69 3.57
N THR A 80 18.82 -11.09 2.74
CA THR A 80 18.74 -11.09 1.27
C THR A 80 18.62 -12.52 0.75
N GLY A 1 9.63 -13.85 -9.33
CA GLY A 1 10.52 -14.53 -8.37
C GLY A 1 11.05 -15.80 -8.99
N ASN A 2 11.25 -16.85 -8.17
CA ASN A 2 11.66 -18.20 -8.62
C ASN A 2 13.05 -18.21 -9.28
N GLY A 3 13.94 -17.31 -8.82
CA GLY A 3 15.26 -17.06 -9.39
C GLY A 3 15.25 -15.95 -10.43
N SER A 4 16.33 -15.89 -11.23
CA SER A 4 16.53 -14.95 -12.34
C SER A 4 17.08 -15.73 -13.55
N THR A 5 16.18 -16.28 -14.36
CA THR A 5 16.47 -17.10 -15.54
C THR A 5 15.81 -16.53 -16.81
N ILE A 6 15.57 -15.22 -16.83
CA ILE A 6 14.92 -14.47 -17.90
C ILE A 6 15.89 -13.44 -18.47
N THR A 7 15.73 -13.11 -19.75
CA THR A 7 16.45 -12.07 -20.49
C THR A 7 16.25 -10.68 -19.88
N PHE A 8 17.03 -9.68 -20.31
CA PHE A 8 16.88 -8.31 -19.83
C PHE A 8 15.59 -7.60 -20.29
N ASP A 9 14.89 -8.13 -21.29
CA ASP A 9 13.63 -7.59 -21.84
C ASP A 9 12.56 -7.36 -20.76
N GLU A 10 12.42 -8.33 -19.84
CA GLU A 10 11.54 -8.24 -18.67
C GLU A 10 11.84 -6.99 -17.84
N LEU A 11 13.12 -6.75 -17.51
CA LEU A 11 13.58 -5.60 -16.73
C LEU A 11 13.27 -4.28 -17.44
N GLN A 12 13.50 -4.24 -18.77
CA GLN A 12 13.17 -3.07 -19.59
C GLN A 12 11.68 -2.73 -19.46
N GLY A 13 10.78 -3.66 -19.83
CA GLY A 13 9.33 -3.44 -19.72
C GLY A 13 8.85 -3.16 -18.28
N LEU A 14 9.51 -3.77 -17.28
CA LEU A 14 9.27 -3.56 -15.86
C LEU A 14 9.47 -2.09 -15.45
N VAL A 15 10.71 -1.60 -15.54
CA VAL A 15 11.02 -0.23 -15.14
C VAL A 15 10.42 0.82 -16.07
N ASN A 16 10.16 0.47 -17.34
CA ASN A 16 9.45 1.29 -18.30
C ASN A 16 8.05 1.67 -17.77
N SER A 17 7.15 0.69 -17.59
CA SER A 17 5.74 0.96 -17.26
C SER A 17 5.08 -0.11 -16.38
N THR A 18 5.81 -0.66 -15.39
CA THR A 18 5.27 -1.68 -14.48
C THR A 18 5.57 -1.34 -13.02
N VAL A 19 6.85 -1.26 -12.64
CA VAL A 19 7.24 -0.93 -11.26
C VAL A 19 6.86 0.51 -10.90
N THR A 20 7.08 1.45 -11.84
CA THR A 20 6.79 2.88 -11.66
C THR A 20 5.29 3.13 -11.44
N GLN A 21 4.45 2.37 -12.15
CA GLN A 21 3.00 2.47 -12.06
C GLN A 21 2.49 2.09 -10.66
N ALA A 22 3.17 1.16 -9.98
CA ALA A 22 2.80 0.69 -8.65
C ALA A 22 2.79 1.84 -7.62
N ILE A 23 3.86 2.65 -7.60
CA ILE A 23 3.98 3.81 -6.70
C ILE A 23 2.81 4.78 -6.95
N LEU A 24 2.59 5.16 -8.21
CA LEU A 24 1.52 6.07 -8.63
C LEU A 24 0.15 5.54 -8.17
N PHE A 25 -0.15 4.27 -8.49
CA PHE A 25 -1.41 3.61 -8.12
C PHE A 25 -1.63 3.63 -6.61
N GLY A 26 -0.60 3.26 -5.83
CA GLY A 26 -0.64 3.28 -4.38
C GLY A 26 -0.91 4.67 -3.79
N VAL A 27 -0.26 5.71 -4.32
CA VAL A 27 -0.44 7.11 -3.90
C VAL A 27 -1.88 7.55 -4.12
N ARG A 28 -2.35 7.55 -5.38
CA ARG A 28 -3.72 7.96 -5.70
C ARG A 28 -4.75 7.13 -4.94
N SER A 29 -4.48 5.83 -4.75
CA SER A 29 -5.34 4.92 -3.99
C SER A 29 -5.42 5.33 -2.53
N GLY A 30 -4.29 5.49 -1.83
CA GLY A 30 -4.27 5.90 -0.42
C GLY A 30 -4.99 7.22 -0.19
N ALA A 31 -4.76 8.23 -1.05
CA ALA A 31 -5.43 9.52 -0.97
C ALA A 31 -6.94 9.41 -1.26
N ALA A 32 -7.32 8.84 -2.41
CA ALA A 32 -8.72 8.64 -2.82
C ALA A 32 -9.49 7.78 -1.80
N ALA A 33 -8.85 6.75 -1.23
CA ALA A 33 -9.38 5.95 -0.14
C ALA A 33 -9.70 6.83 1.07
N LEU A 34 -8.72 7.57 1.60
CA LEU A 34 -8.91 8.43 2.78
C LEU A 34 -10.09 9.39 2.61
N THR A 35 -10.14 10.13 1.49
CA THR A 35 -11.25 11.07 1.24
C THR A 35 -12.60 10.35 1.20
N LEU A 36 -12.70 9.18 0.54
CA LEU A 36 -13.95 8.41 0.53
C LEU A 36 -14.36 7.95 1.95
N ILE A 37 -13.38 7.55 2.78
CA ILE A 37 -13.62 7.08 4.15
C ILE A 37 -14.31 8.19 4.95
N VAL A 38 -13.70 9.38 5.00
CA VAL A 38 -14.30 10.54 5.69
C VAL A 38 -15.65 10.92 5.08
N VAL A 39 -15.79 10.92 3.75
CA VAL A 39 -17.07 11.19 3.08
C VAL A 39 -18.16 10.26 3.59
N TRP A 40 -17.91 8.95 3.65
CA TRP A 40 -18.90 8.03 4.22
C TRP A 40 -19.07 8.18 5.76
N ILE A 41 -18.04 8.60 6.51
CA ILE A 41 -18.16 8.85 7.95
C ILE A 41 -19.09 10.03 8.26
N THR A 42 -18.93 11.16 7.55
CA THR A 42 -19.74 12.37 7.77
C THR A 42 -21.00 12.42 6.90
N SER A 43 -20.86 12.29 5.58
CA SER A 43 -21.97 12.40 4.62
C SER A 43 -22.75 11.09 4.50
N ARG A 44 -22.06 9.95 4.58
CA ARG A 44 -22.61 8.58 4.51
C ARG A 44 -23.39 8.35 3.21
N SER A 45 -22.66 8.20 2.10
CA SER A 45 -23.28 7.85 0.82
C SER A 45 -23.87 6.43 0.87
N ARG A 46 -25.10 6.28 0.37
CA ARG A 46 -25.78 5.00 0.18
C ARG A 46 -25.20 4.16 -0.96
N LYS A 47 -24.55 4.81 -1.94
CA LYS A 47 -23.84 4.18 -3.07
C LYS A 47 -22.39 3.85 -2.67
N THR A 48 -22.23 3.04 -1.62
CA THR A 48 -20.93 2.57 -1.12
C THR A 48 -20.63 1.15 -1.61
N PRO A 49 -19.76 0.97 -2.63
CA PRO A 49 -19.37 -0.35 -3.13
C PRO A 49 -18.56 -1.12 -2.07
N ILE A 50 -19.12 -2.23 -1.57
CA ILE A 50 -18.49 -3.16 -0.61
C ILE A 50 -17.06 -3.58 -1.02
N PHE A 51 -16.80 -3.70 -2.33
CA PHE A 51 -15.50 -4.04 -2.88
C PHE A 51 -14.42 -3.04 -2.43
N ILE A 52 -14.72 -1.74 -2.60
CA ILE A 52 -13.90 -0.63 -2.09
C ILE A 52 -13.77 -0.73 -0.56
N ILE A 53 -14.89 -0.84 0.16
CA ILE A 53 -14.88 -0.83 1.64
C ILE A 53 -14.00 -1.97 2.19
N ASN A 54 -14.08 -3.17 1.61
CA ASN A 54 -13.20 -4.28 1.95
C ASN A 54 -11.73 -4.01 1.58
N GLN A 55 -11.46 -3.54 0.35
CA GLN A 55 -10.10 -3.21 -0.09
C GLN A 55 -9.43 -2.19 0.85
N VAL A 56 -10.08 -1.03 1.06
CA VAL A 56 -9.57 0.04 1.92
C VAL A 56 -9.45 -0.43 3.38
N SER A 57 -10.45 -1.16 3.90
CA SER A 57 -10.43 -1.72 5.25
C SER A 57 -9.16 -2.55 5.49
N LEU A 58 -8.95 -3.59 4.67
CA LEU A 58 -7.73 -4.40 4.74
C LEU A 58 -6.49 -3.52 4.66
N PHE A 59 -6.39 -2.66 3.63
CA PHE A 59 -5.24 -1.78 3.44
C PHE A 59 -4.94 -0.91 4.68
N LEU A 60 -5.96 -0.31 5.30
CA LEU A 60 -5.87 0.48 6.53
C LEU A 60 -5.24 -0.33 7.69
N ILE A 61 -5.80 -1.51 8.00
CA ILE A 61 -5.29 -2.35 9.09
C ILE A 61 -3.88 -2.85 8.78
N ILE A 62 -3.65 -3.39 7.58
CA ILE A 62 -2.35 -3.90 7.14
C ILE A 62 -1.29 -2.80 7.26
N LEU A 63 -1.58 -1.59 6.78
CA LEU A 63 -0.76 -0.39 6.96
C LEU A 63 -0.43 -0.17 8.43
N HIS A 64 -1.45 -0.02 9.29
CA HIS A 64 -1.23 0.26 10.72
C HIS A 64 -0.37 -0.83 11.39
N SER A 65 -0.72 -2.10 11.17
CA SER A 65 -0.01 -3.24 11.74
C SER A 65 1.46 -3.29 11.30
N ALA A 66 1.72 -3.13 9.99
CA ALA A 66 3.07 -3.03 9.43
C ALA A 66 3.85 -1.85 10.04
N LEU A 67 3.24 -0.66 10.11
CA LEU A 67 3.85 0.51 10.77
C LEU A 67 4.20 0.19 12.23
N TYR A 68 3.34 -0.54 12.94
CA TYR A 68 3.56 -0.87 14.34
C TYR A 68 4.81 -1.73 14.52
N PHE A 69 4.90 -2.84 13.78
CA PHE A 69 6.09 -3.69 13.78
C PHE A 69 7.35 -2.90 13.39
N LYS A 70 7.30 -2.10 12.31
CA LYS A 70 8.44 -1.25 11.90
C LYS A 70 8.85 -0.28 13.02
N TYR A 71 7.89 0.37 13.69
CA TYR A 71 8.17 1.34 14.75
C TYR A 71 8.84 0.69 15.95
N LEU A 72 8.37 -0.50 16.35
CA LEU A 72 8.99 -1.28 17.41
C LEU A 72 10.39 -1.78 17.00
N LEU A 73 10.55 -2.34 15.79
CA LEU A 73 11.85 -2.85 15.33
C LEU A 73 12.89 -1.72 15.14
N SER A 74 12.45 -0.53 14.69
CA SER A 74 13.28 0.65 14.46
C SER A 74 14.05 1.13 15.70
N ASN A 75 13.62 0.72 16.90
CA ASN A 75 14.36 0.96 18.13
C ASN A 75 15.13 -0.27 18.64
N TYR A 76 14.66 -1.49 18.33
CA TYR A 76 15.33 -2.74 18.69
C TYR A 76 16.66 -2.96 17.95
N SER A 77 16.68 -2.72 16.64
CA SER A 77 17.87 -2.87 15.80
C SER A 77 17.97 -1.71 14.79
N SER A 78 18.98 -1.72 13.92
CA SER A 78 19.26 -0.62 12.96
C SER A 78 19.62 0.72 13.64
N VAL A 79 20.03 0.67 14.91
CA VAL A 79 20.37 1.82 15.76
C VAL A 79 21.63 1.52 16.58
N THR A 80 22.77 2.11 16.19
CA THR A 80 24.02 2.04 16.97
C THR A 80 24.11 3.16 18.00
N GLY A 1 7.47 -19.81 -1.88
CA GLY A 1 8.85 -19.79 -1.38
C GLY A 1 9.82 -19.92 -2.53
N ASN A 2 10.67 -18.92 -2.79
CA ASN A 2 11.70 -18.94 -3.82
C ASN A 2 12.95 -18.25 -3.26
N GLY A 3 14.14 -18.82 -3.56
CA GLY A 3 15.43 -18.24 -3.20
C GLY A 3 15.82 -17.03 -4.07
N SER A 4 17.02 -16.49 -3.83
CA SER A 4 17.51 -15.29 -4.51
C SER A 4 18.74 -15.62 -5.37
N THR A 5 18.47 -16.04 -6.62
CA THR A 5 19.47 -16.49 -7.61
C THR A 5 19.33 -15.77 -8.96
N ILE A 6 18.87 -14.51 -8.93
CA ILE A 6 18.64 -13.68 -10.11
C ILE A 6 19.82 -12.71 -10.30
N THR A 7 20.07 -12.28 -11.54
CA THR A 7 21.06 -11.27 -11.91
C THR A 7 20.74 -9.90 -11.29
N PHE A 8 21.62 -8.91 -11.43
CA PHE A 8 21.36 -7.55 -10.95
C PHE A 8 20.27 -6.79 -11.75
N ASP A 9 19.89 -7.26 -12.94
CA ASP A 9 18.91 -6.60 -13.82
C ASP A 9 17.56 -6.39 -13.12
N GLU A 10 17.11 -7.41 -12.36
CA GLU A 10 15.94 -7.35 -11.49
C GLU A 10 15.98 -6.12 -10.58
N LEU A 11 17.10 -5.92 -9.85
CA LEU A 11 17.30 -4.81 -8.92
C LEU A 11 17.18 -3.47 -9.62
N GLN A 12 17.83 -3.33 -10.79
CA GLN A 12 17.76 -2.13 -11.61
C GLN A 12 16.30 -1.81 -11.97
N GLY A 13 15.64 -2.71 -12.72
CA GLY A 13 14.24 -2.52 -13.13
C GLY A 13 13.27 -2.33 -11.95
N LEU A 14 13.53 -3.01 -10.81
CA LEU A 14 12.79 -2.87 -9.57
C LEU A 14 12.82 -1.44 -9.03
N VAL A 15 13.99 -0.96 -8.59
CA VAL A 15 14.10 0.39 -8.01
C VAL A 15 13.82 1.49 -9.04
N ASN A 16 14.04 1.22 -10.33
CA ASN A 16 13.72 2.11 -11.44
C ASN A 16 12.23 2.50 -11.44
N SER A 17 11.33 1.52 -11.66
CA SER A 17 9.89 1.79 -11.84
C SER A 17 8.99 0.66 -11.30
N THR A 18 9.35 0.06 -10.16
CA THR A 18 8.55 -1.01 -9.51
C THR A 18 8.31 -0.73 -8.02
N VAL A 19 9.38 -0.47 -7.25
CA VAL A 19 9.26 -0.11 -5.83
C VAL A 19 8.71 1.30 -5.66
N THR A 20 9.29 2.31 -6.33
CA THR A 20 8.89 3.72 -6.20
C THR A 20 7.37 3.90 -6.33
N GLN A 21 6.77 3.19 -7.29
CA GLN A 21 5.33 3.20 -7.55
C GLN A 21 4.51 2.70 -6.36
N ALA A 22 4.99 1.67 -5.64
CA ALA A 22 4.32 1.07 -4.49
C ALA A 22 4.09 2.08 -3.36
N ILE A 23 5.11 2.91 -3.03
CA ILE A 23 4.99 4.00 -2.06
C ILE A 23 3.91 4.98 -2.51
N LEU A 24 4.04 5.51 -3.72
CA LEU A 24 3.10 6.48 -4.30
C LEU A 24 1.67 5.97 -4.26
N PHE A 25 1.46 4.72 -4.70
CA PHE A 25 0.17 4.04 -4.70
C PHE A 25 -0.39 3.91 -3.29
N GLY A 26 0.37 3.35 -2.34
CA GLY A 26 -0.05 3.23 -0.93
C GLY A 26 -0.50 4.56 -0.33
N VAL A 27 0.22 5.66 -0.60
CA VAL A 27 -0.09 7.02 -0.13
C VAL A 27 -1.47 7.46 -0.65
N ARG A 28 -1.60 7.60 -1.98
CA ARG A 28 -2.86 8.02 -2.61
C ARG A 28 -4.00 7.05 -2.30
N SER A 29 -3.74 5.76 -2.18
CA SER A 29 -4.71 4.74 -1.75
C SER A 29 -5.28 5.06 -0.36
N GLY A 30 -4.43 5.16 0.66
CA GLY A 30 -4.89 5.43 2.03
C GLY A 30 -5.63 6.77 2.14
N ALA A 31 -5.09 7.82 1.51
CA ALA A 31 -5.73 9.14 1.50
C ALA A 31 -7.08 9.13 0.76
N ALA A 32 -7.12 8.58 -0.47
CA ALA A 32 -8.34 8.44 -1.26
C ALA A 32 -9.40 7.58 -0.54
N ALA A 33 -8.97 6.53 0.16
CA ALA A 33 -9.86 5.74 1.01
C ALA A 33 -10.44 6.56 2.17
N LEU A 34 -9.60 7.23 2.97
CA LEU A 34 -10.06 8.06 4.07
C LEU A 34 -11.10 9.08 3.61
N THR A 35 -10.81 9.83 2.53
CA THR A 35 -11.76 10.80 1.96
C THR A 35 -13.06 10.11 1.50
N LEU A 36 -13.00 8.94 0.83
CA LEU A 36 -14.20 8.22 0.40
C LEU A 36 -15.08 7.80 1.60
N ILE A 37 -14.47 7.37 2.71
CA ILE A 37 -15.20 6.91 3.89
C ILE A 37 -15.91 8.11 4.54
N VAL A 38 -15.16 9.15 4.91
CA VAL A 38 -15.75 10.36 5.50
C VAL A 38 -16.81 10.97 4.59
N VAL A 39 -16.51 11.22 3.31
CA VAL A 39 -17.48 11.79 2.36
C VAL A 39 -18.72 10.90 2.25
N TRP A 40 -18.58 9.56 2.28
CA TRP A 40 -19.72 8.66 2.27
C TRP A 40 -20.61 8.81 3.52
N ILE A 41 -20.02 9.02 4.70
CA ILE A 41 -20.77 9.22 5.95
C ILE A 41 -21.60 10.52 5.94
N THR A 42 -21.07 11.62 5.37
CA THR A 42 -21.71 12.95 5.36
C THR A 42 -22.39 13.28 4.02
N SER A 43 -21.62 13.35 2.93
CA SER A 43 -22.12 13.67 1.58
C SER A 43 -23.10 12.62 1.07
N ARG A 44 -23.08 11.39 1.64
CA ARG A 44 -23.97 10.28 1.32
C ARG A 44 -24.18 10.12 -0.19
N SER A 45 -23.07 9.94 -0.92
CA SER A 45 -23.05 9.76 -2.38
C SER A 45 -24.11 8.76 -2.86
N ARG A 46 -23.89 7.46 -2.67
CA ARG A 46 -24.83 6.36 -2.96
C ARG A 46 -24.41 5.10 -2.21
N LYS A 47 -25.33 4.12 -2.13
CA LYS A 47 -25.15 2.79 -1.55
C LYS A 47 -23.84 2.14 -2.00
N THR A 48 -22.83 2.24 -1.15
CA THR A 48 -21.50 1.68 -1.42
C THR A 48 -21.53 0.16 -1.27
N PRO A 49 -20.83 -0.60 -2.12
CA PRO A 49 -20.69 -2.04 -1.95
C PRO A 49 -19.83 -2.37 -0.72
N ILE A 50 -20.33 -3.28 0.13
CA ILE A 50 -19.61 -3.80 1.30
C ILE A 50 -18.19 -4.28 0.95
N PHE A 51 -18.03 -4.98 -0.18
CA PHE A 51 -16.76 -5.51 -0.66
C PHE A 51 -15.69 -4.42 -0.80
N ILE A 52 -16.06 -3.24 -1.31
CA ILE A 52 -15.19 -2.06 -1.36
C ILE A 52 -14.83 -1.63 0.06
N ILE A 53 -15.82 -1.28 0.90
CA ILE A 53 -15.56 -0.74 2.24
C ILE A 53 -14.71 -1.70 3.09
N ASN A 54 -14.99 -3.00 3.00
CA ASN A 54 -14.20 -4.05 3.64
C ASN A 54 -12.74 -4.02 3.16
N GLN A 55 -12.50 -4.08 1.84
CA GLN A 55 -11.16 -3.96 1.28
C GLN A 55 -10.47 -2.69 1.74
N VAL A 56 -11.20 -1.58 1.81
CA VAL A 56 -10.70 -0.28 2.29
C VAL A 56 -10.19 -0.39 3.73
N SER A 57 -11.07 -0.63 4.72
CA SER A 57 -10.65 -0.66 6.13
C SER A 57 -9.52 -1.67 6.34
N LEU A 58 -9.67 -2.90 5.83
CA LEU A 58 -8.63 -3.93 5.89
C LEU A 58 -7.31 -3.40 5.34
N PHE A 59 -7.30 -2.85 4.12
CA PHE A 59 -6.12 -2.28 3.50
C PHE A 59 -5.49 -1.18 4.38
N LEU A 60 -6.29 -0.26 4.95
CA LEU A 60 -5.78 0.82 5.81
C LEU A 60 -4.92 0.30 6.97
N ILE A 61 -5.48 -0.62 7.78
CA ILE A 61 -4.75 -1.18 8.92
C ILE A 61 -3.55 -1.99 8.42
N ILE A 62 -3.77 -2.90 7.46
CA ILE A 62 -2.70 -3.73 6.89
C ILE A 62 -1.56 -2.87 6.35
N LEU A 63 -1.86 -1.77 5.66
CA LEU A 63 -0.91 -0.75 5.20
C LEU A 63 -0.10 -0.21 6.37
N HIS A 64 -0.74 0.38 7.39
CA HIS A 64 -0.03 1.01 8.50
C HIS A 64 0.85 0.01 9.26
N SER A 65 0.29 -1.16 9.60
CA SER A 65 1.02 -2.25 10.24
C SER A 65 2.19 -2.74 9.39
N ALA A 66 1.94 -3.08 8.11
CA ALA A 66 2.96 -3.55 7.19
C ALA A 66 4.09 -2.53 7.01
N LEU A 67 3.76 -1.24 6.88
CA LEU A 67 4.71 -0.12 6.84
C LEU A 67 5.57 -0.11 8.09
N TYR A 68 4.97 0.07 9.27
CA TYR A 68 5.70 0.18 10.53
C TYR A 68 6.61 -1.04 10.79
N PHE A 69 6.10 -2.24 10.46
CA PHE A 69 6.88 -3.47 10.49
C PHE A 69 8.15 -3.34 9.63
N LYS A 70 8.00 -3.17 8.30
CA LYS A 70 9.17 -3.10 7.41
C LYS A 70 10.07 -1.91 7.76
N TYR A 71 9.50 -0.78 8.20
CA TYR A 71 10.22 0.39 8.70
C TYR A 71 11.16 0.07 9.87
N LEU A 72 10.76 -0.83 10.79
CA LEU A 72 11.62 -1.22 11.92
C LEU A 72 12.51 -2.43 11.58
N LEU A 73 12.00 -3.39 10.80
CA LEU A 73 12.70 -4.60 10.35
C LEU A 73 13.86 -4.27 9.39
N SER A 74 13.63 -3.44 8.36
CA SER A 74 14.63 -3.10 7.33
C SER A 74 15.86 -2.39 7.90
N ASN A 75 15.71 -1.78 9.08
CA ASN A 75 16.79 -1.17 9.84
C ASN A 75 17.46 -2.16 10.81
N TYR A 76 16.71 -3.09 11.40
CA TYR A 76 17.21 -4.13 12.32
C TYR A 76 18.22 -5.07 11.64
N SER A 77 17.78 -5.83 10.63
CA SER A 77 18.65 -6.75 9.89
C SER A 77 19.52 -5.99 8.89
N SER A 78 20.59 -5.35 9.39
CA SER A 78 21.59 -4.64 8.59
C SER A 78 22.50 -5.61 7.83
N VAL A 79 22.46 -5.57 6.49
CA VAL A 79 23.32 -6.37 5.60
C VAL A 79 23.88 -5.47 4.49
N THR A 80 25.09 -4.94 4.72
CA THR A 80 25.92 -4.22 3.73
C THR A 80 26.45 -5.15 2.61
N GLY A 1 3.60 -15.99 -2.05
CA GLY A 1 4.72 -16.13 -1.10
C GLY A 1 5.44 -17.44 -1.32
N ASN A 2 6.75 -17.38 -1.58
CA ASN A 2 7.63 -18.52 -1.84
C ASN A 2 8.98 -18.31 -1.11
N GLY A 3 9.84 -19.34 -1.12
CA GLY A 3 11.18 -19.27 -0.55
C GLY A 3 12.10 -18.26 -1.27
N SER A 4 13.18 -17.85 -0.59
CA SER A 4 14.11 -16.82 -1.07
C SER A 4 15.38 -17.43 -1.67
N THR A 5 15.27 -17.98 -2.88
CA THR A 5 16.37 -18.67 -3.58
C THR A 5 16.41 -18.35 -5.07
N ILE A 6 16.09 -17.11 -5.42
CA ILE A 6 16.08 -16.63 -6.81
C ILE A 6 17.38 -15.84 -7.07
N THR A 7 17.79 -15.78 -8.34
CA THR A 7 18.93 -15.00 -8.84
C THR A 7 18.74 -13.50 -8.63
N PHE A 8 19.75 -12.68 -8.96
CA PHE A 8 19.63 -11.23 -8.87
C PHE A 8 18.65 -10.61 -9.90
N ASP A 9 18.25 -11.34 -10.93
CA ASP A 9 17.37 -10.87 -12.01
C ASP A 9 16.02 -10.37 -11.46
N GLU A 10 15.43 -11.12 -10.52
CA GLU A 10 14.22 -10.69 -9.82
C GLU A 10 14.40 -9.29 -9.20
N LEU A 11 15.55 -9.01 -8.58
CA LEU A 11 15.85 -7.74 -7.89
C LEU A 11 15.83 -6.57 -8.87
N GLN A 12 16.51 -6.75 -10.02
CA GLN A 12 16.53 -5.76 -11.10
C GLN A 12 15.11 -5.47 -11.57
N GLY A 13 14.37 -6.49 -12.04
CA GLY A 13 12.98 -6.32 -12.49
C GLY A 13 12.02 -5.79 -11.40
N LEU A 14 12.27 -6.14 -10.15
CA LEU A 14 11.52 -5.68 -8.97
C LEU A 14 11.62 -4.16 -8.81
N VAL A 15 12.82 -3.66 -8.52
CA VAL A 15 13.03 -2.22 -8.30
C VAL A 15 12.82 -1.41 -9.59
N ASN A 16 12.99 -2.04 -10.77
CA ASN A 16 12.68 -1.46 -12.07
C ASN A 16 11.21 -1.01 -12.17
N SER A 17 10.26 -1.94 -12.07
CA SER A 17 8.84 -1.65 -12.31
C SER A 17 7.87 -2.53 -11.51
N THR A 18 8.20 -2.82 -10.24
CA THR A 18 7.37 -3.66 -9.36
C THR A 18 7.17 -3.00 -7.98
N VAL A 19 8.27 -2.58 -7.33
CA VAL A 19 8.19 -1.86 -6.05
C VAL A 19 7.75 -0.42 -6.25
N THR A 20 8.37 0.34 -7.17
CA THR A 20 8.07 1.76 -7.41
C THR A 20 6.57 2.00 -7.59
N GLN A 21 5.88 1.11 -8.30
CA GLN A 21 4.42 1.14 -8.49
C GLN A 21 3.63 0.97 -7.19
N ALA A 22 4.11 0.15 -6.25
CA ALA A 22 3.46 -0.10 -4.96
C ALA A 22 3.30 1.20 -4.14
N ILE A 23 4.36 2.02 -4.09
CA ILE A 23 4.35 3.32 -3.43
C ILE A 23 3.30 4.24 -4.08
N LEU A 24 3.36 4.40 -5.41
CA LEU A 24 2.46 5.27 -6.16
C LEU A 24 1.00 4.81 -6.00
N PHE A 25 0.72 3.53 -6.25
CA PHE A 25 -0.59 2.93 -6.10
C PHE A 25 -1.12 3.17 -4.68
N GLY A 26 -0.36 2.75 -3.65
CA GLY A 26 -0.73 2.92 -2.25
C GLY A 26 -0.97 4.39 -1.85
N VAL A 27 -0.16 5.33 -2.35
CA VAL A 27 -0.36 6.78 -2.17
C VAL A 27 -1.73 7.20 -2.67
N ARG A 28 -1.99 7.04 -3.98
CA ARG A 28 -3.22 7.54 -4.61
C ARG A 28 -4.45 6.82 -4.06
N SER A 29 -4.43 5.49 -4.07
CA SER A 29 -5.51 4.64 -3.55
C SER A 29 -5.79 4.90 -2.07
N GLY A 30 -4.74 5.15 -1.28
CA GLY A 30 -4.85 5.49 0.14
C GLY A 30 -5.57 6.80 0.39
N ALA A 31 -5.05 7.90 -0.17
CA ALA A 31 -5.73 9.20 -0.10
C ALA A 31 -7.15 9.14 -0.65
N ALA A 32 -7.38 8.41 -1.75
CA ALA A 32 -8.69 8.18 -2.32
C ALA A 32 -9.64 7.47 -1.34
N ALA A 33 -9.18 6.41 -0.64
CA ALA A 33 -9.96 5.75 0.39
C ALA A 33 -10.28 6.69 1.57
N LEU A 34 -9.30 7.44 2.05
CA LEU A 34 -9.51 8.43 3.13
C LEU A 34 -10.63 9.41 2.77
N THR A 35 -10.54 10.08 1.60
CA THR A 35 -11.55 11.05 1.18
C THR A 35 -12.92 10.39 1.01
N LEU A 36 -12.98 9.14 0.50
CA LEU A 36 -14.22 8.39 0.36
C LEU A 36 -14.86 8.10 1.73
N ILE A 37 -14.07 7.76 2.76
CA ILE A 37 -14.59 7.41 4.08
C ILE A 37 -15.21 8.65 4.73
N VAL A 38 -14.41 9.73 4.87
CA VAL A 38 -14.88 11.00 5.43
C VAL A 38 -16.10 11.53 4.67
N VAL A 39 -16.04 11.63 3.33
CA VAL A 39 -17.18 12.10 2.54
C VAL A 39 -18.41 11.20 2.73
N TRP A 40 -18.23 9.87 2.80
CA TRP A 40 -19.33 8.93 3.00
C TRP A 40 -20.02 9.16 4.34
N ILE A 41 -19.27 9.45 5.42
CA ILE A 41 -19.82 9.78 6.74
C ILE A 41 -20.57 11.11 6.70
N THR A 42 -19.89 12.23 6.39
CA THR A 42 -20.46 13.59 6.43
C THR A 42 -21.61 13.75 5.44
N SER A 43 -21.43 13.31 4.18
CA SER A 43 -22.47 13.35 3.15
C SER A 43 -23.53 12.26 3.36
N ARG A 44 -23.26 11.28 4.23
CA ARG A 44 -24.10 10.11 4.51
C ARG A 44 -24.54 9.42 3.21
N SER A 45 -23.55 8.96 2.42
CA SER A 45 -23.82 8.33 1.12
C SER A 45 -24.76 7.13 1.29
N ARG A 46 -25.67 6.94 0.34
CA ARG A 46 -26.73 5.92 0.40
C ARG A 46 -26.17 4.56 0.81
N LYS A 47 -25.40 3.95 -0.10
CA LYS A 47 -24.73 2.67 0.05
C LYS A 47 -23.38 2.73 -0.64
N THR A 48 -22.53 1.76 -0.32
CA THR A 48 -21.17 1.64 -0.84
C THR A 48 -20.96 0.23 -1.40
N PRO A 49 -20.26 0.06 -2.54
CA PRO A 49 -19.98 -1.24 -3.11
C PRO A 49 -19.01 -2.02 -2.23
N ILE A 50 -19.20 -3.35 -2.18
CA ILE A 50 -18.31 -4.28 -1.48
C ILE A 50 -16.84 -4.06 -1.81
N PHE A 51 -16.52 -3.81 -3.09
CA PHE A 51 -15.17 -3.59 -3.59
C PHE A 51 -14.49 -2.39 -2.91
N ILE A 52 -15.24 -1.28 -2.73
CA ILE A 52 -14.80 -0.10 -1.97
C ILE A 52 -14.48 -0.52 -0.53
N ILE A 53 -15.42 -1.15 0.18
CA ILE A 53 -15.21 -1.48 1.59
C ILE A 53 -14.07 -2.48 1.77
N ASN A 54 -13.91 -3.38 0.81
CA ASN A 54 -12.81 -4.34 0.75
C ASN A 54 -11.47 -3.59 0.74
N GLN A 55 -11.21 -2.76 -0.28
CA GLN A 55 -9.97 -1.99 -0.35
C GLN A 55 -9.77 -1.10 0.88
N VAL A 56 -10.84 -0.50 1.44
CA VAL A 56 -10.79 0.35 2.64
C VAL A 56 -10.21 -0.44 3.81
N SER A 57 -10.90 -1.51 4.24
CA SER A 57 -10.48 -2.29 5.40
C SER A 57 -9.08 -2.87 5.18
N LEU A 58 -8.84 -3.50 4.02
CA LEU A 58 -7.53 -4.04 3.66
C LEU A 58 -6.43 -2.99 3.80
N PHE A 59 -6.59 -1.83 3.14
CA PHE A 59 -5.63 -0.72 3.20
C PHE A 59 -5.28 -0.31 4.63
N LEU A 60 -6.29 -0.17 5.50
CA LEU A 60 -6.08 0.15 6.93
C LEU A 60 -5.17 -0.88 7.62
N ILE A 61 -5.49 -2.17 7.52
CA ILE A 61 -4.69 -3.24 8.12
C ILE A 61 -3.28 -3.24 7.54
N ILE A 62 -3.15 -3.25 6.21
CA ILE A 62 -1.86 -3.25 5.51
C ILE A 62 -1.00 -2.07 6.00
N LEU A 63 -1.60 -0.89 6.14
CA LEU A 63 -0.95 0.27 6.75
C LEU A 63 -0.48 -0.05 8.17
N HIS A 64 -1.36 -0.50 9.07
CA HIS A 64 -0.98 -0.80 10.45
C HIS A 64 0.18 -1.79 10.52
N SER A 65 0.08 -2.92 9.82
CA SER A 65 1.12 -3.96 9.79
C SER A 65 2.45 -3.43 9.24
N ALA A 66 2.41 -2.74 8.08
CA ALA A 66 3.60 -2.14 7.47
C ALA A 66 4.22 -1.06 8.36
N LEU A 67 3.39 -0.15 8.90
CA LEU A 67 3.79 0.87 9.87
C LEU A 67 4.44 0.25 11.10
N TYR A 68 3.91 -0.87 11.61
CA TYR A 68 4.52 -1.56 12.75
C TYR A 68 5.90 -2.11 12.40
N PHE A 69 6.01 -2.95 11.35
CA PHE A 69 7.30 -3.53 10.94
C PHE A 69 8.36 -2.46 10.70
N LYS A 70 8.02 -1.41 9.93
CA LYS A 70 8.95 -0.30 9.70
C LYS A 70 9.29 0.44 11.00
N TYR A 71 8.32 0.64 11.91
CA TYR A 71 8.54 1.34 13.18
C TYR A 71 9.55 0.59 14.06
N LEU A 72 9.49 -0.74 14.07
CA LEU A 72 10.46 -1.58 14.78
C LEU A 72 11.85 -1.52 14.13
N LEU A 73 11.94 -1.74 12.80
CA LEU A 73 13.22 -1.71 12.09
C LEU A 73 13.86 -0.31 12.13
N SER A 74 13.04 0.75 12.06
CA SER A 74 13.47 2.16 12.08
C SER A 74 14.23 2.49 13.36
N ASN A 75 13.68 2.14 14.52
CA ASN A 75 14.34 2.39 15.80
C ASN A 75 15.68 1.64 15.91
N TYR A 76 15.74 0.37 15.49
CA TYR A 76 16.99 -0.40 15.47
C TYR A 76 18.09 0.24 14.60
N SER A 77 17.71 0.90 13.51
CA SER A 77 18.61 1.58 12.56
C SER A 77 18.59 3.10 12.73
N SER A 78 19.26 3.61 13.76
CA SER A 78 19.37 5.04 14.08
C SER A 78 20.56 5.75 13.40
N VAL A 79 21.17 5.09 12.40
CA VAL A 79 22.37 5.52 11.67
C VAL A 79 22.54 4.62 10.42
N THR A 80 22.61 5.22 9.23
CA THR A 80 22.93 4.55 7.95
C THR A 80 24.38 4.88 7.54
N GLY A 1 20.86 -20.08 -15.79
CA GLY A 1 21.49 -18.84 -15.30
C GLY A 1 20.49 -17.97 -14.55
N ASN A 2 20.97 -16.88 -13.91
CA ASN A 2 20.13 -15.85 -13.30
C ASN A 2 20.92 -14.54 -13.13
N GLY A 3 20.53 -13.48 -13.87
CA GLY A 3 21.18 -12.17 -13.84
C GLY A 3 20.40 -11.12 -14.66
N SER A 4 20.88 -9.88 -14.60
CA SER A 4 20.26 -8.68 -15.18
C SER A 4 21.07 -8.14 -16.36
N THR A 5 21.04 -8.87 -17.48
CA THR A 5 21.81 -8.56 -18.70
C THR A 5 20.93 -8.55 -19.97
N ILE A 6 19.63 -8.25 -19.81
CA ILE A 6 18.68 -8.22 -20.93
C ILE A 6 18.94 -6.99 -21.81
N THR A 7 18.50 -7.08 -23.07
CA THR A 7 18.53 -6.01 -24.07
C THR A 7 17.78 -4.76 -23.61
N PHE A 8 18.13 -3.61 -24.21
CA PHE A 8 17.50 -2.32 -23.91
C PHE A 8 16.01 -2.27 -24.29
N ASP A 9 15.53 -3.20 -25.12
CA ASP A 9 14.12 -3.33 -25.54
C ASP A 9 13.19 -3.39 -24.32
N GLU A 10 13.42 -4.36 -23.42
CA GLU A 10 12.62 -4.56 -22.21
C GLU A 10 12.74 -3.37 -21.24
N LEU A 11 13.91 -2.72 -21.20
CA LEU A 11 14.17 -1.51 -20.42
C LEU A 11 13.34 -0.32 -20.93
N GLN A 12 13.46 0.01 -22.21
CA GLN A 12 12.68 1.07 -22.84
C GLN A 12 11.18 0.83 -22.61
N GLY A 13 10.70 -0.42 -22.77
CA GLY A 13 9.31 -0.81 -22.51
C GLY A 13 8.88 -0.66 -21.04
N LEU A 14 9.71 -1.09 -20.08
CA LEU A 14 9.40 -0.93 -18.66
C LEU A 14 9.20 0.55 -18.29
N VAL A 15 10.04 1.44 -18.84
CA VAL A 15 9.97 2.88 -18.59
C VAL A 15 8.90 3.57 -19.43
N ASN A 16 8.57 3.05 -20.62
CA ASN A 16 7.52 3.56 -21.51
C ASN A 16 6.18 3.69 -20.78
N SER A 17 5.65 2.58 -20.23
CA SER A 17 4.35 2.53 -19.54
C SER A 17 4.21 1.34 -18.59
N THR A 18 5.24 1.02 -17.79
CA THR A 18 5.18 -0.11 -16.84
C THR A 18 5.51 0.35 -15.42
N VAL A 19 6.75 0.78 -15.17
CA VAL A 19 7.18 1.26 -13.84
C VAL A 19 6.52 2.60 -13.49
N THR A 20 6.46 3.53 -14.46
CA THR A 20 5.92 4.88 -14.27
C THR A 20 4.44 4.84 -13.91
N GLN A 21 3.71 3.89 -14.53
CA GLN A 21 2.29 3.67 -14.29
C GLN A 21 2.04 3.12 -12.88
N ALA A 22 2.93 2.30 -12.33
CA ALA A 22 2.81 1.76 -10.97
C ALA A 22 2.81 2.86 -9.90
N ILE A 23 3.71 3.84 -10.03
CA ILE A 23 3.81 4.98 -9.10
C ILE A 23 2.50 5.77 -9.12
N LEU A 24 2.18 6.40 -10.26
CA LEU A 24 0.97 7.24 -10.41
C LEU A 24 -0.31 6.49 -10.02
N PHE A 25 -0.38 5.18 -10.32
CA PHE A 25 -1.49 4.31 -9.92
C PHE A 25 -1.67 4.32 -8.40
N GLY A 26 -0.62 3.98 -7.64
CA GLY A 26 -0.66 4.02 -6.19
C GLY A 26 -0.96 5.42 -5.63
N VAL A 27 -0.45 6.48 -6.28
CA VAL A 27 -0.73 7.88 -5.89
C VAL A 27 -2.23 8.16 -5.87
N ARG A 28 -2.88 8.12 -7.05
CA ARG A 28 -4.32 8.38 -7.16
C ARG A 28 -5.15 7.39 -6.34
N SER A 29 -4.83 6.10 -6.37
CA SER A 29 -5.55 5.06 -5.62
C SER A 29 -5.50 5.31 -4.11
N GLY A 30 -4.31 5.54 -3.54
CA GLY A 30 -4.14 5.82 -2.12
C GLY A 30 -4.84 7.11 -1.68
N ALA A 31 -4.65 8.21 -2.43
CA ALA A 31 -5.34 9.47 -2.17
C ALA A 31 -6.87 9.33 -2.26
N ALA A 32 -7.38 8.72 -3.33
CA ALA A 32 -8.80 8.45 -3.52
C ALA A 32 -9.37 7.59 -2.38
N ALA A 33 -8.63 6.58 -1.91
CA ALA A 33 -9.01 5.81 -0.73
C ALA A 33 -9.14 6.71 0.50
N LEU A 34 -8.09 7.48 0.84
CA LEU A 34 -8.09 8.40 2.00
C LEU A 34 -9.30 9.34 2.01
N THR A 35 -9.56 10.06 0.91
CA THR A 35 -10.72 10.96 0.85
C THR A 35 -12.04 10.20 1.03
N LEU A 36 -12.20 9.01 0.44
CA LEU A 36 -13.41 8.19 0.64
C LEU A 36 -13.54 7.77 2.11
N ILE A 37 -12.45 7.36 2.76
CA ILE A 37 -12.45 6.89 4.16
C ILE A 37 -13.05 7.98 5.05
N VAL A 38 -12.46 9.19 5.03
CA VAL A 38 -12.97 10.30 5.83
C VAL A 38 -14.42 10.63 5.48
N VAL A 39 -14.80 10.66 4.20
CA VAL A 39 -16.19 10.89 3.76
C VAL A 39 -17.14 9.90 4.43
N TRP A 40 -16.78 8.61 4.50
CA TRP A 40 -17.59 7.60 5.20
C TRP A 40 -17.56 7.73 6.72
N ILE A 41 -16.52 8.31 7.32
CA ILE A 41 -16.43 8.56 8.77
C ILE A 41 -17.37 9.71 9.21
N THR A 42 -17.55 10.74 8.37
CA THR A 42 -18.37 11.92 8.68
C THR A 42 -19.72 11.90 7.94
N SER A 43 -19.68 11.93 6.60
CA SER A 43 -20.87 11.98 5.74
C SER A 43 -21.63 10.65 5.71
N ARG A 44 -20.91 9.53 5.92
CA ARG A 44 -21.47 8.16 5.98
C ARG A 44 -22.29 7.82 4.73
N SER A 45 -21.71 8.09 3.56
CA SER A 45 -22.32 7.76 2.26
C SER A 45 -22.58 6.26 2.09
N ARG A 46 -23.28 5.90 1.01
CA ARG A 46 -23.73 4.53 0.71
C ARG A 46 -24.02 4.38 -0.79
N LYS A 47 -23.07 3.82 -1.55
CA LYS A 47 -23.18 3.64 -3.01
C LYS A 47 -21.99 2.92 -3.65
N THR A 48 -20.78 3.11 -3.12
CA THR A 48 -19.56 2.43 -3.54
C THR A 48 -19.66 0.92 -3.33
N PRO A 49 -18.90 0.13 -4.12
CA PRO A 49 -18.90 -1.32 -4.02
C PRO A 49 -18.32 -1.78 -2.68
N ILE A 50 -19.04 -2.64 -1.97
CA ILE A 50 -18.62 -3.25 -0.70
C ILE A 50 -17.21 -3.84 -0.77
N PHE A 51 -16.85 -4.45 -1.90
CA PHE A 51 -15.53 -5.03 -2.14
C PHE A 51 -14.42 -3.98 -1.99
N ILE A 52 -14.62 -2.75 -2.49
CA ILE A 52 -13.68 -1.64 -2.32
C ILE A 52 -13.59 -1.24 -0.86
N ILE A 53 -14.73 -0.94 -0.21
CA ILE A 53 -14.77 -0.49 1.19
C ILE A 53 -14.12 -1.53 2.12
N ASN A 54 -14.39 -2.81 1.89
CA ASN A 54 -13.78 -3.91 2.64
C ASN A 54 -12.26 -4.02 2.37
N GLN A 55 -11.83 -3.96 1.10
CA GLN A 55 -10.41 -3.97 0.73
C GLN A 55 -9.63 -2.85 1.43
N VAL A 56 -10.06 -1.59 1.27
CA VAL A 56 -9.41 -0.44 1.91
C VAL A 56 -9.44 -0.58 3.44
N SER A 57 -10.57 -0.98 4.02
CA SER A 57 -10.72 -1.19 5.47
C SER A 57 -9.64 -2.13 6.00
N LEU A 58 -9.55 -3.35 5.46
CA LEU A 58 -8.52 -4.30 5.85
C LEU A 58 -7.12 -3.71 5.68
N PHE A 59 -6.80 -3.16 4.51
CA PHE A 59 -5.51 -2.50 4.27
C PHE A 59 -5.17 -1.44 5.31
N LEU A 60 -6.11 -0.56 5.68
CA LEU A 60 -5.92 0.46 6.71
C LEU A 60 -5.51 -0.14 8.06
N ILE A 61 -6.29 -1.11 8.57
CA ILE A 61 -5.98 -1.75 9.85
C ILE A 61 -4.65 -2.50 9.78
N ILE A 62 -4.44 -3.33 8.75
CA ILE A 62 -3.22 -4.11 8.57
C ILE A 62 -1.99 -3.19 8.52
N LEU A 63 -2.08 -2.08 7.78
CA LEU A 63 -1.08 -1.01 7.77
C LEU A 63 -0.84 -0.47 9.18
N HIS A 64 -1.87 0.02 9.86
CA HIS A 64 -1.73 0.62 11.19
C HIS A 64 -1.12 -0.36 12.20
N SER A 65 -1.58 -1.62 12.20
CA SER A 65 -1.03 -2.71 13.02
C SER A 65 0.44 -2.96 12.69
N ALA A 66 0.79 -3.22 11.42
CA ALA A 66 2.18 -3.48 11.02
C ALA A 66 3.11 -2.30 11.35
N LEU A 67 2.65 -1.06 11.13
CA LEU A 67 3.36 0.15 11.54
C LEU A 67 3.58 0.18 13.05
N TYR A 68 2.53 0.03 13.87
CA TYR A 68 2.68 0.06 15.32
C TYR A 68 3.61 -1.06 15.81
N PHE A 69 3.42 -2.30 15.31
CA PHE A 69 4.29 -3.44 15.62
C PHE A 69 5.76 -3.16 15.26
N LYS A 70 6.04 -2.71 14.03
CA LYS A 70 7.42 -2.41 13.65
C LYS A 70 7.99 -1.22 14.42
N TYR A 71 7.17 -0.21 14.77
CA TYR A 71 7.55 0.95 15.59
C TYR A 71 7.99 0.51 16.99
N LEU A 72 7.18 -0.31 17.68
CA LEU A 72 7.50 -0.77 19.03
C LEU A 72 8.67 -1.77 19.05
N LEU A 73 8.81 -2.60 18.01
CA LEU A 73 9.91 -3.56 17.93
C LEU A 73 11.23 -2.86 17.54
N SER A 74 11.17 -1.85 16.67
CA SER A 74 12.35 -1.11 16.18
C SER A 74 13.09 -0.40 17.30
N ASN A 75 12.36 0.21 18.24
CA ASN A 75 12.96 0.80 19.44
C ASN A 75 13.32 -0.24 20.52
N TYR A 76 12.74 -1.44 20.49
CA TYR A 76 13.01 -2.51 21.46
C TYR A 76 14.49 -2.92 21.45
N SER A 77 15.08 -3.08 20.26
CA SER A 77 16.48 -3.45 20.10
C SER A 77 17.10 -2.81 18.86
N SER A 78 18.18 -2.08 19.07
CA SER A 78 18.96 -1.39 18.01
C SER A 78 20.10 -2.26 17.46
N VAL A 79 20.09 -3.56 17.74
CA VAL A 79 21.11 -4.54 17.34
C VAL A 79 20.48 -5.87 16.92
N THR A 80 20.37 -6.12 15.61
CA THR A 80 19.94 -7.41 15.04
C THR A 80 21.12 -8.39 14.99
N GLY A 1 10.67 -18.97 -9.59
CA GLY A 1 11.52 -18.15 -8.71
C GLY A 1 11.84 -18.91 -7.43
N ASN A 2 12.82 -19.83 -7.49
CA ASN A 2 13.25 -20.61 -6.32
C ASN A 2 14.44 -19.92 -5.62
N GLY A 3 15.62 -19.94 -6.26
CA GLY A 3 16.83 -19.29 -5.79
C GLY A 3 17.04 -17.90 -6.39
N SER A 4 18.21 -17.31 -6.12
CA SER A 4 18.64 -15.99 -6.56
C SER A 4 19.86 -16.10 -7.50
N THR A 5 19.58 -16.47 -8.75
CA THR A 5 20.56 -16.65 -9.84
C THR A 5 20.22 -15.86 -11.10
N ILE A 6 19.48 -14.76 -10.94
CA ILE A 6 19.10 -13.91 -12.06
C ILE A 6 20.21 -12.88 -12.32
N THR A 7 20.26 -12.36 -13.55
CA THR A 7 21.16 -11.29 -14.01
C THR A 7 20.88 -9.96 -13.29
N PHE A 8 21.60 -8.89 -13.64
CA PHE A 8 21.39 -7.57 -13.06
C PHE A 8 20.29 -6.76 -13.78
N ASP A 9 19.83 -7.23 -14.95
CA ASP A 9 18.79 -6.60 -15.77
C ASP A 9 17.49 -6.38 -14.99
N GLU A 10 17.12 -7.31 -14.10
CA GLU A 10 16.00 -7.18 -13.18
C GLU A 10 16.09 -5.89 -12.37
N LEU A 11 17.23 -5.63 -11.73
CA LEU A 11 17.49 -4.45 -10.89
C LEU A 11 17.39 -3.16 -11.71
N GLN A 12 17.98 -3.16 -12.91
CA GLN A 12 17.92 -2.04 -13.85
C GLN A 12 16.46 -1.68 -14.15
N GLY A 13 15.69 -2.59 -14.77
CA GLY A 13 14.29 -2.34 -15.09
C GLY A 13 13.44 -2.00 -13.85
N LEU A 14 13.77 -2.58 -12.70
CA LEU A 14 13.12 -2.34 -11.41
C LEU A 14 13.18 -0.87 -10.98
N VAL A 15 14.39 -0.36 -10.72
CA VAL A 15 14.56 1.05 -10.34
C VAL A 15 14.18 2.00 -11.48
N ASN A 16 14.25 1.53 -12.75
CA ASN A 16 13.86 2.30 -13.91
C ASN A 16 12.38 2.71 -13.89
N SER A 17 11.45 1.76 -13.75
CA SER A 17 10.00 2.07 -13.76
C SER A 17 9.15 0.99 -13.08
N THR A 18 9.57 0.55 -11.90
CA THR A 18 8.86 -0.45 -11.08
C THR A 18 8.82 -0.03 -9.61
N VAL A 19 9.99 0.16 -8.99
CA VAL A 19 10.05 0.57 -7.58
C VAL A 19 9.50 1.98 -7.38
N THR A 20 9.81 2.90 -8.30
CA THR A 20 9.40 4.30 -8.24
C THR A 20 7.88 4.44 -8.34
N GLN A 21 7.25 3.59 -9.16
CA GLN A 21 5.81 3.58 -9.38
C GLN A 21 5.05 3.21 -8.10
N ALA A 22 5.65 2.37 -7.24
CA ALA A 22 5.06 1.94 -5.98
C ALA A 22 4.78 3.13 -5.05
N ILE A 23 5.77 3.99 -4.82
CA ILE A 23 5.64 5.20 -3.98
C ILE A 23 4.49 6.07 -4.51
N LEU A 24 4.51 6.38 -5.82
CA LEU A 24 3.50 7.20 -6.48
C LEU A 24 2.11 6.62 -6.27
N PHE A 25 1.93 5.33 -6.59
CA PHE A 25 0.67 4.61 -6.44
C PHE A 25 0.15 4.68 -5.01
N GLY A 26 1.00 4.36 -4.02
CA GLY A 26 0.66 4.46 -2.61
C GLY A 26 0.18 5.85 -2.19
N VAL A 27 0.85 6.91 -2.68
CA VAL A 27 0.50 8.32 -2.38
C VAL A 27 -0.89 8.65 -2.91
N ARG A 28 -1.09 8.57 -4.24
CA ARG A 28 -2.38 8.88 -4.87
C ARG A 28 -3.51 8.03 -4.28
N SER A 29 -3.24 6.74 -4.04
CA SER A 29 -4.17 5.78 -3.44
C SER A 29 -4.57 6.21 -2.03
N GLY A 30 -3.60 6.54 -1.17
CA GLY A 30 -3.82 7.01 0.19
C GLY A 30 -4.72 8.25 0.24
N ALA A 31 -4.40 9.28 -0.55
CA ALA A 31 -5.22 10.49 -0.64
C ALA A 31 -6.63 10.20 -1.17
N ALA A 32 -6.74 9.46 -2.28
CA ALA A 32 -8.03 9.07 -2.87
C ALA A 32 -8.89 8.28 -1.88
N ALA A 33 -8.29 7.38 -1.08
CA ALA A 33 -8.97 6.67 -0.02
C ALA A 33 -9.46 7.61 1.10
N LEU A 34 -8.58 8.50 1.61
CA LEU A 34 -8.93 9.48 2.63
C LEU A 34 -10.19 10.25 2.25
N THR A 35 -10.20 10.94 1.10
CA THR A 35 -11.35 11.72 0.64
C THR A 35 -12.60 10.85 0.53
N LEU A 36 -12.49 9.63 -0.02
CA LEU A 36 -13.59 8.66 -0.13
C LEU A 36 -14.23 8.40 1.24
N ILE A 37 -13.42 8.26 2.29
CA ILE A 37 -13.92 7.98 3.64
C ILE A 37 -14.70 9.19 4.14
N VAL A 38 -14.14 10.41 3.98
CA VAL A 38 -14.78 11.65 4.42
C VAL A 38 -16.14 11.83 3.74
N VAL A 39 -16.19 11.71 2.40
CA VAL A 39 -17.44 11.78 1.62
C VAL A 39 -18.40 10.66 2.00
N TRP A 40 -17.93 9.43 2.18
CA TRP A 40 -18.77 8.31 2.56
C TRP A 40 -19.40 8.52 3.94
N ILE A 41 -18.68 9.09 4.90
CA ILE A 41 -19.21 9.40 6.23
C ILE A 41 -20.28 10.50 6.15
N THR A 42 -19.94 11.66 5.57
CA THR A 42 -20.85 12.82 5.50
C THR A 42 -22.06 12.56 4.61
N SER A 43 -21.85 12.00 3.41
CA SER A 43 -22.89 11.65 2.45
C SER A 43 -23.60 10.34 2.83
N ARG A 44 -23.09 9.60 3.82
CA ARG A 44 -23.58 8.30 4.28
C ARG A 44 -23.75 7.30 3.12
N SER A 45 -22.80 7.28 2.16
CA SER A 45 -22.92 6.50 0.92
C SER A 45 -23.21 5.01 1.21
N ARG A 46 -24.42 4.57 0.89
CA ARG A 46 -24.90 3.19 1.16
C ARG A 46 -25.19 2.39 -0.11
N LYS A 47 -25.28 3.07 -1.25
CA LYS A 47 -25.46 2.44 -2.57
C LYS A 47 -24.27 1.54 -2.93
N THR A 48 -23.09 1.89 -2.41
CA THR A 48 -21.84 1.16 -2.58
C THR A 48 -21.87 -0.19 -1.84
N PRO A 49 -21.27 -1.23 -2.43
CA PRO A 49 -21.22 -2.55 -1.84
C PRO A 49 -20.40 -2.55 -0.55
N ILE A 50 -20.98 -3.06 0.55
CA ILE A 50 -20.30 -3.22 1.84
C ILE A 50 -18.95 -3.91 1.74
N PHE A 51 -18.84 -4.93 0.87
CA PHE A 51 -17.60 -5.67 0.64
C PHE A 51 -16.45 -4.76 0.21
N ILE A 52 -16.72 -3.78 -0.67
CA ILE A 52 -15.76 -2.78 -1.10
C ILE A 52 -15.35 -1.93 0.10
N ILE A 53 -16.32 -1.29 0.77
CA ILE A 53 -16.02 -0.36 1.87
C ILE A 53 -15.25 -1.05 3.01
N ASN A 54 -15.64 -2.28 3.34
CA ASN A 54 -14.97 -3.10 4.32
C ASN A 54 -13.51 -3.37 3.91
N GLN A 55 -13.29 -3.83 2.68
CA GLN A 55 -11.96 -4.03 2.11
C GLN A 55 -11.12 -2.76 2.17
N VAL A 56 -11.71 -1.58 1.87
CA VAL A 56 -11.02 -0.29 1.93
C VAL A 56 -10.47 -0.04 3.34
N SER A 57 -11.36 0.04 4.34
CA SER A 57 -10.95 0.31 5.73
C SER A 57 -9.94 -0.74 6.21
N LEU A 58 -10.30 -2.03 6.10
CA LEU A 58 -9.42 -3.14 6.48
C LEU A 58 -8.03 -2.99 5.86
N PHE A 59 -7.95 -2.82 4.53
CA PHE A 59 -6.70 -2.67 3.80
C PHE A 59 -5.81 -1.57 4.40
N LEU A 60 -6.38 -0.40 4.73
CA LEU A 60 -5.67 0.71 5.36
C LEU A 60 -5.01 0.28 6.68
N ILE A 61 -5.78 -0.34 7.57
CA ILE A 61 -5.27 -0.82 8.87
C ILE A 61 -4.23 -1.91 8.66
N ILE A 62 -4.53 -2.95 7.87
CA ILE A 62 -3.63 -4.08 7.59
C ILE A 62 -2.29 -3.57 7.06
N LEU A 63 -2.32 -2.57 6.16
CA LEU A 63 -1.14 -1.86 5.68
C LEU A 63 -0.37 -1.25 6.84
N HIS A 64 -0.97 -0.32 7.60
CA HIS A 64 -0.31 0.37 8.70
C HIS A 64 0.29 -0.62 9.71
N SER A 65 -0.49 -1.63 10.11
CA SER A 65 -0.07 -2.72 10.99
C SER A 65 1.19 -3.43 10.48
N ALA A 66 1.18 -3.91 9.24
CA ALA A 66 2.32 -4.58 8.64
C ALA A 66 3.52 -3.64 8.55
N LEU A 67 3.36 -2.43 7.96
CA LEU A 67 4.41 -1.40 7.84
C LEU A 67 5.08 -1.15 9.21
N TYR A 68 4.27 -1.05 10.27
CA TYR A 68 4.74 -0.76 11.60
C TYR A 68 5.66 -1.87 12.11
N PHE A 69 5.24 -3.13 11.94
CA PHE A 69 6.08 -4.29 12.29
C PHE A 69 7.46 -4.22 11.63
N LYS A 70 7.55 -3.75 10.37
CA LYS A 70 8.82 -3.59 9.65
C LYS A 70 9.70 -2.50 10.28
N TYR A 71 9.14 -1.30 10.46
CA TYR A 71 9.90 -0.19 11.04
C TYR A 71 10.44 -0.53 12.43
N LEU A 72 9.67 -1.28 13.22
CA LEU A 72 10.08 -1.82 14.52
C LEU A 72 11.17 -2.89 14.39
N LEU A 73 10.95 -3.94 13.57
CA LEU A 73 11.94 -5.00 13.37
C LEU A 73 13.27 -4.45 12.81
N SER A 74 13.23 -3.33 12.08
CA SER A 74 14.38 -2.69 11.44
C SER A 74 15.53 -2.45 12.42
N ASN A 75 15.21 -2.02 13.65
CA ASN A 75 16.16 -1.81 14.73
C ASN A 75 16.55 -3.12 15.42
N TYR A 76 15.58 -4.02 15.65
CA TYR A 76 15.79 -5.33 16.28
C TYR A 76 16.88 -6.16 15.58
N SER A 77 16.63 -6.57 14.33
CA SER A 77 17.54 -7.38 13.51
C SER A 77 16.87 -7.76 12.19
N SER A 78 17.60 -7.59 11.07
CA SER A 78 17.17 -8.00 9.73
C SER A 78 17.36 -9.50 9.53
N VAL A 79 16.28 -10.19 9.10
CA VAL A 79 16.27 -11.63 8.82
C VAL A 79 15.59 -11.88 7.47
N THR A 80 16.38 -11.82 6.39
CA THR A 80 15.96 -12.17 5.02
C THR A 80 15.53 -13.65 4.87
#